data_2NQC
# 
_entry.id   2NQC 
# 
_audit_conform.dict_name       mmcif_pdbx.dic 
_audit_conform.dict_version    5.383 
_audit_conform.dict_location   http://mmcif.pdb.org/dictionaries/ascii/mmcif_pdbx.dic 
# 
loop_
_database_2.database_id 
_database_2.database_code 
_database_2.pdbx_database_accession 
_database_2.pdbx_DOI 
PDB   2NQC         pdb_00002nqc 10.2210/pdb2nqc/pdb 
RCSB  RCSB040173   ?            ?                   
WWPDB D_1000040173 ?            ?                   
# 
loop_
_pdbx_audit_revision_history.ordinal 
_pdbx_audit_revision_history.data_content_type 
_pdbx_audit_revision_history.major_revision 
_pdbx_audit_revision_history.minor_revision 
_pdbx_audit_revision_history.revision_date 
1 'Structure model' 1 0 2007-09-11 
2 'Structure model' 1 1 2011-07-13 
3 'Structure model' 1 2 2017-10-18 
4 'Structure model' 1 3 2023-12-27 
# 
_pdbx_audit_revision_details.ordinal             1 
_pdbx_audit_revision_details.revision_ordinal    1 
_pdbx_audit_revision_details.data_content_type   'Structure model' 
_pdbx_audit_revision_details.provider            repository 
_pdbx_audit_revision_details.type                'Initial release' 
_pdbx_audit_revision_details.description         ? 
_pdbx_audit_revision_details.details             ? 
# 
loop_
_pdbx_audit_revision_group.ordinal 
_pdbx_audit_revision_group.revision_ordinal 
_pdbx_audit_revision_group.data_content_type 
_pdbx_audit_revision_group.group 
1 2 'Structure model' 'Non-polymer description'   
2 2 'Structure model' 'Version format compliance' 
3 3 'Structure model' Advisory                    
4 3 'Structure model' 'Refinement description'    
5 4 'Structure model' Advisory                    
6 4 'Structure model' 'Data collection'           
7 4 'Structure model' 'Database references'       
8 4 'Structure model' 'Derived calculations'      
# 
loop_
_pdbx_audit_revision_category.ordinal 
_pdbx_audit_revision_category.revision_ordinal 
_pdbx_audit_revision_category.data_content_type 
_pdbx_audit_revision_category.category 
1  3 'Structure model' pdbx_unobs_or_zero_occ_atoms 
2  3 'Structure model' software                     
3  4 'Structure model' chem_comp_atom               
4  4 'Structure model' chem_comp_bond               
5  4 'Structure model' database_2                   
6  4 'Structure model' pdbx_struct_conn_angle       
7  4 'Structure model' pdbx_unobs_or_zero_occ_atoms 
8  4 'Structure model' struct_conn                  
9  4 'Structure model' struct_ref_seq_dif           
10 4 'Structure model' struct_site                  
# 
loop_
_pdbx_audit_revision_item.ordinal 
_pdbx_audit_revision_item.revision_ordinal 
_pdbx_audit_revision_item.data_content_type 
_pdbx_audit_revision_item.item 
1  3 'Structure model' '_software.name'                              
2  4 'Structure model' '_database_2.pdbx_DOI'                        
3  4 'Structure model' '_database_2.pdbx_database_accession'         
4  4 'Structure model' '_pdbx_struct_conn_angle.ptnr1_auth_comp_id'  
5  4 'Structure model' '_pdbx_struct_conn_angle.ptnr1_auth_seq_id'   
6  4 'Structure model' '_pdbx_struct_conn_angle.ptnr1_label_asym_id' 
7  4 'Structure model' '_pdbx_struct_conn_angle.ptnr1_label_atom_id' 
8  4 'Structure model' '_pdbx_struct_conn_angle.ptnr1_label_comp_id' 
9  4 'Structure model' '_pdbx_struct_conn_angle.ptnr1_label_seq_id'  
10 4 'Structure model' '_pdbx_struct_conn_angle.ptnr3_auth_comp_id'  
11 4 'Structure model' '_pdbx_struct_conn_angle.ptnr3_auth_seq_id'   
12 4 'Structure model' '_pdbx_struct_conn_angle.ptnr3_label_asym_id' 
13 4 'Structure model' '_pdbx_struct_conn_angle.ptnr3_label_atom_id' 
14 4 'Structure model' '_pdbx_struct_conn_angle.ptnr3_label_comp_id' 
15 4 'Structure model' '_pdbx_struct_conn_angle.ptnr3_label_seq_id'  
16 4 'Structure model' '_pdbx_struct_conn_angle.value'               
17 4 'Structure model' '_struct_conn.pdbx_dist_value'                
18 4 'Structure model' '_struct_conn.ptnr2_auth_comp_id'             
19 4 'Structure model' '_struct_conn.ptnr2_auth_seq_id'              
20 4 'Structure model' '_struct_conn.ptnr2_label_asym_id'            
21 4 'Structure model' '_struct_conn.ptnr2_label_atom_id'            
22 4 'Structure model' '_struct_conn.ptnr2_label_comp_id'            
23 4 'Structure model' '_struct_conn.ptnr2_label_seq_id'             
24 4 'Structure model' '_struct_ref_seq_dif.details'                 
25 4 'Structure model' '_struct_site.pdbx_auth_asym_id'              
26 4 'Structure model' '_struct_site.pdbx_auth_comp_id'              
27 4 'Structure model' '_struct_site.pdbx_auth_seq_id'               
# 
_pdbx_database_status.entry_id                        2NQC 
_pdbx_database_status.deposit_site                    RCSB 
_pdbx_database_status.process_site                    PDBJ 
_pdbx_database_status.recvd_initial_deposition_date   2006-10-31 
_pdbx_database_status.status_code                     REL 
_pdbx_database_status.status_code_sf                  REL 
_pdbx_database_status.status_code_mr                  ? 
_pdbx_database_status.SG_entry                        ? 
_pdbx_database_status.pdb_format_compatible           Y 
_pdbx_database_status.status_code_cs                  ? 
_pdbx_database_status.methods_development_category    ? 
_pdbx_database_status.status_code_nmr_data            ? 
# 
loop_
_audit_author.name 
_audit_author.pdbx_ordinal 
'Sjekloca, L.'        1  
'Pudas, R.'           2  
'Sjoeblom, B.'        3  
'Konarev, P.'         4  
'Carugo, O.'          5  
'Rybin, V.'           6  
'Kiema, T.R.'         7  
'Svergun, D.'         8  
'Ylanne, J.'          9  
'Djinovic-Carugo, K.' 10 
# 
_citation.id                        primary 
_citation.title                     
'Crystal structure of human filamin C domain 23 and small angle scattering model for filamin C 23-24 dimer' 
_citation.journal_abbrev            J.Mol.Biol. 
_citation.journal_volume            368 
_citation.page_first                1011 
_citation.page_last                 1023 
_citation.year                      2007 
_citation.journal_id_ASTM           JMOBAK 
_citation.country                   UK 
_citation.journal_id_ISSN           0022-2836 
_citation.journal_id_CSD            0070 
_citation.book_publisher            ? 
_citation.pdbx_database_id_PubMed   17379241 
_citation.pdbx_database_id_DOI      10.1016/j.jmb.2007.02.018 
# 
loop_
_citation_author.citation_id 
_citation_author.name 
_citation_author.ordinal 
_citation_author.identifier_ORCID 
primary 'Sjekloca, L.'        1  ? 
primary 'Pudas, R.'           2  ? 
primary 'Sjoeblom, B.'        3  ? 
primary 'Konarev, P.'         4  ? 
primary 'Carugo, O.'          5  ? 
primary 'Rybin, V.'           6  ? 
primary 'Kiema, T.R.'         7  ? 
primary 'Svergun, D.'         8  ? 
primary 'Ylanne, J.'          9  ? 
primary 'Djinovic-Carugo, K.' 10 ? 
# 
loop_
_entity.id 
_entity.type 
_entity.src_method 
_entity.pdbx_description 
_entity.formula_weight 
_entity.pdbx_number_of_molecules 
_entity.pdbx_ec 
_entity.pdbx_mutation 
_entity.pdbx_fragment 
_entity.details 
1 polymer     man Filamin-C         13922.598 1  ? ? 'Ig-like domain 23' ? 
2 non-polymer syn 'NICKEL (II) ION' 58.693    1  ? ? ?                   ? 
3 non-polymer syn IMIDAZOLE         69.085    2  ? ? ?                   ? 
4 non-polymer syn GLYCEROL          92.094    2  ? ? ?                   ? 
5 water       nat water             18.015    56 ? ? ?                   ? 
# 
_entity_name_com.entity_id   1 
_entity_name_com.name        'Gamma-filamin, Filamin-2, Protein FLNc, Actin-binding- like protein, ABP-L, ABP-280-like protein' 
# 
_entity_poly.entity_id                      1 
_entity_poly.type                           'polypeptide(L)' 
_entity_poly.nstd_linkage                   no 
_entity_poly.nstd_monomer                   no 
_entity_poly.pdbx_seq_one_letter_code       
;GSHMASMTGGQQMGRGSGSHMASMTGGQQMGRGSRVGEQSQAGDPGLVSAYGPGLEGGTTGVSSEFIVNTLNAGSGALSV
TIDGPSKVQLDCRECPEGHVVTYTPMAPGNYLIAIKYGGPQHIVGSPFKAKVTGPRLS
;
_entity_poly.pdbx_seq_one_letter_code_can   
;GSHMASMTGGQQMGRGSGSHMASMTGGQQMGRGSRVGEQSQAGDPGLVSAYGPGLEGGTTGVSSEFIVNTLNAGSGALSV
TIDGPSKVQLDCRECPEGHVVTYTPMAPGNYLIAIKYGGPQHIVGSPFKAKVTGPRLS
;
_entity_poly.pdbx_strand_id                 A 
_entity_poly.pdbx_target_identifier         ? 
# 
loop_
_pdbx_entity_nonpoly.entity_id 
_pdbx_entity_nonpoly.name 
_pdbx_entity_nonpoly.comp_id 
2 'NICKEL (II) ION' NI  
3 IMIDAZOLE         IMD 
4 GLYCEROL          GOL 
5 water             HOH 
# 
loop_
_entity_poly_seq.entity_id 
_entity_poly_seq.num 
_entity_poly_seq.mon_id 
_entity_poly_seq.hetero 
1 1   GLY n 
1 2   SER n 
1 3   HIS n 
1 4   MET n 
1 5   ALA n 
1 6   SER n 
1 7   MET n 
1 8   THR n 
1 9   GLY n 
1 10  GLY n 
1 11  GLN n 
1 12  GLN n 
1 13  MET n 
1 14  GLY n 
1 15  ARG n 
1 16  GLY n 
1 17  SER n 
1 18  GLY n 
1 19  SER n 
1 20  HIS n 
1 21  MET n 
1 22  ALA n 
1 23  SER n 
1 24  MET n 
1 25  THR n 
1 26  GLY n 
1 27  GLY n 
1 28  GLN n 
1 29  GLN n 
1 30  MET n 
1 31  GLY n 
1 32  ARG n 
1 33  GLY n 
1 34  SER n 
1 35  ARG n 
1 36  VAL n 
1 37  GLY n 
1 38  GLU n 
1 39  GLN n 
1 40  SER n 
1 41  GLN n 
1 42  ALA n 
1 43  GLY n 
1 44  ASP n 
1 45  PRO n 
1 46  GLY n 
1 47  LEU n 
1 48  VAL n 
1 49  SER n 
1 50  ALA n 
1 51  TYR n 
1 52  GLY n 
1 53  PRO n 
1 54  GLY n 
1 55  LEU n 
1 56  GLU n 
1 57  GLY n 
1 58  GLY n 
1 59  THR n 
1 60  THR n 
1 61  GLY n 
1 62  VAL n 
1 63  SER n 
1 64  SER n 
1 65  GLU n 
1 66  PHE n 
1 67  ILE n 
1 68  VAL n 
1 69  ASN n 
1 70  THR n 
1 71  LEU n 
1 72  ASN n 
1 73  ALA n 
1 74  GLY n 
1 75  SER n 
1 76  GLY n 
1 77  ALA n 
1 78  LEU n 
1 79  SER n 
1 80  VAL n 
1 81  THR n 
1 82  ILE n 
1 83  ASP n 
1 84  GLY n 
1 85  PRO n 
1 86  SER n 
1 87  LYS n 
1 88  VAL n 
1 89  GLN n 
1 90  LEU n 
1 91  ASP n 
1 92  CYS n 
1 93  ARG n 
1 94  GLU n 
1 95  CYS n 
1 96  PRO n 
1 97  GLU n 
1 98  GLY n 
1 99  HIS n 
1 100 VAL n 
1 101 VAL n 
1 102 THR n 
1 103 TYR n 
1 104 THR n 
1 105 PRO n 
1 106 MET n 
1 107 ALA n 
1 108 PRO n 
1 109 GLY n 
1 110 ASN n 
1 111 TYR n 
1 112 LEU n 
1 113 ILE n 
1 114 ALA n 
1 115 ILE n 
1 116 LYS n 
1 117 TYR n 
1 118 GLY n 
1 119 GLY n 
1 120 PRO n 
1 121 GLN n 
1 122 HIS n 
1 123 ILE n 
1 124 VAL n 
1 125 GLY n 
1 126 SER n 
1 127 PRO n 
1 128 PHE n 
1 129 LYS n 
1 130 ALA n 
1 131 LYS n 
1 132 VAL n 
1 133 THR n 
1 134 GLY n 
1 135 PRO n 
1 136 ARG n 
1 137 LEU n 
1 138 SER n 
# 
_entity_src_gen.entity_id                          1 
_entity_src_gen.pdbx_src_id                        1 
_entity_src_gen.pdbx_alt_source_flag               sample 
_entity_src_gen.pdbx_seq_type                      ? 
_entity_src_gen.pdbx_beg_seq_num                   ? 
_entity_src_gen.pdbx_end_seq_num                   ? 
_entity_src_gen.gene_src_common_name               human 
_entity_src_gen.gene_src_genus                     Homo 
_entity_src_gen.pdbx_gene_src_gene                 ? 
_entity_src_gen.gene_src_species                   ? 
_entity_src_gen.gene_src_strain                    ? 
_entity_src_gen.gene_src_tissue                    ? 
_entity_src_gen.gene_src_tissue_fraction           ? 
_entity_src_gen.gene_src_details                   ? 
_entity_src_gen.pdbx_gene_src_fragment             ? 
_entity_src_gen.pdbx_gene_src_scientific_name      'Homo sapiens' 
_entity_src_gen.pdbx_gene_src_ncbi_taxonomy_id     9606 
_entity_src_gen.pdbx_gene_src_variant              ? 
_entity_src_gen.pdbx_gene_src_cell_line            ? 
_entity_src_gen.pdbx_gene_src_atcc                 ? 
_entity_src_gen.pdbx_gene_src_organ                ? 
_entity_src_gen.pdbx_gene_src_organelle            ? 
_entity_src_gen.pdbx_gene_src_cell                 ? 
_entity_src_gen.pdbx_gene_src_cellular_location    ? 
_entity_src_gen.host_org_common_name               ? 
_entity_src_gen.pdbx_host_org_scientific_name      'Escherichia coli' 
_entity_src_gen.pdbx_host_org_ncbi_taxonomy_id     562 
_entity_src_gen.host_org_genus                     Escherichia 
_entity_src_gen.pdbx_host_org_gene                 ? 
_entity_src_gen.pdbx_host_org_organ                ? 
_entity_src_gen.host_org_species                   ? 
_entity_src_gen.pdbx_host_org_tissue               ? 
_entity_src_gen.pdbx_host_org_tissue_fraction      ? 
_entity_src_gen.pdbx_host_org_strain               ? 
_entity_src_gen.pdbx_host_org_variant              ? 
_entity_src_gen.pdbx_host_org_cell_line            ? 
_entity_src_gen.pdbx_host_org_atcc                 ? 
_entity_src_gen.pdbx_host_org_culture_collection   ? 
_entity_src_gen.pdbx_host_org_cell                 ? 
_entity_src_gen.pdbx_host_org_organelle            ? 
_entity_src_gen.pdbx_host_org_cellular_location    ? 
_entity_src_gen.pdbx_host_org_vector_type          ? 
_entity_src_gen.pdbx_host_org_vector               ? 
_entity_src_gen.host_org_details                   ? 
_entity_src_gen.expression_system_id               ? 
_entity_src_gen.plasmid_name                       ? 
_entity_src_gen.plasmid_details                    ? 
_entity_src_gen.pdbx_description                   ? 
# 
loop_
_chem_comp.id 
_chem_comp.type 
_chem_comp.mon_nstd_flag 
_chem_comp.name 
_chem_comp.pdbx_synonyms 
_chem_comp.formula 
_chem_comp.formula_weight 
ALA 'L-peptide linking' y ALANINE           ?                               'C3 H7 N O2'     89.093  
ARG 'L-peptide linking' y ARGININE          ?                               'C6 H15 N4 O2 1' 175.209 
ASN 'L-peptide linking' y ASPARAGINE        ?                               'C4 H8 N2 O3'    132.118 
ASP 'L-peptide linking' y 'ASPARTIC ACID'   ?                               'C4 H7 N O4'     133.103 
CYS 'L-peptide linking' y CYSTEINE          ?                               'C3 H7 N O2 S'   121.158 
GLN 'L-peptide linking' y GLUTAMINE         ?                               'C5 H10 N2 O3'   146.144 
GLU 'L-peptide linking' y 'GLUTAMIC ACID'   ?                               'C5 H9 N O4'     147.129 
GLY 'peptide linking'   y GLYCINE           ?                               'C2 H5 N O2'     75.067  
GOL non-polymer         . GLYCEROL          'GLYCERIN; PROPANE-1,2,3-TRIOL' 'C3 H8 O3'       92.094  
HIS 'L-peptide linking' y HISTIDINE         ?                               'C6 H10 N3 O2 1' 156.162 
HOH non-polymer         . WATER             ?                               'H2 O'           18.015  
ILE 'L-peptide linking' y ISOLEUCINE        ?                               'C6 H13 N O2'    131.173 
IMD non-polymer         . IMIDAZOLE         ?                               'C3 H5 N2 1'     69.085  
LEU 'L-peptide linking' y LEUCINE           ?                               'C6 H13 N O2'    131.173 
LYS 'L-peptide linking' y LYSINE            ?                               'C6 H15 N2 O2 1' 147.195 
MET 'L-peptide linking' y METHIONINE        ?                               'C5 H11 N O2 S'  149.211 
NI  non-polymer         . 'NICKEL (II) ION' ?                               'Ni 2'           58.693  
PHE 'L-peptide linking' y PHENYLALANINE     ?                               'C9 H11 N O2'    165.189 
PRO 'L-peptide linking' y PROLINE           ?                               'C5 H9 N O2'     115.130 
SER 'L-peptide linking' y SERINE            ?                               'C3 H7 N O3'     105.093 
THR 'L-peptide linking' y THREONINE         ?                               'C4 H9 N O3'     119.119 
TYR 'L-peptide linking' y TYROSINE          ?                               'C9 H11 N O3'    181.189 
VAL 'L-peptide linking' y VALINE            ?                               'C5 H11 N O2'    117.146 
# 
loop_
_pdbx_poly_seq_scheme.asym_id 
_pdbx_poly_seq_scheme.entity_id 
_pdbx_poly_seq_scheme.seq_id 
_pdbx_poly_seq_scheme.mon_id 
_pdbx_poly_seq_scheme.ndb_seq_num 
_pdbx_poly_seq_scheme.pdb_seq_num 
_pdbx_poly_seq_scheme.auth_seq_num 
_pdbx_poly_seq_scheme.pdb_mon_id 
_pdbx_poly_seq_scheme.auth_mon_id 
_pdbx_poly_seq_scheme.pdb_strand_id 
_pdbx_poly_seq_scheme.pdb_ins_code 
_pdbx_poly_seq_scheme.hetero 
A 1 1   GLY 1   2441 ?    ?   ?   A . n 
A 1 2   SER 2   2442 ?    ?   ?   A . n 
A 1 3   HIS 3   2443 ?    ?   ?   A . n 
A 1 4   MET 4   2444 ?    ?   ?   A . n 
A 1 5   ALA 5   2445 ?    ?   ?   A . n 
A 1 6   SER 6   2446 ?    ?   ?   A . n 
A 1 7   MET 7   2447 ?    ?   ?   A . n 
A 1 8   THR 8   2448 ?    ?   ?   A . n 
A 1 9   GLY 9   2449 ?    ?   ?   A . n 
A 1 10  GLY 10  2450 ?    ?   ?   A . n 
A 1 11  GLN 11  2451 ?    ?   ?   A . n 
A 1 12  GLN 12  2452 ?    ?   ?   A . n 
A 1 13  MET 13  2453 ?    ?   ?   A . n 
A 1 14  GLY 14  2454 ?    ?   ?   A . n 
A 1 15  ARG 15  2455 ?    ?   ?   A . n 
A 1 16  GLY 16  2456 ?    ?   ?   A . n 
A 1 17  SER 17  2457 ?    ?   ?   A . n 
A 1 18  GLY 18  2458 ?    ?   ?   A . n 
A 1 19  SER 19  2459 ?    ?   ?   A . n 
A 1 20  HIS 20  2460 ?    ?   ?   A . n 
A 1 21  MET 21  2461 ?    ?   ?   A . n 
A 1 22  ALA 22  2462 ?    ?   ?   A . n 
A 1 23  SER 23  2463 ?    ?   ?   A . n 
A 1 24  MET 24  2464 ?    ?   ?   A . n 
A 1 25  THR 25  2465 ?    ?   ?   A . n 
A 1 26  GLY 26  2466 ?    ?   ?   A . n 
A 1 27  GLY 27  2467 ?    ?   ?   A . n 
A 1 28  GLN 28  2468 ?    ?   ?   A . n 
A 1 29  GLN 29  2469 ?    ?   ?   A . n 
A 1 30  MET 30  2470 ?    ?   ?   A . n 
A 1 31  GLY 31  2471 ?    ?   ?   A . n 
A 1 32  ARG 32  2472 ?    ?   ?   A . n 
A 1 33  GLY 33  2473 ?    ?   ?   A . n 
A 1 34  SER 34  2474 ?    ?   ?   A . n 
A 1 35  ARG 35  2475 ?    ?   ?   A . n 
A 1 36  VAL 36  2476 ?    ?   ?   A . n 
A 1 37  GLY 37  2477 ?    ?   ?   A . n 
A 1 38  GLU 38  2478 ?    ?   ?   A . n 
A 1 39  GLN 39  2479 ?    ?   ?   A . n 
A 1 40  SER 40  2480 ?    ?   ?   A . n 
A 1 41  GLN 41  2481 ?    ?   ?   A . n 
A 1 42  ALA 42  2482 2482 ALA ALA A . n 
A 1 43  GLY 43  2483 2483 GLY GLY A . n 
A 1 44  ASP 44  2484 2484 ASP ASP A . n 
A 1 45  PRO 45  2485 2485 PRO PRO A . n 
A 1 46  GLY 46  2486 2486 GLY GLY A . n 
A 1 47  LEU 47  2487 2487 LEU LEU A . n 
A 1 48  VAL 48  2488 2488 VAL VAL A . n 
A 1 49  SER 49  2489 2489 SER SER A . n 
A 1 50  ALA 50  2490 2490 ALA ALA A . n 
A 1 51  TYR 51  2491 2491 TYR TYR A . n 
A 1 52  GLY 52  2492 2492 GLY GLY A . n 
A 1 53  PRO 53  2493 2493 PRO PRO A . n 
A 1 54  GLY 54  2494 2494 GLY GLY A . n 
A 1 55  LEU 55  2495 2495 LEU LEU A . n 
A 1 56  GLU 56  2496 2496 GLU GLU A . n 
A 1 57  GLY 57  2497 2497 GLY GLY A . n 
A 1 58  GLY 58  2498 2498 GLY GLY A . n 
A 1 59  THR 59  2499 2499 THR THR A . n 
A 1 60  THR 60  2500 2500 THR THR A . n 
A 1 61  GLY 61  2501 2501 GLY GLY A . n 
A 1 62  VAL 62  2502 2502 VAL VAL A . n 
A 1 63  SER 63  2503 2503 SER SER A . n 
A 1 64  SER 64  2504 2504 SER SER A . n 
A 1 65  GLU 65  2505 2505 GLU GLU A . n 
A 1 66  PHE 66  2506 2506 PHE PHE A . n 
A 1 67  ILE 67  2507 2507 ILE ILE A . n 
A 1 68  VAL 68  2508 2508 VAL VAL A . n 
A 1 69  ASN 69  2509 2509 ASN ASN A . n 
A 1 70  THR 70  2510 2510 THR THR A . n 
A 1 71  LEU 71  2511 2511 LEU LEU A . n 
A 1 72  ASN 72  2512 2512 ASN ASN A . n 
A 1 73  ALA 73  2513 2513 ALA ALA A . n 
A 1 74  GLY 74  2514 2514 GLY GLY A . n 
A 1 75  SER 75  2515 2515 SER SER A . n 
A 1 76  GLY 76  2516 2516 GLY GLY A . n 
A 1 77  ALA 77  2517 2517 ALA ALA A . n 
A 1 78  LEU 78  2518 2518 LEU LEU A . n 
A 1 79  SER 79  2519 2519 SER SER A . n 
A 1 80  VAL 80  2520 2520 VAL VAL A . n 
A 1 81  THR 81  2521 2521 THR THR A . n 
A 1 82  ILE 82  2522 2522 ILE ILE A . n 
A 1 83  ASP 83  2523 2523 ASP ASP A . n 
A 1 84  GLY 84  2524 2524 GLY GLY A . n 
A 1 85  PRO 85  2525 2525 PRO PRO A . n 
A 1 86  SER 86  2526 2526 SER SER A . n 
A 1 87  LYS 87  2527 2527 LYS LYS A . n 
A 1 88  VAL 88  2528 2528 VAL VAL A . n 
A 1 89  GLN 89  2529 2529 GLN GLN A . n 
A 1 90  LEU 90  2530 2530 LEU LEU A . n 
A 1 91  ASP 91  2531 2531 ASP ASP A . n 
A 1 92  CYS 92  2532 2532 CYS CYS A . n 
A 1 93  ARG 93  2533 2533 ARG ARG A . n 
A 1 94  GLU 94  2534 2534 GLU GLU A . n 
A 1 95  CYS 95  2535 2535 CYS CYS A . n 
A 1 96  PRO 96  2536 2536 PRO PRO A . n 
A 1 97  GLU 97  2537 2537 GLU GLU A . n 
A 1 98  GLY 98  2538 2538 GLY GLY A . n 
A 1 99  HIS 99  2539 2539 HIS HIS A . n 
A 1 100 VAL 100 2540 2540 VAL VAL A . n 
A 1 101 VAL 101 2541 2541 VAL VAL A . n 
A 1 102 THR 102 2542 2542 THR THR A . n 
A 1 103 TYR 103 2543 2543 TYR TYR A . n 
A 1 104 THR 104 2544 2544 THR THR A . n 
A 1 105 PRO 105 2545 2545 PRO PRO A . n 
A 1 106 MET 106 2546 2546 MET MET A . n 
A 1 107 ALA 107 2547 2547 ALA ALA A . n 
A 1 108 PRO 108 2548 2548 PRO PRO A . n 
A 1 109 GLY 109 2549 2549 GLY GLY A . n 
A 1 110 ASN 110 2550 2550 ASN ASN A . n 
A 1 111 TYR 111 2551 2551 TYR TYR A . n 
A 1 112 LEU 112 2552 2552 LEU LEU A . n 
A 1 113 ILE 113 2553 2553 ILE ILE A . n 
A 1 114 ALA 114 2554 2554 ALA ALA A . n 
A 1 115 ILE 115 2555 2555 ILE ILE A . n 
A 1 116 LYS 116 2556 2556 LYS LYS A . n 
A 1 117 TYR 117 2557 2557 TYR TYR A . n 
A 1 118 GLY 118 2558 2558 GLY GLY A . n 
A 1 119 GLY 119 2559 2559 GLY GLY A . n 
A 1 120 PRO 120 2560 2560 PRO PRO A . n 
A 1 121 GLN 121 2561 2561 GLN GLN A . n 
A 1 122 HIS 122 2562 2562 HIS HIS A . n 
A 1 123 ILE 123 2563 2563 ILE ILE A . n 
A 1 124 VAL 124 2564 2564 VAL VAL A . n 
A 1 125 GLY 125 2565 2565 GLY GLY A . n 
A 1 126 SER 126 2566 2566 SER SER A . n 
A 1 127 PRO 127 2567 2567 PRO PRO A . n 
A 1 128 PHE 128 2568 2568 PHE PHE A . n 
A 1 129 LYS 129 2569 2569 LYS LYS A . n 
A 1 130 ALA 130 2570 2570 ALA ALA A . n 
A 1 131 LYS 131 2571 2571 LYS LYS A . n 
A 1 132 VAL 132 2572 2572 VAL VAL A . n 
A 1 133 THR 133 2573 2573 THR THR A . n 
A 1 134 GLY 134 2574 2574 GLY GLY A . n 
A 1 135 PRO 135 2575 2575 PRO PRO A . n 
A 1 136 ARG 136 2576 2576 ARG ARG A . n 
A 1 137 LEU 137 2577 2577 LEU LEU A . n 
A 1 138 SER 138 2578 2578 SER SER A . n 
# 
loop_
_pdbx_nonpoly_scheme.asym_id 
_pdbx_nonpoly_scheme.entity_id 
_pdbx_nonpoly_scheme.mon_id 
_pdbx_nonpoly_scheme.ndb_seq_num 
_pdbx_nonpoly_scheme.pdb_seq_num 
_pdbx_nonpoly_scheme.auth_seq_num 
_pdbx_nonpoly_scheme.pdb_mon_id 
_pdbx_nonpoly_scheme.auth_mon_id 
_pdbx_nonpoly_scheme.pdb_strand_id 
_pdbx_nonpoly_scheme.pdb_ins_code 
B 2 NI  1  101 1  NI  NI  A . 
C 3 IMD 1  201 1  IMD IMD A . 
D 3 IMD 1  301 1  IMD IMD A . 
E 4 GOL 1  401 1  GOL GOL A . 
F 4 GOL 1  501 1  GOL GOL A . 
G 5 HOH 1  1   1  HOH HOH A . 
G 5 HOH 2  2   2  HOH HOH A . 
G 5 HOH 3  3   3  HOH HOH A . 
G 5 HOH 4  4   4  HOH HOH A . 
G 5 HOH 5  5   5  HOH HOH A . 
G 5 HOH 6  6   6  HOH HOH A . 
G 5 HOH 7  7   7  HOH HOH A . 
G 5 HOH 8  8   8  HOH HOH A . 
G 5 HOH 9  9   9  HOH HOH A . 
G 5 HOH 10 10  10 HOH HOH A . 
G 5 HOH 11 11  11 HOH HOH A . 
G 5 HOH 12 12  12 HOH HOH A . 
G 5 HOH 13 13  13 HOH HOH A . 
G 5 HOH 14 14  14 HOH HOH A . 
G 5 HOH 15 15  15 HOH HOH A . 
G 5 HOH 16 16  16 HOH HOH A . 
G 5 HOH 17 17  17 HOH HOH A . 
G 5 HOH 18 18  18 HOH HOH A . 
G 5 HOH 19 19  19 HOH HOH A . 
G 5 HOH 20 20  20 HOH HOH A . 
G 5 HOH 21 21  21 HOH HOH A . 
G 5 HOH 22 22  22 HOH HOH A . 
G 5 HOH 23 23  23 HOH HOH A . 
G 5 HOH 24 24  24 HOH HOH A . 
G 5 HOH 25 25  25 HOH HOH A . 
G 5 HOH 26 26  26 HOH HOH A . 
G 5 HOH 27 27  27 HOH HOH A . 
G 5 HOH 28 28  28 HOH HOH A . 
G 5 HOH 29 29  29 HOH HOH A . 
G 5 HOH 30 30  30 HOH HOH A . 
G 5 HOH 31 31  31 HOH HOH A . 
G 5 HOH 32 32  32 HOH HOH A . 
G 5 HOH 33 33  33 HOH HOH A . 
G 5 HOH 34 34  34 HOH HOH A . 
G 5 HOH 35 35  35 HOH HOH A . 
G 5 HOH 36 36  36 HOH HOH A . 
G 5 HOH 37 37  37 HOH HOH A . 
G 5 HOH 38 38  38 HOH HOH A . 
G 5 HOH 39 39  39 HOH HOH A . 
G 5 HOH 40 40  40 HOH HOH A . 
G 5 HOH 41 41  41 HOH HOH A . 
G 5 HOH 42 42  42 HOH HOH A . 
G 5 HOH 43 43  43 HOH HOH A . 
G 5 HOH 44 44  44 HOH HOH A . 
G 5 HOH 45 45  45 HOH HOH A . 
G 5 HOH 46 46  46 HOH HOH A . 
G 5 HOH 47 47  47 HOH HOH A . 
G 5 HOH 48 48  48 HOH HOH A . 
G 5 HOH 49 49  49 HOH HOH A . 
G 5 HOH 50 50  50 HOH HOH A . 
G 5 HOH 51 51  51 HOH HOH A . 
G 5 HOH 52 52  52 HOH HOH A . 
G 5 HOH 53 53  53 HOH HOH A . 
G 5 HOH 54 54  54 HOH HOH A . 
G 5 HOH 55 55  55 HOH HOH A . 
G 5 HOH 56 56  56 HOH HOH A . 
# 
loop_
_pdbx_unobs_or_zero_occ_atoms.id 
_pdbx_unobs_or_zero_occ_atoms.PDB_model_num 
_pdbx_unobs_or_zero_occ_atoms.polymer_flag 
_pdbx_unobs_or_zero_occ_atoms.occupancy_flag 
_pdbx_unobs_or_zero_occ_atoms.auth_asym_id 
_pdbx_unobs_or_zero_occ_atoms.auth_comp_id 
_pdbx_unobs_or_zero_occ_atoms.auth_seq_id 
_pdbx_unobs_or_zero_occ_atoms.PDB_ins_code 
_pdbx_unobs_or_zero_occ_atoms.auth_atom_id 
_pdbx_unobs_or_zero_occ_atoms.label_alt_id 
_pdbx_unobs_or_zero_occ_atoms.label_asym_id 
_pdbx_unobs_or_zero_occ_atoms.label_comp_id 
_pdbx_unobs_or_zero_occ_atoms.label_seq_id 
_pdbx_unobs_or_zero_occ_atoms.label_atom_id 
1  1 Y 0 A GLN 2529 ? CG  ? A GLN 89 CG  
2  1 Y 0 A GLN 2529 ? CD  ? A GLN 89 CD  
3  1 Y 0 A GLN 2529 ? OE1 ? A GLN 89 OE1 
4  1 Y 0 A GLN 2529 ? NE2 ? A GLN 89 NE2 
5  1 Y 0 A ARG 2533 ? CD  ? A ARG 93 CD  
6  1 Y 0 A ARG 2533 ? NE  ? A ARG 93 NE  
7  1 Y 0 A ARG 2533 ? CZ  ? A ARG 93 CZ  
8  1 Y 0 A ARG 2533 ? NH1 ? A ARG 93 NH1 
9  1 Y 0 A ARG 2533 ? NH2 ? A ARG 93 NH2 
10 1 Y 0 A GLU 2537 ? CG  ? A GLU 97 CG  
11 1 Y 0 A GLU 2537 ? CD  ? A GLU 97 CD  
12 1 Y 0 A GLU 2537 ? OE1 ? A GLU 97 OE1 
13 1 Y 0 A GLU 2537 ? OE2 ? A GLU 97 OE2 
# 
loop_
_software.name 
_software.version 
_software.date 
_software.type 
_software.contact_author 
_software.contact_author_email 
_software.classification 
_software.location 
_software.language 
_software.citation_id 
_software.pdbx_ordinal 
REFMAC      5.2.0005 ?                program 'Murshudov, G.N.' ccp4@dl.ac.uk            refinement        
http://www.ccp4.ac.uk/main.html  Fortran_77 ? 1 
PDB_EXTRACT 2.000    'April. 3, 2006' package PDB               sw-help@rcsb.rutgers.edu 'data extraction' 
http://pdb.rutgers.edu/software/ C++        ? 2 
MAR345      .        ?                ?       ?                 ?                        'data collection' ? ?          ? 3 
DENZO       .        ?                ?       ?                 ?                        'data reduction'  ? ?          ? 4 
SCALA       .        ?                ?       ?                 ?                        'data scaling'    ? ?          ? 5 
SHARP       .        ?                ?       ?                 ?                        phasing           ? ?          ? 6 
# 
_cell.length_a           52.141 
_cell.length_b           52.141 
_cell.length_c           69.216 
_cell.angle_alpha        90.000 
_cell.angle_beta         90.000 
_cell.angle_gamma        120.000 
_cell.entry_id           2NQC 
_cell.pdbx_unique_axis   ? 
_cell.Z_PDB              6 
_cell.length_a_esd       ? 
_cell.length_b_esd       ? 
_cell.length_c_esd       ? 
_cell.angle_alpha_esd    ? 
_cell.angle_beta_esd     ? 
_cell.angle_gamma_esd    ? 
# 
_symmetry.space_group_name_H-M             'P 31 2 1' 
_symmetry.entry_id                         2NQC 
_symmetry.pdbx_full_space_group_name_H-M   ? 
_symmetry.Int_Tables_number                152 
_symmetry.cell_setting                     ? 
_symmetry.space_group_name_Hall            ? 
# 
_exptl.crystals_number   1 
_exptl.entry_id          2NQC 
_exptl.method            'X-RAY DIFFRACTION' 
# 
_exptl_crystal.id                    1 
_exptl_crystal.density_Matthews      1.95 
_exptl_crystal.density_meas          ? 
_exptl_crystal.density_percent_sol   36.91 
_exptl_crystal.description           ? 
_exptl_crystal.F_000                 ? 
_exptl_crystal.preparation           ? 
# 
_exptl_crystal_grow.crystal_id      1 
_exptl_crystal_grow.method          'VAPOR DIFFUSION, HANGING DROP' 
_exptl_crystal_grow.pH              8.5 
_exptl_crystal_grow.temp            293 
_exptl_crystal_grow.temp_details    ? 
_exptl_crystal_grow.pdbx_details    
'17.5% PEG 10000, 0.2M imidazole malate, pH 8.5, VAPOR DIFFUSION, HANGING DROP, temperature 293K' 
_exptl_crystal_grow.pdbx_pH_range   . 
# 
_diffrn.id                     1 
_diffrn.ambient_temp           100 
_diffrn.ambient_temp_details   ? 
_diffrn.crystal_id             1 
# 
_diffrn_detector.diffrn_id              1 
_diffrn_detector.detector               CCD 
_diffrn_detector.type                   'MAR CCD 165 mm' 
_diffrn_detector.pdbx_collection_date   2003-08-08 
_diffrn_detector.details                ? 
# 
_diffrn_radiation.diffrn_id                        1 
_diffrn_radiation.wavelength_id                    1 
_diffrn_radiation.pdbx_diffrn_protocol             'SINGLE WAVELENGTH' 
_diffrn_radiation.monochromator                    'Si 111' 
_diffrn_radiation.pdbx_monochromatic_or_laue_m_l   M 
_diffrn_radiation.pdbx_scattering_type             x-ray 
# 
_diffrn_radiation_wavelength.id           1 
_diffrn_radiation_wavelength.wavelength   1.2 
_diffrn_radiation_wavelength.wt           1.0 
# 
_diffrn_source.diffrn_id                   1 
_diffrn_source.source                      SYNCHROTRON 
_diffrn_source.type                        'ELETTRA BEAMLINE 5.2R' 
_diffrn_source.pdbx_wavelength             ? 
_diffrn_source.pdbx_wavelength_list        1.2 
_diffrn_source.pdbx_synchrotron_site       ELETTRA 
_diffrn_source.pdbx_synchrotron_beamline   5.2R 
# 
_reflns.entry_id                     2NQC 
_reflns.observed_criterion_sigma_F   ? 
_reflns.observed_criterion_sigma_I   0.0 
_reflns.d_resolution_high            2.05 
_reflns.d_resolution_low             45.17 
_reflns.number_all                   7116 
_reflns.number_obs                   7027 
_reflns.percent_possible_obs         97.1 
_reflns.pdbx_Rmerge_I_obs            0.07 
_reflns.pdbx_Rsym_value              0.061 
_reflns.pdbx_netI_over_sigmaI        7.1 
_reflns.B_iso_Wilson_estimate        37.8 
_reflns.pdbx_redundancy              7.3 
_reflns.R_free_details               ? 
_reflns.limit_h_max                  ? 
_reflns.limit_h_min                  ? 
_reflns.limit_k_max                  ? 
_reflns.limit_k_min                  ? 
_reflns.limit_l_max                  ? 
_reflns.limit_l_min                  ? 
_reflns.observed_criterion_F_max     ? 
_reflns.observed_criterion_F_min     ? 
_reflns.pdbx_chi_squared             ? 
_reflns.pdbx_scaling_rejects         ? 
_reflns.pdbx_ordinal                 1 
_reflns.pdbx_diffrn_id               1 
# 
_reflns_shell.d_res_high             2.05 
_reflns_shell.d_res_low              2.16 
_reflns_shell.percent_possible_obs   ? 
_reflns_shell.percent_possible_all   97.7 
_reflns_shell.Rmerge_I_obs           0.298 
_reflns_shell.meanI_over_sigI_obs    2.1 
_reflns_shell.pdbx_Rsym_value        0.298 
_reflns_shell.pdbx_redundancy        6.5 
_reflns_shell.number_unique_all      950 
_reflns_shell.number_measured_all    ? 
_reflns_shell.number_measured_obs    ? 
_reflns_shell.number_unique_obs      ? 
_reflns_shell.pdbx_chi_squared       ? 
_reflns_shell.pdbx_ordinal           1 
_reflns_shell.pdbx_diffrn_id         1 
# 
_refine.entry_id                                 2NQC 
_refine.ls_d_res_high                            2.050 
_refine.ls_d_res_low                             45.170 
_refine.pdbx_ls_sigma_F                          0.00 
_refine.ls_percent_reflns_obs                    97.510 
_refine.ls_number_reflns_obs                     7016 
_refine.pdbx_ls_cross_valid_method               THROUGHOUT 
_refine.pdbx_R_Free_selection_details            RANDOM 
_refine.details                                  'HYDROGENS HAVE BEEN ADDED IN THE RIDING POSITIONS' 
_refine.ls_R_factor_obs                          0.19 
_refine.ls_R_factor_R_work                       0.188 
_refine.ls_R_factor_R_free                       0.237 
_refine.ls_percent_reflns_R_free                 4.700 
_refine.ls_number_reflns_R_free                  329 
_refine.B_iso_mean                               36.963 
_refine.aniso_B[1][1]                            0.550 
_refine.aniso_B[2][2]                            0.550 
_refine.aniso_B[3][3]                            -0.830 
_refine.aniso_B[1][2]                            0.280 
_refine.aniso_B[1][3]                            0.000 
_refine.aniso_B[2][3]                            0.000 
_refine.correlation_coeff_Fo_to_Fc               0.960 
_refine.correlation_coeff_Fo_to_Fc_free          0.935 
_refine.pdbx_overall_ESU_R                       0.179 
_refine.pdbx_overall_ESU_R_Free                  0.168 
_refine.overall_SU_ML                            0.108 
_refine.overall_SU_B                             3.855 
_refine.solvent_model_details                    'BABINET MODEL WITH MASK' 
_refine.pdbx_solvent_vdw_probe_radii             1.200 
_refine.pdbx_solvent_ion_probe_radii             0.800 
_refine.pdbx_solvent_shrinkage_radii             0.800 
_refine.pdbx_stereochemistry_target_values       'MAXIMUM LIKELIHOOD' 
_refine.pdbx_ls_sigma_I                          ? 
_refine.ls_number_reflns_all                     7116 
_refine.ls_R_factor_all                          0.19 
_refine.ls_redundancy_reflns_obs                 ? 
_refine.pdbx_data_cutoff_high_absF               ? 
_refine.pdbx_data_cutoff_low_absF                ? 
_refine.ls_number_parameters                     ? 
_refine.ls_number_restraints                     ? 
_refine.ls_R_factor_R_free_error                 ? 
_refine.ls_R_factor_R_free_error_details         ? 
_refine.pdbx_method_to_determine_struct          SAD 
_refine.pdbx_starting_model                      ? 
_refine.pdbx_stereochem_target_val_spec_case     ? 
_refine.solvent_model_param_bsol                 ? 
_refine.solvent_model_param_ksol                 ? 
_refine.occupancy_max                            ? 
_refine.occupancy_min                            ? 
_refine.pdbx_isotropic_thermal_model             ? 
_refine.B_iso_min                                ? 
_refine.B_iso_max                                ? 
_refine.overall_SU_R_Cruickshank_DPI             ? 
_refine.overall_SU_R_free                        ? 
_refine.pdbx_data_cutoff_high_rms_absF           ? 
_refine.ls_wR_factor_R_free                      ? 
_refine.ls_wR_factor_R_work                      ? 
_refine.overall_FOM_free_R_set                   ? 
_refine.overall_FOM_work_R_set                   ? 
_refine.pdbx_refine_id                           'X-RAY DIFFRACTION' 
_refine.pdbx_diffrn_id                           1 
_refine.pdbx_TLS_residual_ADP_flag               ? 
_refine.pdbx_overall_phase_error                 ? 
_refine.pdbx_overall_SU_R_free_Cruickshank_DPI   ? 
_refine.pdbx_overall_SU_R_Blow_DPI               ? 
_refine.pdbx_overall_SU_R_free_Blow_DPI          ? 
# 
_refine_hist.pdbx_refine_id                   'X-RAY DIFFRACTION' 
_refine_hist.cycle_id                         LAST 
_refine_hist.pdbx_number_atoms_protein        689 
_refine_hist.pdbx_number_atoms_nucleic_acid   0 
_refine_hist.pdbx_number_atoms_ligand         23 
_refine_hist.number_atoms_solvent             56 
_refine_hist.number_atoms_total               768 
_refine_hist.d_res_high                       2.050 
_refine_hist.d_res_low                        45.170 
# 
loop_
_refine_ls_restr.type 
_refine_ls_restr.number 
_refine_ls_restr.dev_ideal 
_refine_ls_restr.dev_ideal_target 
_refine_ls_restr.weight 
_refine_ls_restr.pdbx_refine_id 
_refine_ls_restr.pdbx_restraint_function 
r_bond_refined_d         712  0.012  0.022  ? 'X-RAY DIFFRACTION' ? 
r_bond_other_d           651  0.004  0.020  ? 'X-RAY DIFFRACTION' ? 
r_angle_refined_deg      966  1.288  2.018  ? 'X-RAY DIFFRACTION' ? 
r_angle_other_deg        1519 0.728  3.000  ? 'X-RAY DIFFRACTION' ? 
r_dihedral_angle_1_deg   96   5.543  5.000  ? 'X-RAY DIFFRACTION' ? 
r_dihedral_angle_2_deg   19   37.058 24.737 ? 'X-RAY DIFFRACTION' ? 
r_dihedral_angle_3_deg   95   13.785 15.000 ? 'X-RAY DIFFRACTION' ? 
r_dihedral_angle_4_deg   1    7.013  15.000 ? 'X-RAY DIFFRACTION' ? 
r_chiral_restr           109  0.073  0.200  ? 'X-RAY DIFFRACTION' ? 
r_gen_planes_refined     798  0.005  0.020  ? 'X-RAY DIFFRACTION' ? 
r_gen_planes_other       131  0.001  0.020  ? 'X-RAY DIFFRACTION' ? 
r_nbd_refined            85   0.181  0.200  ? 'X-RAY DIFFRACTION' ? 
r_nbd_other              539  0.229  0.200  ? 'X-RAY DIFFRACTION' ? 
r_nbtor_refined          323  0.173  0.200  ? 'X-RAY DIFFRACTION' ? 
r_nbtor_other            403  0.089  0.200  ? 'X-RAY DIFFRACTION' ? 
r_xyhbond_nbd_refined    34   0.113  0.200  ? 'X-RAY DIFFRACTION' ? 
r_metal_ion_refined      1    0.026  0.200  ? 'X-RAY DIFFRACTION' ? 
r_symmetry_vdw_refined   4    0.110  0.200  ? 'X-RAY DIFFRACTION' ? 
r_symmetry_vdw_other     19   0.259  0.200  ? 'X-RAY DIFFRACTION' ? 
r_symmetry_hbond_refined 8    0.098  0.200  ? 'X-RAY DIFFRACTION' ? 
r_mcbond_it              605  1.340  1.500  ? 'X-RAY DIFFRACTION' ? 
r_mcbond_other           203  0.191  1.500  ? 'X-RAY DIFFRACTION' ? 
r_mcangle_it             766  1.554  2.000  ? 'X-RAY DIFFRACTION' ? 
r_scbond_it              267  2.379  3.000  ? 'X-RAY DIFFRACTION' ? 
r_scangle_it             200  3.207  4.500  ? 'X-RAY DIFFRACTION' ? 
# 
_refine_ls_shell.d_res_high                       2.050 
_refine_ls_shell.d_res_low                        2.104 
_refine_ls_shell.pdbx_total_number_of_bins_used   20 
_refine_ls_shell.percent_reflns_obs               94.380 
_refine_ls_shell.number_reflns_R_work             485 
_refine_ls_shell.R_factor_all                     ? 
_refine_ls_shell.R_factor_R_work                  0.213 
_refine_ls_shell.R_factor_R_free                  0.219 
_refine_ls_shell.percent_reflns_R_free            ? 
_refine_ls_shell.number_reflns_R_free             19 
_refine_ls_shell.R_factor_R_free_error            ? 
_refine_ls_shell.number_reflns_all                ? 
_refine_ls_shell.number_reflns_obs                504 
_refine_ls_shell.redundancy_reflns_obs            ? 
_refine_ls_shell.pdbx_refine_id                   'X-RAY DIFFRACTION' 
# 
_struct.entry_id                  2NQC 
_struct.title                     'Crystal structure of ig-like domain 23 from human filamin C' 
_struct.pdbx_model_details        ? 
_struct.pdbx_CASP_flag            ? 
_struct.pdbx_model_type_details   ? 
# 
_struct_keywords.entry_id        2NQC 
_struct_keywords.pdbx_keywords   'IMMUNE SYSTEM' 
_struct_keywords.text            'FILAMIN, IMMUNOGLOBULIN, METAL BINDING, IMMUNE SYSTEM' 
# 
loop_
_struct_asym.id 
_struct_asym.pdbx_blank_PDB_chainid_flag 
_struct_asym.pdbx_modified 
_struct_asym.entity_id 
_struct_asym.details 
A N N 1 ? 
B N N 2 ? 
C N N 3 ? 
D N N 3 ? 
E N N 4 ? 
F N N 4 ? 
G N N 5 ? 
# 
_struct_ref.id                         1 
_struct_ref.db_name                    UNP 
_struct_ref.db_code                    FLNC_HUMAN 
_struct_ref.pdbx_db_accession          Q14315 
_struct_ref.entity_id                  1 
_struct_ref.pdbx_seq_one_letter_code   
;RVGEQSQAGDPGLVSAYGPGLEGGTTGVSSEFIVNTLNAGSGALSVTIDGPSKVQLDCRECPEGHVVTYTPMAPGNYLIA
IKYGGPQHIVGSPFKAKVTGPRLS
;
_struct_ref.pdbx_align_begin           2495 
_struct_ref.pdbx_db_isoform            ? 
# 
_struct_ref_seq.align_id                      1 
_struct_ref_seq.ref_id                        1 
_struct_ref_seq.pdbx_PDB_id_code              2NQC 
_struct_ref_seq.pdbx_strand_id                A 
_struct_ref_seq.seq_align_beg                 35 
_struct_ref_seq.pdbx_seq_align_beg_ins_code   ? 
_struct_ref_seq.seq_align_end                 138 
_struct_ref_seq.pdbx_seq_align_end_ins_code   ? 
_struct_ref_seq.pdbx_db_accession             Q14315 
_struct_ref_seq.db_align_beg                  2495 
_struct_ref_seq.pdbx_db_align_beg_ins_code    ? 
_struct_ref_seq.db_align_end                  2598 
_struct_ref_seq.pdbx_db_align_end_ins_code    ? 
_struct_ref_seq.pdbx_auth_seq_align_beg       2475 
_struct_ref_seq.pdbx_auth_seq_align_end       2578 
# 
loop_
_struct_ref_seq_dif.align_id 
_struct_ref_seq_dif.pdbx_pdb_id_code 
_struct_ref_seq_dif.mon_id 
_struct_ref_seq_dif.pdbx_pdb_strand_id 
_struct_ref_seq_dif.seq_num 
_struct_ref_seq_dif.pdbx_pdb_ins_code 
_struct_ref_seq_dif.pdbx_seq_db_name 
_struct_ref_seq_dif.pdbx_seq_db_accession_code 
_struct_ref_seq_dif.db_mon_id 
_struct_ref_seq_dif.pdbx_seq_db_seq_num 
_struct_ref_seq_dif.details 
_struct_ref_seq_dif.pdbx_auth_seq_num 
_struct_ref_seq_dif.pdbx_ordinal 
1 2NQC GLY A 1  ? UNP Q14315 ? ? 'expression tag' 2441 1  
1 2NQC SER A 2  ? UNP Q14315 ? ? 'expression tag' 2442 2  
1 2NQC HIS A 3  ? UNP Q14315 ? ? 'expression tag' 2443 3  
1 2NQC MET A 4  ? UNP Q14315 ? ? 'expression tag' 2444 4  
1 2NQC ALA A 5  ? UNP Q14315 ? ? 'expression tag' 2445 5  
1 2NQC SER A 6  ? UNP Q14315 ? ? 'expression tag' 2446 6  
1 2NQC MET A 7  ? UNP Q14315 ? ? 'expression tag' 2447 7  
1 2NQC THR A 8  ? UNP Q14315 ? ? 'expression tag' 2448 8  
1 2NQC GLY A 9  ? UNP Q14315 ? ? 'expression tag' 2449 9  
1 2NQC GLY A 10 ? UNP Q14315 ? ? 'expression tag' 2450 10 
1 2NQC GLN A 11 ? UNP Q14315 ? ? 'expression tag' 2451 11 
1 2NQC GLN A 12 ? UNP Q14315 ? ? 'expression tag' 2452 12 
1 2NQC MET A 13 ? UNP Q14315 ? ? 'expression tag' 2453 13 
1 2NQC GLY A 14 ? UNP Q14315 ? ? 'expression tag' 2454 14 
1 2NQC ARG A 15 ? UNP Q14315 ? ? 'expression tag' 2455 15 
1 2NQC GLY A 16 ? UNP Q14315 ? ? 'expression tag' 2456 16 
1 2NQC SER A 17 ? UNP Q14315 ? ? 'expression tag' 2457 17 
1 2NQC GLY A 18 ? UNP Q14315 ? ? 'expression tag' 2458 18 
1 2NQC SER A 19 ? UNP Q14315 ? ? 'expression tag' 2459 19 
1 2NQC HIS A 20 ? UNP Q14315 ? ? 'expression tag' 2460 20 
1 2NQC MET A 21 ? UNP Q14315 ? ? 'expression tag' 2461 21 
1 2NQC ALA A 22 ? UNP Q14315 ? ? 'expression tag' 2462 22 
1 2NQC SER A 23 ? UNP Q14315 ? ? 'expression tag' 2463 23 
1 2NQC MET A 24 ? UNP Q14315 ? ? 'expression tag' 2464 24 
1 2NQC THR A 25 ? UNP Q14315 ? ? 'expression tag' 2465 25 
1 2NQC GLY A 26 ? UNP Q14315 ? ? 'expression tag' 2466 26 
1 2NQC GLY A 27 ? UNP Q14315 ? ? 'expression tag' 2467 27 
1 2NQC GLN A 28 ? UNP Q14315 ? ? 'expression tag' 2468 28 
1 2NQC GLN A 29 ? UNP Q14315 ? ? 'expression tag' 2469 29 
1 2NQC MET A 30 ? UNP Q14315 ? ? 'expression tag' 2470 30 
1 2NQC GLY A 31 ? UNP Q14315 ? ? 'expression tag' 2471 31 
1 2NQC ARG A 32 ? UNP Q14315 ? ? 'expression tag' 2472 32 
1 2NQC GLY A 33 ? UNP Q14315 ? ? 'expression tag' 2473 33 
1 2NQC SER A 34 ? UNP Q14315 ? ? 'expression tag' 2474 34 
# 
_pdbx_struct_assembly.id                   1 
_pdbx_struct_assembly.details              author_defined_assembly 
_pdbx_struct_assembly.method_details       ? 
_pdbx_struct_assembly.oligomeric_details   monomeric 
_pdbx_struct_assembly.oligomeric_count     1 
# 
_pdbx_struct_assembly_gen.assembly_id       1 
_pdbx_struct_assembly_gen.oper_expression   1 
_pdbx_struct_assembly_gen.asym_id_list      A,B,C,D,E,F,G 
# 
_pdbx_struct_oper_list.id                   1 
_pdbx_struct_oper_list.type                 'identity operation' 
_pdbx_struct_oper_list.name                 1_555 
_pdbx_struct_oper_list.symmetry_operation   x,y,z 
_pdbx_struct_oper_list.matrix[1][1]         1.0000000000 
_pdbx_struct_oper_list.matrix[1][2]         0.0000000000 
_pdbx_struct_oper_list.matrix[1][3]         0.0000000000 
_pdbx_struct_oper_list.vector[1]            0.0000000000 
_pdbx_struct_oper_list.matrix[2][1]         0.0000000000 
_pdbx_struct_oper_list.matrix[2][2]         1.0000000000 
_pdbx_struct_oper_list.matrix[2][3]         0.0000000000 
_pdbx_struct_oper_list.vector[2]            0.0000000000 
_pdbx_struct_oper_list.matrix[3][1]         0.0000000000 
_pdbx_struct_oper_list.matrix[3][2]         0.0000000000 
_pdbx_struct_oper_list.matrix[3][3]         1.0000000000 
_pdbx_struct_oper_list.vector[3]            0.0000000000 
# 
_struct_biol.id        1 
_struct_biol.details   ? 
# 
loop_
_struct_conf.conf_type_id 
_struct_conf.id 
_struct_conf.pdbx_PDB_helix_id 
_struct_conf.beg_label_comp_id 
_struct_conf.beg_label_asym_id 
_struct_conf.beg_label_seq_id 
_struct_conf.pdbx_beg_PDB_ins_code 
_struct_conf.end_label_comp_id 
_struct_conf.end_label_asym_id 
_struct_conf.end_label_seq_id 
_struct_conf.pdbx_end_PDB_ins_code 
_struct_conf.beg_auth_comp_id 
_struct_conf.beg_auth_asym_id 
_struct_conf.beg_auth_seq_id 
_struct_conf.end_auth_comp_id 
_struct_conf.end_auth_asym_id 
_struct_conf.end_auth_seq_id 
_struct_conf.pdbx_PDB_helix_class 
_struct_conf.details 
_struct_conf.pdbx_PDB_helix_length 
HELX_P HELX_P1 1 ASP A 44 ? VAL A 48 ? ASP A 2484 VAL A 2488 5 ? 5 
HELX_P HELX_P2 2 GLY A 52 ? LEU A 55 ? GLY A 2492 LEU A 2495 5 ? 4 
# 
_struct_conf_type.id          HELX_P 
_struct_conf_type.criteria    ? 
_struct_conf_type.reference   ? 
# 
loop_
_struct_conn.id 
_struct_conn.conn_type_id 
_struct_conn.pdbx_leaving_atom_flag 
_struct_conn.pdbx_PDB_id 
_struct_conn.ptnr1_label_asym_id 
_struct_conn.ptnr1_label_comp_id 
_struct_conn.ptnr1_label_seq_id 
_struct_conn.ptnr1_label_atom_id 
_struct_conn.pdbx_ptnr1_label_alt_id 
_struct_conn.pdbx_ptnr1_PDB_ins_code 
_struct_conn.pdbx_ptnr1_standard_comp_id 
_struct_conn.ptnr1_symmetry 
_struct_conn.ptnr2_label_asym_id 
_struct_conn.ptnr2_label_comp_id 
_struct_conn.ptnr2_label_seq_id 
_struct_conn.ptnr2_label_atom_id 
_struct_conn.pdbx_ptnr2_label_alt_id 
_struct_conn.pdbx_ptnr2_PDB_ins_code 
_struct_conn.ptnr1_auth_asym_id 
_struct_conn.ptnr1_auth_comp_id 
_struct_conn.ptnr1_auth_seq_id 
_struct_conn.ptnr2_auth_asym_id 
_struct_conn.ptnr2_auth_comp_id 
_struct_conn.ptnr2_auth_seq_id 
_struct_conn.ptnr2_symmetry 
_struct_conn.pdbx_ptnr3_label_atom_id 
_struct_conn.pdbx_ptnr3_label_seq_id 
_struct_conn.pdbx_ptnr3_label_comp_id 
_struct_conn.pdbx_ptnr3_label_asym_id 
_struct_conn.pdbx_ptnr3_label_alt_id 
_struct_conn.pdbx_ptnr3_PDB_ins_code 
_struct_conn.details 
_struct_conn.pdbx_dist_value 
_struct_conn.pdbx_value_order 
_struct_conn.pdbx_role 
metalc1 metalc ? ? B NI . NI ? ? ? 1_555 C IMD .  N1  ? ? A NI 101 A IMD 201  1_555 ? ? ? ? ? ? ? 1.924 ? ? 
metalc2 metalc ? ? B NI . NI ? ? ? 1_555 D IMD .  N3  ? ? A NI 101 A IMD 301  1_555 ? ? ? ? ? ? ? 2.012 ? ? 
metalc3 metalc ? ? B NI . NI ? ? ? 1_555 A CYS 92 SG  ? ? A NI 101 A CYS 2532 1_555 ? ? ? ? ? ? ? 2.259 ? ? 
metalc4 metalc ? ? B NI . NI ? ? ? 1_555 A HIS 99 ND1 ? ? A NI 101 A HIS 2539 1_555 ? ? ? ? ? ? ? 2.169 ? ? 
# 
_struct_conn_type.id          metalc 
_struct_conn_type.criteria    ? 
_struct_conn_type.reference   ? 
# 
loop_
_pdbx_struct_conn_angle.id 
_pdbx_struct_conn_angle.ptnr1_label_atom_id 
_pdbx_struct_conn_angle.ptnr1_label_alt_id 
_pdbx_struct_conn_angle.ptnr1_label_asym_id 
_pdbx_struct_conn_angle.ptnr1_label_comp_id 
_pdbx_struct_conn_angle.ptnr1_label_seq_id 
_pdbx_struct_conn_angle.ptnr1_auth_atom_id 
_pdbx_struct_conn_angle.ptnr1_auth_asym_id 
_pdbx_struct_conn_angle.ptnr1_auth_comp_id 
_pdbx_struct_conn_angle.ptnr1_auth_seq_id 
_pdbx_struct_conn_angle.ptnr1_PDB_ins_code 
_pdbx_struct_conn_angle.ptnr1_symmetry 
_pdbx_struct_conn_angle.ptnr2_label_atom_id 
_pdbx_struct_conn_angle.ptnr2_label_alt_id 
_pdbx_struct_conn_angle.ptnr2_label_asym_id 
_pdbx_struct_conn_angle.ptnr2_label_comp_id 
_pdbx_struct_conn_angle.ptnr2_label_seq_id 
_pdbx_struct_conn_angle.ptnr2_auth_atom_id 
_pdbx_struct_conn_angle.ptnr2_auth_asym_id 
_pdbx_struct_conn_angle.ptnr2_auth_comp_id 
_pdbx_struct_conn_angle.ptnr2_auth_seq_id 
_pdbx_struct_conn_angle.ptnr2_PDB_ins_code 
_pdbx_struct_conn_angle.ptnr2_symmetry 
_pdbx_struct_conn_angle.ptnr3_label_atom_id 
_pdbx_struct_conn_angle.ptnr3_label_alt_id 
_pdbx_struct_conn_angle.ptnr3_label_asym_id 
_pdbx_struct_conn_angle.ptnr3_label_comp_id 
_pdbx_struct_conn_angle.ptnr3_label_seq_id 
_pdbx_struct_conn_angle.ptnr3_auth_atom_id 
_pdbx_struct_conn_angle.ptnr3_auth_asym_id 
_pdbx_struct_conn_angle.ptnr3_auth_comp_id 
_pdbx_struct_conn_angle.ptnr3_auth_seq_id 
_pdbx_struct_conn_angle.ptnr3_PDB_ins_code 
_pdbx_struct_conn_angle.ptnr3_symmetry 
_pdbx_struct_conn_angle.value 
_pdbx_struct_conn_angle.value_esd 
1 N1 ? C IMD .  ? A IMD 201  ? 1_555 NI ? B NI . ? A NI 101 ? 1_555 N3  ? D IMD .  ? A IMD 301  ? 1_555 115.5 ? 
2 N1 ? C IMD .  ? A IMD 201  ? 1_555 NI ? B NI . ? A NI 101 ? 1_555 SG  ? A CYS 92 ? A CYS 2532 ? 1_555 106.9 ? 
3 N3 ? D IMD .  ? A IMD 301  ? 1_555 NI ? B NI . ? A NI 101 ? 1_555 SG  ? A CYS 92 ? A CYS 2532 ? 1_555 110.5 ? 
4 N1 ? C IMD .  ? A IMD 201  ? 1_555 NI ? B NI . ? A NI 101 ? 1_555 ND1 ? A HIS 99 ? A HIS 2539 ? 1_555 106.7 ? 
5 N3 ? D IMD .  ? A IMD 301  ? 1_555 NI ? B NI . ? A NI 101 ? 1_555 ND1 ? A HIS 99 ? A HIS 2539 ? 1_555 103.1 ? 
6 SG ? A CYS 92 ? A CYS 2532 ? 1_555 NI ? B NI . ? A NI 101 ? 1_555 ND1 ? A HIS 99 ? A HIS 2539 ? 1_555 114.4 ? 
# 
_struct_mon_prot_cis.pdbx_id                1 
_struct_mon_prot_cis.label_comp_id          SER 
_struct_mon_prot_cis.label_seq_id           126 
_struct_mon_prot_cis.label_asym_id          A 
_struct_mon_prot_cis.label_alt_id           . 
_struct_mon_prot_cis.pdbx_PDB_ins_code      ? 
_struct_mon_prot_cis.auth_comp_id           SER 
_struct_mon_prot_cis.auth_seq_id            2566 
_struct_mon_prot_cis.auth_asym_id           A 
_struct_mon_prot_cis.pdbx_label_comp_id_2   PRO 
_struct_mon_prot_cis.pdbx_label_seq_id_2    127 
_struct_mon_prot_cis.pdbx_label_asym_id_2   A 
_struct_mon_prot_cis.pdbx_PDB_ins_code_2    ? 
_struct_mon_prot_cis.pdbx_auth_comp_id_2    PRO 
_struct_mon_prot_cis.pdbx_auth_seq_id_2     2567 
_struct_mon_prot_cis.pdbx_auth_asym_id_2    A 
_struct_mon_prot_cis.pdbx_PDB_model_num     1 
_struct_mon_prot_cis.pdbx_omega_angle       2.37 
# 
loop_
_struct_sheet.id 
_struct_sheet.type 
_struct_sheet.number_strands 
_struct_sheet.details 
A ? 4 ? 
B ? 4 ? 
# 
loop_
_struct_sheet_order.sheet_id 
_struct_sheet_order.range_id_1 
_struct_sheet_order.range_id_2 
_struct_sheet_order.offset 
_struct_sheet_order.sense 
A 1 2 ? anti-parallel 
A 2 3 ? anti-parallel 
A 3 4 ? anti-parallel 
B 1 2 ? parallel      
B 2 3 ? anti-parallel 
B 3 4 ? anti-parallel 
# 
loop_
_struct_sheet_range.sheet_id 
_struct_sheet_range.id 
_struct_sheet_range.beg_label_comp_id 
_struct_sheet_range.beg_label_asym_id 
_struct_sheet_range.beg_label_seq_id 
_struct_sheet_range.pdbx_beg_PDB_ins_code 
_struct_sheet_range.end_label_comp_id 
_struct_sheet_range.end_label_asym_id 
_struct_sheet_range.end_label_seq_id 
_struct_sheet_range.pdbx_end_PDB_ins_code 
_struct_sheet_range.beg_auth_comp_id 
_struct_sheet_range.beg_auth_asym_id 
_struct_sheet_range.beg_auth_seq_id 
_struct_sheet_range.end_auth_comp_id 
_struct_sheet_range.end_auth_asym_id 
_struct_sheet_range.end_auth_seq_id 
A 1 SER A 49  ? TYR A 51  ? SER A 2489 TYR A 2491 
A 2 SER A 64  ? ASN A 69  ? SER A 2504 ASN A 2509 
A 3 GLY A 98  ? THR A 104 ? GLY A 2538 THR A 2544 
A 4 GLN A 89  ? CYS A 95  ? GLN A 2529 CYS A 2535 
B 1 GLY A 57  ? THR A 59  ? GLY A 2497 THR A 2499 
B 2 PHE A 128 ? THR A 133 ? PHE A 2568 THR A 2573 
B 3 GLY A 109 ? TYR A 117 ? GLY A 2549 TYR A 2557 
B 4 LEU A 78  ? ASP A 83  ? LEU A 2518 ASP A 2523 
# 
loop_
_pdbx_struct_sheet_hbond.sheet_id 
_pdbx_struct_sheet_hbond.range_id_1 
_pdbx_struct_sheet_hbond.range_id_2 
_pdbx_struct_sheet_hbond.range_1_label_atom_id 
_pdbx_struct_sheet_hbond.range_1_label_comp_id 
_pdbx_struct_sheet_hbond.range_1_label_asym_id 
_pdbx_struct_sheet_hbond.range_1_label_seq_id 
_pdbx_struct_sheet_hbond.range_1_PDB_ins_code 
_pdbx_struct_sheet_hbond.range_1_auth_atom_id 
_pdbx_struct_sheet_hbond.range_1_auth_comp_id 
_pdbx_struct_sheet_hbond.range_1_auth_asym_id 
_pdbx_struct_sheet_hbond.range_1_auth_seq_id 
_pdbx_struct_sheet_hbond.range_2_label_atom_id 
_pdbx_struct_sheet_hbond.range_2_label_comp_id 
_pdbx_struct_sheet_hbond.range_2_label_asym_id 
_pdbx_struct_sheet_hbond.range_2_label_seq_id 
_pdbx_struct_sheet_hbond.range_2_PDB_ins_code 
_pdbx_struct_sheet_hbond.range_2_auth_atom_id 
_pdbx_struct_sheet_hbond.range_2_auth_comp_id 
_pdbx_struct_sheet_hbond.range_2_auth_asym_id 
_pdbx_struct_sheet_hbond.range_2_auth_seq_id 
A 1 2 N SER A 49  ? N SER A 2489 O ASN A 69  ? O ASN A 2509 
A 2 3 N PHE A 66  ? N PHE A 2506 O VAL A 101 ? O VAL A 2541 
A 3 4 O GLY A 98  ? O GLY A 2538 N CYS A 95  ? N CYS A 2535 
B 1 2 N GLY A 58  ? N GLY A 2498 O THR A 133 ? O THR A 2573 
B 2 3 O PHE A 128 ? O PHE A 2568 N ILE A 113 ? N ILE A 2553 
B 3 4 O LEU A 112 ? O LEU A 2552 N ASP A 83  ? N ASP A 2523 
# 
loop_
_struct_site.id 
_struct_site.pdbx_evidence_code 
_struct_site.pdbx_auth_asym_id 
_struct_site.pdbx_auth_comp_id 
_struct_site.pdbx_auth_seq_id 
_struct_site.pdbx_auth_ins_code 
_struct_site.pdbx_num_residues 
_struct_site.details 
AC1 Software A NI  101 ? 4 'BINDING SITE FOR RESIDUE NI A 101'  
AC2 Software A IMD 201 ? 7 'BINDING SITE FOR RESIDUE IMD A 201' 
AC3 Software A IMD 301 ? 7 'BINDING SITE FOR RESIDUE IMD A 301' 
AC4 Software A GOL 401 ? 5 'BINDING SITE FOR RESIDUE GOL A 401' 
AC5 Software A GOL 501 ? 7 'BINDING SITE FOR RESIDUE GOL A 501' 
# 
loop_
_struct_site_gen.id 
_struct_site_gen.site_id 
_struct_site_gen.pdbx_num_res 
_struct_site_gen.label_comp_id 
_struct_site_gen.label_asym_id 
_struct_site_gen.label_seq_id 
_struct_site_gen.pdbx_auth_ins_code 
_struct_site_gen.auth_comp_id 
_struct_site_gen.auth_asym_id 
_struct_site_gen.auth_seq_id 
_struct_site_gen.label_atom_id 
_struct_site_gen.label_alt_id 
_struct_site_gen.symmetry 
_struct_site_gen.details 
1  AC1 4 IMD C .   ? IMD A 201  . ? 1_555 ? 
2  AC1 4 IMD D .   ? IMD A 301  . ? 1_555 ? 
3  AC1 4 CYS A 92  ? CYS A 2532 . ? 1_555 ? 
4  AC1 4 HIS A 99  ? HIS A 2539 . ? 1_555 ? 
5  AC2 7 HOH G .   ? HOH A 18   . ? 2_655 ? 
6  AC2 7 NI  B .   ? NI  A 101  . ? 1_555 ? 
7  AC2 7 IMD D .   ? IMD A 301  . ? 1_555 ? 
8  AC2 7 LEU A 78  ? LEU A 2518 . ? 1_555 ? 
9  AC2 7 CYS A 92  ? CYS A 2532 . ? 1_555 ? 
10 AC2 7 HIS A 99  ? HIS A 2539 . ? 1_555 ? 
11 AC2 7 LEU A 137 ? LEU A 2577 . ? 2_655 ? 
12 AC3 7 NI  B .   ? NI  A 101  . ? 1_555 ? 
13 AC3 7 IMD C .   ? IMD A 201  . ? 1_555 ? 
14 AC3 7 CYS A 92  ? CYS A 2532 . ? 1_555 ? 
15 AC3 7 GLU A 94  ? GLU A 2534 . ? 1_555 ? 
16 AC3 7 HIS A 99  ? HIS A 2539 . ? 1_555 ? 
17 AC3 7 LEU A 137 ? LEU A 2577 . ? 2_655 ? 
18 AC3 7 SER A 138 ? SER A 2578 . ? 2_655 ? 
19 AC4 5 VAL A 88  ? VAL A 2528 . ? 1_555 ? 
20 AC4 5 LEU A 90  ? LEU A 2530 . ? 1_555 ? 
21 AC4 5 PRO A 108 ? PRO A 2548 . ? 2_655 ? 
22 AC4 5 THR A 133 ? THR A 2573 . ? 2_655 ? 
23 AC4 5 GLY A 134 ? GLY A 2574 . ? 2_655 ? 
24 AC5 7 HOH G .   ? HOH A 26   . ? 4_655 ? 
25 AC5 7 HOH G .   ? HOH A 42   . ? 4_655 ? 
26 AC5 7 ALA A 50  ? ALA A 2490 . ? 4_655 ? 
27 AC5 7 TYR A 51  ? TYR A 2491 . ? 4_655 ? 
28 AC5 7 SER A 86  ? SER A 2526 . ? 1_555 ? 
29 AC5 7 LYS A 87  ? LYS A 2527 . ? 1_555 ? 
30 AC5 7 ARG A 136 ? ARG A 2576 . ? 1_555 ? 
# 
_pdbx_validate_rmsd_bond.id                        1 
_pdbx_validate_rmsd_bond.PDB_model_num             1 
_pdbx_validate_rmsd_bond.auth_atom_id_1            CB 
_pdbx_validate_rmsd_bond.auth_asym_id_1            A 
_pdbx_validate_rmsd_bond.auth_comp_id_1            GLU 
_pdbx_validate_rmsd_bond.auth_seq_id_1             2537 
_pdbx_validate_rmsd_bond.PDB_ins_code_1            ? 
_pdbx_validate_rmsd_bond.label_alt_id_1            ? 
_pdbx_validate_rmsd_bond.auth_atom_id_2            CG 
_pdbx_validate_rmsd_bond.auth_asym_id_2            A 
_pdbx_validate_rmsd_bond.auth_comp_id_2            GLU 
_pdbx_validate_rmsd_bond.auth_seq_id_2             2537 
_pdbx_validate_rmsd_bond.PDB_ins_code_2            ? 
_pdbx_validate_rmsd_bond.label_alt_id_2            ? 
_pdbx_validate_rmsd_bond.bond_value                1.679 
_pdbx_validate_rmsd_bond.bond_target_value         1.517 
_pdbx_validate_rmsd_bond.bond_deviation            0.162 
_pdbx_validate_rmsd_bond.bond_standard_deviation   0.019 
_pdbx_validate_rmsd_bond.linker_flag               N 
# 
loop_
_pdbx_unobs_or_zero_occ_residues.id 
_pdbx_unobs_or_zero_occ_residues.PDB_model_num 
_pdbx_unobs_or_zero_occ_residues.polymer_flag 
_pdbx_unobs_or_zero_occ_residues.occupancy_flag 
_pdbx_unobs_or_zero_occ_residues.auth_asym_id 
_pdbx_unobs_or_zero_occ_residues.auth_comp_id 
_pdbx_unobs_or_zero_occ_residues.auth_seq_id 
_pdbx_unobs_or_zero_occ_residues.PDB_ins_code 
_pdbx_unobs_or_zero_occ_residues.label_asym_id 
_pdbx_unobs_or_zero_occ_residues.label_comp_id 
_pdbx_unobs_or_zero_occ_residues.label_seq_id 
1  1 Y 1 A GLY 2441 ? A GLY 1  
2  1 Y 1 A SER 2442 ? A SER 2  
3  1 Y 1 A HIS 2443 ? A HIS 3  
4  1 Y 1 A MET 2444 ? A MET 4  
5  1 Y 1 A ALA 2445 ? A ALA 5  
6  1 Y 1 A SER 2446 ? A SER 6  
7  1 Y 1 A MET 2447 ? A MET 7  
8  1 Y 1 A THR 2448 ? A THR 8  
9  1 Y 1 A GLY 2449 ? A GLY 9  
10 1 Y 1 A GLY 2450 ? A GLY 10 
11 1 Y 1 A GLN 2451 ? A GLN 11 
12 1 Y 1 A GLN 2452 ? A GLN 12 
13 1 Y 1 A MET 2453 ? A MET 13 
14 1 Y 1 A GLY 2454 ? A GLY 14 
15 1 Y 1 A ARG 2455 ? A ARG 15 
16 1 Y 1 A GLY 2456 ? A GLY 16 
17 1 Y 1 A SER 2457 ? A SER 17 
18 1 Y 1 A GLY 2458 ? A GLY 18 
19 1 Y 1 A SER 2459 ? A SER 19 
20 1 Y 1 A HIS 2460 ? A HIS 20 
21 1 Y 1 A MET 2461 ? A MET 21 
22 1 Y 1 A ALA 2462 ? A ALA 22 
23 1 Y 1 A SER 2463 ? A SER 23 
24 1 Y 1 A MET 2464 ? A MET 24 
25 1 Y 1 A THR 2465 ? A THR 25 
26 1 Y 1 A GLY 2466 ? A GLY 26 
27 1 Y 1 A GLY 2467 ? A GLY 27 
28 1 Y 1 A GLN 2468 ? A GLN 28 
29 1 Y 1 A GLN 2469 ? A GLN 29 
30 1 Y 1 A MET 2470 ? A MET 30 
31 1 Y 1 A GLY 2471 ? A GLY 31 
32 1 Y 1 A ARG 2472 ? A ARG 32 
33 1 Y 1 A GLY 2473 ? A GLY 33 
34 1 Y 1 A SER 2474 ? A SER 34 
35 1 Y 1 A ARG 2475 ? A ARG 35 
36 1 Y 1 A VAL 2476 ? A VAL 36 
37 1 Y 1 A GLY 2477 ? A GLY 37 
38 1 Y 1 A GLU 2478 ? A GLU 38 
39 1 Y 1 A GLN 2479 ? A GLN 39 
40 1 Y 1 A SER 2480 ? A SER 40 
41 1 Y 1 A GLN 2481 ? A GLN 41 
# 
loop_
_chem_comp_atom.comp_id 
_chem_comp_atom.atom_id 
_chem_comp_atom.type_symbol 
_chem_comp_atom.pdbx_aromatic_flag 
_chem_comp_atom.pdbx_stereo_config 
_chem_comp_atom.pdbx_ordinal 
ALA N    N  N N 1   
ALA CA   C  N S 2   
ALA C    C  N N 3   
ALA O    O  N N 4   
ALA CB   C  N N 5   
ALA OXT  O  N N 6   
ALA H    H  N N 7   
ALA H2   H  N N 8   
ALA HA   H  N N 9   
ALA HB1  H  N N 10  
ALA HB2  H  N N 11  
ALA HB3  H  N N 12  
ALA HXT  H  N N 13  
ARG N    N  N N 14  
ARG CA   C  N S 15  
ARG C    C  N N 16  
ARG O    O  N N 17  
ARG CB   C  N N 18  
ARG CG   C  N N 19  
ARG CD   C  N N 20  
ARG NE   N  N N 21  
ARG CZ   C  N N 22  
ARG NH1  N  N N 23  
ARG NH2  N  N N 24  
ARG OXT  O  N N 25  
ARG H    H  N N 26  
ARG H2   H  N N 27  
ARG HA   H  N N 28  
ARG HB2  H  N N 29  
ARG HB3  H  N N 30  
ARG HG2  H  N N 31  
ARG HG3  H  N N 32  
ARG HD2  H  N N 33  
ARG HD3  H  N N 34  
ARG HE   H  N N 35  
ARG HH11 H  N N 36  
ARG HH12 H  N N 37  
ARG HH21 H  N N 38  
ARG HH22 H  N N 39  
ARG HXT  H  N N 40  
ASN N    N  N N 41  
ASN CA   C  N S 42  
ASN C    C  N N 43  
ASN O    O  N N 44  
ASN CB   C  N N 45  
ASN CG   C  N N 46  
ASN OD1  O  N N 47  
ASN ND2  N  N N 48  
ASN OXT  O  N N 49  
ASN H    H  N N 50  
ASN H2   H  N N 51  
ASN HA   H  N N 52  
ASN HB2  H  N N 53  
ASN HB3  H  N N 54  
ASN HD21 H  N N 55  
ASN HD22 H  N N 56  
ASN HXT  H  N N 57  
ASP N    N  N N 58  
ASP CA   C  N S 59  
ASP C    C  N N 60  
ASP O    O  N N 61  
ASP CB   C  N N 62  
ASP CG   C  N N 63  
ASP OD1  O  N N 64  
ASP OD2  O  N N 65  
ASP OXT  O  N N 66  
ASP H    H  N N 67  
ASP H2   H  N N 68  
ASP HA   H  N N 69  
ASP HB2  H  N N 70  
ASP HB3  H  N N 71  
ASP HD2  H  N N 72  
ASP HXT  H  N N 73  
CYS N    N  N N 74  
CYS CA   C  N R 75  
CYS C    C  N N 76  
CYS O    O  N N 77  
CYS CB   C  N N 78  
CYS SG   S  N N 79  
CYS OXT  O  N N 80  
CYS H    H  N N 81  
CYS H2   H  N N 82  
CYS HA   H  N N 83  
CYS HB2  H  N N 84  
CYS HB3  H  N N 85  
CYS HG   H  N N 86  
CYS HXT  H  N N 87  
GLN N    N  N N 88  
GLN CA   C  N S 89  
GLN C    C  N N 90  
GLN O    O  N N 91  
GLN CB   C  N N 92  
GLN CG   C  N N 93  
GLN CD   C  N N 94  
GLN OE1  O  N N 95  
GLN NE2  N  N N 96  
GLN OXT  O  N N 97  
GLN H    H  N N 98  
GLN H2   H  N N 99  
GLN HA   H  N N 100 
GLN HB2  H  N N 101 
GLN HB3  H  N N 102 
GLN HG2  H  N N 103 
GLN HG3  H  N N 104 
GLN HE21 H  N N 105 
GLN HE22 H  N N 106 
GLN HXT  H  N N 107 
GLU N    N  N N 108 
GLU CA   C  N S 109 
GLU C    C  N N 110 
GLU O    O  N N 111 
GLU CB   C  N N 112 
GLU CG   C  N N 113 
GLU CD   C  N N 114 
GLU OE1  O  N N 115 
GLU OE2  O  N N 116 
GLU OXT  O  N N 117 
GLU H    H  N N 118 
GLU H2   H  N N 119 
GLU HA   H  N N 120 
GLU HB2  H  N N 121 
GLU HB3  H  N N 122 
GLU HG2  H  N N 123 
GLU HG3  H  N N 124 
GLU HE2  H  N N 125 
GLU HXT  H  N N 126 
GLY N    N  N N 127 
GLY CA   C  N N 128 
GLY C    C  N N 129 
GLY O    O  N N 130 
GLY OXT  O  N N 131 
GLY H    H  N N 132 
GLY H2   H  N N 133 
GLY HA2  H  N N 134 
GLY HA3  H  N N 135 
GLY HXT  H  N N 136 
GOL C1   C  N N 137 
GOL O1   O  N N 138 
GOL C2   C  N N 139 
GOL O2   O  N N 140 
GOL C3   C  N N 141 
GOL O3   O  N N 142 
GOL H11  H  N N 143 
GOL H12  H  N N 144 
GOL HO1  H  N N 145 
GOL H2   H  N N 146 
GOL HO2  H  N N 147 
GOL H31  H  N N 148 
GOL H32  H  N N 149 
GOL HO3  H  N N 150 
HIS N    N  N N 151 
HIS CA   C  N S 152 
HIS C    C  N N 153 
HIS O    O  N N 154 
HIS CB   C  N N 155 
HIS CG   C  Y N 156 
HIS ND1  N  Y N 157 
HIS CD2  C  Y N 158 
HIS CE1  C  Y N 159 
HIS NE2  N  Y N 160 
HIS OXT  O  N N 161 
HIS H    H  N N 162 
HIS H2   H  N N 163 
HIS HA   H  N N 164 
HIS HB2  H  N N 165 
HIS HB3  H  N N 166 
HIS HD1  H  N N 167 
HIS HD2  H  N N 168 
HIS HE1  H  N N 169 
HIS HE2  H  N N 170 
HIS HXT  H  N N 171 
HOH O    O  N N 172 
HOH H1   H  N N 173 
HOH H2   H  N N 174 
ILE N    N  N N 175 
ILE CA   C  N S 176 
ILE C    C  N N 177 
ILE O    O  N N 178 
ILE CB   C  N S 179 
ILE CG1  C  N N 180 
ILE CG2  C  N N 181 
ILE CD1  C  N N 182 
ILE OXT  O  N N 183 
ILE H    H  N N 184 
ILE H2   H  N N 185 
ILE HA   H  N N 186 
ILE HB   H  N N 187 
ILE HG12 H  N N 188 
ILE HG13 H  N N 189 
ILE HG21 H  N N 190 
ILE HG22 H  N N 191 
ILE HG23 H  N N 192 
ILE HD11 H  N N 193 
ILE HD12 H  N N 194 
ILE HD13 H  N N 195 
ILE HXT  H  N N 196 
IMD N1   N  Y N 197 
IMD C2   C  Y N 198 
IMD N3   N  Y N 199 
IMD C4   C  Y N 200 
IMD C5   C  Y N 201 
IMD HN1  H  N N 202 
IMD H2   H  N N 203 
IMD HN3  H  N N 204 
IMD H4   H  N N 205 
IMD H5   H  N N 206 
LEU N    N  N N 207 
LEU CA   C  N S 208 
LEU C    C  N N 209 
LEU O    O  N N 210 
LEU CB   C  N N 211 
LEU CG   C  N N 212 
LEU CD1  C  N N 213 
LEU CD2  C  N N 214 
LEU OXT  O  N N 215 
LEU H    H  N N 216 
LEU H2   H  N N 217 
LEU HA   H  N N 218 
LEU HB2  H  N N 219 
LEU HB3  H  N N 220 
LEU HG   H  N N 221 
LEU HD11 H  N N 222 
LEU HD12 H  N N 223 
LEU HD13 H  N N 224 
LEU HD21 H  N N 225 
LEU HD22 H  N N 226 
LEU HD23 H  N N 227 
LEU HXT  H  N N 228 
LYS N    N  N N 229 
LYS CA   C  N S 230 
LYS C    C  N N 231 
LYS O    O  N N 232 
LYS CB   C  N N 233 
LYS CG   C  N N 234 
LYS CD   C  N N 235 
LYS CE   C  N N 236 
LYS NZ   N  N N 237 
LYS OXT  O  N N 238 
LYS H    H  N N 239 
LYS H2   H  N N 240 
LYS HA   H  N N 241 
LYS HB2  H  N N 242 
LYS HB3  H  N N 243 
LYS HG2  H  N N 244 
LYS HG3  H  N N 245 
LYS HD2  H  N N 246 
LYS HD3  H  N N 247 
LYS HE2  H  N N 248 
LYS HE3  H  N N 249 
LYS HZ1  H  N N 250 
LYS HZ2  H  N N 251 
LYS HZ3  H  N N 252 
LYS HXT  H  N N 253 
MET N    N  N N 254 
MET CA   C  N S 255 
MET C    C  N N 256 
MET O    O  N N 257 
MET CB   C  N N 258 
MET CG   C  N N 259 
MET SD   S  N N 260 
MET CE   C  N N 261 
MET OXT  O  N N 262 
MET H    H  N N 263 
MET H2   H  N N 264 
MET HA   H  N N 265 
MET HB2  H  N N 266 
MET HB3  H  N N 267 
MET HG2  H  N N 268 
MET HG3  H  N N 269 
MET HE1  H  N N 270 
MET HE2  H  N N 271 
MET HE3  H  N N 272 
MET HXT  H  N N 273 
NI  NI   NI N N 274 
PHE N    N  N N 275 
PHE CA   C  N S 276 
PHE C    C  N N 277 
PHE O    O  N N 278 
PHE CB   C  N N 279 
PHE CG   C  Y N 280 
PHE CD1  C  Y N 281 
PHE CD2  C  Y N 282 
PHE CE1  C  Y N 283 
PHE CE2  C  Y N 284 
PHE CZ   C  Y N 285 
PHE OXT  O  N N 286 
PHE H    H  N N 287 
PHE H2   H  N N 288 
PHE HA   H  N N 289 
PHE HB2  H  N N 290 
PHE HB3  H  N N 291 
PHE HD1  H  N N 292 
PHE HD2  H  N N 293 
PHE HE1  H  N N 294 
PHE HE2  H  N N 295 
PHE HZ   H  N N 296 
PHE HXT  H  N N 297 
PRO N    N  N N 298 
PRO CA   C  N S 299 
PRO C    C  N N 300 
PRO O    O  N N 301 
PRO CB   C  N N 302 
PRO CG   C  N N 303 
PRO CD   C  N N 304 
PRO OXT  O  N N 305 
PRO H    H  N N 306 
PRO HA   H  N N 307 
PRO HB2  H  N N 308 
PRO HB3  H  N N 309 
PRO HG2  H  N N 310 
PRO HG3  H  N N 311 
PRO HD2  H  N N 312 
PRO HD3  H  N N 313 
PRO HXT  H  N N 314 
SER N    N  N N 315 
SER CA   C  N S 316 
SER C    C  N N 317 
SER O    O  N N 318 
SER CB   C  N N 319 
SER OG   O  N N 320 
SER OXT  O  N N 321 
SER H    H  N N 322 
SER H2   H  N N 323 
SER HA   H  N N 324 
SER HB2  H  N N 325 
SER HB3  H  N N 326 
SER HG   H  N N 327 
SER HXT  H  N N 328 
THR N    N  N N 329 
THR CA   C  N S 330 
THR C    C  N N 331 
THR O    O  N N 332 
THR CB   C  N R 333 
THR OG1  O  N N 334 
THR CG2  C  N N 335 
THR OXT  O  N N 336 
THR H    H  N N 337 
THR H2   H  N N 338 
THR HA   H  N N 339 
THR HB   H  N N 340 
THR HG1  H  N N 341 
THR HG21 H  N N 342 
THR HG22 H  N N 343 
THR HG23 H  N N 344 
THR HXT  H  N N 345 
TYR N    N  N N 346 
TYR CA   C  N S 347 
TYR C    C  N N 348 
TYR O    O  N N 349 
TYR CB   C  N N 350 
TYR CG   C  Y N 351 
TYR CD1  C  Y N 352 
TYR CD2  C  Y N 353 
TYR CE1  C  Y N 354 
TYR CE2  C  Y N 355 
TYR CZ   C  Y N 356 
TYR OH   O  N N 357 
TYR OXT  O  N N 358 
TYR H    H  N N 359 
TYR H2   H  N N 360 
TYR HA   H  N N 361 
TYR HB2  H  N N 362 
TYR HB3  H  N N 363 
TYR HD1  H  N N 364 
TYR HD2  H  N N 365 
TYR HE1  H  N N 366 
TYR HE2  H  N N 367 
TYR HH   H  N N 368 
TYR HXT  H  N N 369 
VAL N    N  N N 370 
VAL CA   C  N S 371 
VAL C    C  N N 372 
VAL O    O  N N 373 
VAL CB   C  N N 374 
VAL CG1  C  N N 375 
VAL CG2  C  N N 376 
VAL OXT  O  N N 377 
VAL H    H  N N 378 
VAL H2   H  N N 379 
VAL HA   H  N N 380 
VAL HB   H  N N 381 
VAL HG11 H  N N 382 
VAL HG12 H  N N 383 
VAL HG13 H  N N 384 
VAL HG21 H  N N 385 
VAL HG22 H  N N 386 
VAL HG23 H  N N 387 
VAL HXT  H  N N 388 
# 
loop_
_chem_comp_bond.comp_id 
_chem_comp_bond.atom_id_1 
_chem_comp_bond.atom_id_2 
_chem_comp_bond.value_order 
_chem_comp_bond.pdbx_aromatic_flag 
_chem_comp_bond.pdbx_stereo_config 
_chem_comp_bond.pdbx_ordinal 
ALA N   CA   sing N N 1   
ALA N   H    sing N N 2   
ALA N   H2   sing N N 3   
ALA CA  C    sing N N 4   
ALA CA  CB   sing N N 5   
ALA CA  HA   sing N N 6   
ALA C   O    doub N N 7   
ALA C   OXT  sing N N 8   
ALA CB  HB1  sing N N 9   
ALA CB  HB2  sing N N 10  
ALA CB  HB3  sing N N 11  
ALA OXT HXT  sing N N 12  
ARG N   CA   sing N N 13  
ARG N   H    sing N N 14  
ARG N   H2   sing N N 15  
ARG CA  C    sing N N 16  
ARG CA  CB   sing N N 17  
ARG CA  HA   sing N N 18  
ARG C   O    doub N N 19  
ARG C   OXT  sing N N 20  
ARG CB  CG   sing N N 21  
ARG CB  HB2  sing N N 22  
ARG CB  HB3  sing N N 23  
ARG CG  CD   sing N N 24  
ARG CG  HG2  sing N N 25  
ARG CG  HG3  sing N N 26  
ARG CD  NE   sing N N 27  
ARG CD  HD2  sing N N 28  
ARG CD  HD3  sing N N 29  
ARG NE  CZ   sing N N 30  
ARG NE  HE   sing N N 31  
ARG CZ  NH1  sing N N 32  
ARG CZ  NH2  doub N N 33  
ARG NH1 HH11 sing N N 34  
ARG NH1 HH12 sing N N 35  
ARG NH2 HH21 sing N N 36  
ARG NH2 HH22 sing N N 37  
ARG OXT HXT  sing N N 38  
ASN N   CA   sing N N 39  
ASN N   H    sing N N 40  
ASN N   H2   sing N N 41  
ASN CA  C    sing N N 42  
ASN CA  CB   sing N N 43  
ASN CA  HA   sing N N 44  
ASN C   O    doub N N 45  
ASN C   OXT  sing N N 46  
ASN CB  CG   sing N N 47  
ASN CB  HB2  sing N N 48  
ASN CB  HB3  sing N N 49  
ASN CG  OD1  doub N N 50  
ASN CG  ND2  sing N N 51  
ASN ND2 HD21 sing N N 52  
ASN ND2 HD22 sing N N 53  
ASN OXT HXT  sing N N 54  
ASP N   CA   sing N N 55  
ASP N   H    sing N N 56  
ASP N   H2   sing N N 57  
ASP CA  C    sing N N 58  
ASP CA  CB   sing N N 59  
ASP CA  HA   sing N N 60  
ASP C   O    doub N N 61  
ASP C   OXT  sing N N 62  
ASP CB  CG   sing N N 63  
ASP CB  HB2  sing N N 64  
ASP CB  HB3  sing N N 65  
ASP CG  OD1  doub N N 66  
ASP CG  OD2  sing N N 67  
ASP OD2 HD2  sing N N 68  
ASP OXT HXT  sing N N 69  
CYS N   CA   sing N N 70  
CYS N   H    sing N N 71  
CYS N   H2   sing N N 72  
CYS CA  C    sing N N 73  
CYS CA  CB   sing N N 74  
CYS CA  HA   sing N N 75  
CYS C   O    doub N N 76  
CYS C   OXT  sing N N 77  
CYS CB  SG   sing N N 78  
CYS CB  HB2  sing N N 79  
CYS CB  HB3  sing N N 80  
CYS SG  HG   sing N N 81  
CYS OXT HXT  sing N N 82  
GLN N   CA   sing N N 83  
GLN N   H    sing N N 84  
GLN N   H2   sing N N 85  
GLN CA  C    sing N N 86  
GLN CA  CB   sing N N 87  
GLN CA  HA   sing N N 88  
GLN C   O    doub N N 89  
GLN C   OXT  sing N N 90  
GLN CB  CG   sing N N 91  
GLN CB  HB2  sing N N 92  
GLN CB  HB3  sing N N 93  
GLN CG  CD   sing N N 94  
GLN CG  HG2  sing N N 95  
GLN CG  HG3  sing N N 96  
GLN CD  OE1  doub N N 97  
GLN CD  NE2  sing N N 98  
GLN NE2 HE21 sing N N 99  
GLN NE2 HE22 sing N N 100 
GLN OXT HXT  sing N N 101 
GLU N   CA   sing N N 102 
GLU N   H    sing N N 103 
GLU N   H2   sing N N 104 
GLU CA  C    sing N N 105 
GLU CA  CB   sing N N 106 
GLU CA  HA   sing N N 107 
GLU C   O    doub N N 108 
GLU C   OXT  sing N N 109 
GLU CB  CG   sing N N 110 
GLU CB  HB2  sing N N 111 
GLU CB  HB3  sing N N 112 
GLU CG  CD   sing N N 113 
GLU CG  HG2  sing N N 114 
GLU CG  HG3  sing N N 115 
GLU CD  OE1  doub N N 116 
GLU CD  OE2  sing N N 117 
GLU OE2 HE2  sing N N 118 
GLU OXT HXT  sing N N 119 
GLY N   CA   sing N N 120 
GLY N   H    sing N N 121 
GLY N   H2   sing N N 122 
GLY CA  C    sing N N 123 
GLY CA  HA2  sing N N 124 
GLY CA  HA3  sing N N 125 
GLY C   O    doub N N 126 
GLY C   OXT  sing N N 127 
GLY OXT HXT  sing N N 128 
GOL C1  O1   sing N N 129 
GOL C1  C2   sing N N 130 
GOL C1  H11  sing N N 131 
GOL C1  H12  sing N N 132 
GOL O1  HO1  sing N N 133 
GOL C2  O2   sing N N 134 
GOL C2  C3   sing N N 135 
GOL C2  H2   sing N N 136 
GOL O2  HO2  sing N N 137 
GOL C3  O3   sing N N 138 
GOL C3  H31  sing N N 139 
GOL C3  H32  sing N N 140 
GOL O3  HO3  sing N N 141 
HIS N   CA   sing N N 142 
HIS N   H    sing N N 143 
HIS N   H2   sing N N 144 
HIS CA  C    sing N N 145 
HIS CA  CB   sing N N 146 
HIS CA  HA   sing N N 147 
HIS C   O    doub N N 148 
HIS C   OXT  sing N N 149 
HIS CB  CG   sing N N 150 
HIS CB  HB2  sing N N 151 
HIS CB  HB3  sing N N 152 
HIS CG  ND1  sing Y N 153 
HIS CG  CD2  doub Y N 154 
HIS ND1 CE1  doub Y N 155 
HIS ND1 HD1  sing N N 156 
HIS CD2 NE2  sing Y N 157 
HIS CD2 HD2  sing N N 158 
HIS CE1 NE2  sing Y N 159 
HIS CE1 HE1  sing N N 160 
HIS NE2 HE2  sing N N 161 
HIS OXT HXT  sing N N 162 
HOH O   H1   sing N N 163 
HOH O   H2   sing N N 164 
ILE N   CA   sing N N 165 
ILE N   H    sing N N 166 
ILE N   H2   sing N N 167 
ILE CA  C    sing N N 168 
ILE CA  CB   sing N N 169 
ILE CA  HA   sing N N 170 
ILE C   O    doub N N 171 
ILE C   OXT  sing N N 172 
ILE CB  CG1  sing N N 173 
ILE CB  CG2  sing N N 174 
ILE CB  HB   sing N N 175 
ILE CG1 CD1  sing N N 176 
ILE CG1 HG12 sing N N 177 
ILE CG1 HG13 sing N N 178 
ILE CG2 HG21 sing N N 179 
ILE CG2 HG22 sing N N 180 
ILE CG2 HG23 sing N N 181 
ILE CD1 HD11 sing N N 182 
ILE CD1 HD12 sing N N 183 
ILE CD1 HD13 sing N N 184 
ILE OXT HXT  sing N N 185 
IMD N1  C2   sing Y N 186 
IMD N1  C5   sing Y N 187 
IMD N1  HN1  sing N N 188 
IMD C2  N3   doub Y N 189 
IMD C2  H2   sing N N 190 
IMD N3  C4   sing Y N 191 
IMD N3  HN3  sing N N 192 
IMD C4  C5   doub Y N 193 
IMD C4  H4   sing N N 194 
IMD C5  H5   sing N N 195 
LEU N   CA   sing N N 196 
LEU N   H    sing N N 197 
LEU N   H2   sing N N 198 
LEU CA  C    sing N N 199 
LEU CA  CB   sing N N 200 
LEU CA  HA   sing N N 201 
LEU C   O    doub N N 202 
LEU C   OXT  sing N N 203 
LEU CB  CG   sing N N 204 
LEU CB  HB2  sing N N 205 
LEU CB  HB3  sing N N 206 
LEU CG  CD1  sing N N 207 
LEU CG  CD2  sing N N 208 
LEU CG  HG   sing N N 209 
LEU CD1 HD11 sing N N 210 
LEU CD1 HD12 sing N N 211 
LEU CD1 HD13 sing N N 212 
LEU CD2 HD21 sing N N 213 
LEU CD2 HD22 sing N N 214 
LEU CD2 HD23 sing N N 215 
LEU OXT HXT  sing N N 216 
LYS N   CA   sing N N 217 
LYS N   H    sing N N 218 
LYS N   H2   sing N N 219 
LYS CA  C    sing N N 220 
LYS CA  CB   sing N N 221 
LYS CA  HA   sing N N 222 
LYS C   O    doub N N 223 
LYS C   OXT  sing N N 224 
LYS CB  CG   sing N N 225 
LYS CB  HB2  sing N N 226 
LYS CB  HB3  sing N N 227 
LYS CG  CD   sing N N 228 
LYS CG  HG2  sing N N 229 
LYS CG  HG3  sing N N 230 
LYS CD  CE   sing N N 231 
LYS CD  HD2  sing N N 232 
LYS CD  HD3  sing N N 233 
LYS CE  NZ   sing N N 234 
LYS CE  HE2  sing N N 235 
LYS CE  HE3  sing N N 236 
LYS NZ  HZ1  sing N N 237 
LYS NZ  HZ2  sing N N 238 
LYS NZ  HZ3  sing N N 239 
LYS OXT HXT  sing N N 240 
MET N   CA   sing N N 241 
MET N   H    sing N N 242 
MET N   H2   sing N N 243 
MET CA  C    sing N N 244 
MET CA  CB   sing N N 245 
MET CA  HA   sing N N 246 
MET C   O    doub N N 247 
MET C   OXT  sing N N 248 
MET CB  CG   sing N N 249 
MET CB  HB2  sing N N 250 
MET CB  HB3  sing N N 251 
MET CG  SD   sing N N 252 
MET CG  HG2  sing N N 253 
MET CG  HG3  sing N N 254 
MET SD  CE   sing N N 255 
MET CE  HE1  sing N N 256 
MET CE  HE2  sing N N 257 
MET CE  HE3  sing N N 258 
MET OXT HXT  sing N N 259 
PHE N   CA   sing N N 260 
PHE N   H    sing N N 261 
PHE N   H2   sing N N 262 
PHE CA  C    sing N N 263 
PHE CA  CB   sing N N 264 
PHE CA  HA   sing N N 265 
PHE C   O    doub N N 266 
PHE C   OXT  sing N N 267 
PHE CB  CG   sing N N 268 
PHE CB  HB2  sing N N 269 
PHE CB  HB3  sing N N 270 
PHE CG  CD1  doub Y N 271 
PHE CG  CD2  sing Y N 272 
PHE CD1 CE1  sing Y N 273 
PHE CD1 HD1  sing N N 274 
PHE CD2 CE2  doub Y N 275 
PHE CD2 HD2  sing N N 276 
PHE CE1 CZ   doub Y N 277 
PHE CE1 HE1  sing N N 278 
PHE CE2 CZ   sing Y N 279 
PHE CE2 HE2  sing N N 280 
PHE CZ  HZ   sing N N 281 
PHE OXT HXT  sing N N 282 
PRO N   CA   sing N N 283 
PRO N   CD   sing N N 284 
PRO N   H    sing N N 285 
PRO CA  C    sing N N 286 
PRO CA  CB   sing N N 287 
PRO CA  HA   sing N N 288 
PRO C   O    doub N N 289 
PRO C   OXT  sing N N 290 
PRO CB  CG   sing N N 291 
PRO CB  HB2  sing N N 292 
PRO CB  HB3  sing N N 293 
PRO CG  CD   sing N N 294 
PRO CG  HG2  sing N N 295 
PRO CG  HG3  sing N N 296 
PRO CD  HD2  sing N N 297 
PRO CD  HD3  sing N N 298 
PRO OXT HXT  sing N N 299 
SER N   CA   sing N N 300 
SER N   H    sing N N 301 
SER N   H2   sing N N 302 
SER CA  C    sing N N 303 
SER CA  CB   sing N N 304 
SER CA  HA   sing N N 305 
SER C   O    doub N N 306 
SER C   OXT  sing N N 307 
SER CB  OG   sing N N 308 
SER CB  HB2  sing N N 309 
SER CB  HB3  sing N N 310 
SER OG  HG   sing N N 311 
SER OXT HXT  sing N N 312 
THR N   CA   sing N N 313 
THR N   H    sing N N 314 
THR N   H2   sing N N 315 
THR CA  C    sing N N 316 
THR CA  CB   sing N N 317 
THR CA  HA   sing N N 318 
THR C   O    doub N N 319 
THR C   OXT  sing N N 320 
THR CB  OG1  sing N N 321 
THR CB  CG2  sing N N 322 
THR CB  HB   sing N N 323 
THR OG1 HG1  sing N N 324 
THR CG2 HG21 sing N N 325 
THR CG2 HG22 sing N N 326 
THR CG2 HG23 sing N N 327 
THR OXT HXT  sing N N 328 
TYR N   CA   sing N N 329 
TYR N   H    sing N N 330 
TYR N   H2   sing N N 331 
TYR CA  C    sing N N 332 
TYR CA  CB   sing N N 333 
TYR CA  HA   sing N N 334 
TYR C   O    doub N N 335 
TYR C   OXT  sing N N 336 
TYR CB  CG   sing N N 337 
TYR CB  HB2  sing N N 338 
TYR CB  HB3  sing N N 339 
TYR CG  CD1  doub Y N 340 
TYR CG  CD2  sing Y N 341 
TYR CD1 CE1  sing Y N 342 
TYR CD1 HD1  sing N N 343 
TYR CD2 CE2  doub Y N 344 
TYR CD2 HD2  sing N N 345 
TYR CE1 CZ   doub Y N 346 
TYR CE1 HE1  sing N N 347 
TYR CE2 CZ   sing Y N 348 
TYR CE2 HE2  sing N N 349 
TYR CZ  OH   sing N N 350 
TYR OH  HH   sing N N 351 
TYR OXT HXT  sing N N 352 
VAL N   CA   sing N N 353 
VAL N   H    sing N N 354 
VAL N   H2   sing N N 355 
VAL CA  C    sing N N 356 
VAL CA  CB   sing N N 357 
VAL CA  HA   sing N N 358 
VAL C   O    doub N N 359 
VAL C   OXT  sing N N 360 
VAL CB  CG1  sing N N 361 
VAL CB  CG2  sing N N 362 
VAL CB  HB   sing N N 363 
VAL CG1 HG11 sing N N 364 
VAL CG1 HG12 sing N N 365 
VAL CG1 HG13 sing N N 366 
VAL CG2 HG21 sing N N 367 
VAL CG2 HG22 sing N N 368 
VAL CG2 HG23 sing N N 369 
VAL OXT HXT  sing N N 370 
# 
_atom_sites.entry_id                    2NQC 
_atom_sites.fract_transf_matrix[1][1]   -0.01779031 
_atom_sites.fract_transf_matrix[1][2]   -0.01084120 
_atom_sites.fract_transf_matrix[1][3]   -0.00751122 
_atom_sites.fract_transf_matrix[2][1]   -0.01557108 
_atom_sites.fract_transf_matrix[2][2]   -0.00688129 
_atom_sites.fract_transf_matrix[2][3]   0.01416456 
_atom_sites.fract_transf_matrix[3][1]   -0.00698176 
_atom_sites.fract_transf_matrix[3][2]   0.01255029 
_atom_sites.fract_transf_matrix[3][3]   -0.00157798 
_atom_sites.fract_transf_vector[1]      0.612920 
_atom_sites.fract_transf_vector[2]      0.087271 
_atom_sites.fract_transf_vector[3]      0.075817 
# 
loop_
_atom_type.symbol 
C  
N  
NI 
O  
S  
# 
loop_
_atom_site.group_PDB 
_atom_site.id 
_atom_site.type_symbol 
_atom_site.label_atom_id 
_atom_site.label_alt_id 
_atom_site.label_comp_id 
_atom_site.label_asym_id 
_atom_site.label_entity_id 
_atom_site.label_seq_id 
_atom_site.pdbx_PDB_ins_code 
_atom_site.Cartn_x 
_atom_site.Cartn_y 
_atom_site.Cartn_z 
_atom_site.occupancy 
_atom_site.B_iso_or_equiv 
_atom_site.pdbx_formal_charge 
_atom_site.auth_seq_id 
_atom_site.auth_comp_id 
_atom_site.auth_asym_id 
_atom_site.auth_atom_id 
_atom_site.pdbx_PDB_model_num 
ATOM   1   N  N   . ALA A 1 42  ? -9.998  10.311  -15.450 1.00 59.28 ? 2482 ALA A N   1 
ATOM   2   C  CA  . ALA A 1 42  ? -9.908  11.119  -14.192 1.00 58.37 ? 2482 ALA A CA  1 
ATOM   3   C  C   . ALA A 1 42  ? -8.529  11.011  -13.581 1.00 58.26 ? 2482 ALA A C   1 
ATOM   4   O  O   . ALA A 1 42  ? -8.398  10.545  -12.446 1.00 59.44 ? 2482 ALA A O   1 
ATOM   5   C  CB  . ALA A 1 42  ? -10.957 10.654  -13.186 1.00 59.14 ? 2482 ALA A CB  1 
ATOM   6   N  N   . GLY A 1 43  ? -7.507  11.456  -14.321 1.00 56.82 ? 2483 GLY A N   1 
ATOM   7   C  CA  . GLY A 1 43  ? -6.097  11.283  -13.917 1.00 54.79 ? 2483 GLY A CA  1 
ATOM   8   C  C   . GLY A 1 43  ? -5.558  10.002  -14.512 1.00 53.40 ? 2483 GLY A C   1 
ATOM   9   O  O   . GLY A 1 43  ? -6.343  9.147   -14.896 1.00 54.26 ? 2483 GLY A O   1 
ATOM   10  N  N   . ASP A 1 44  ? -4.228  9.858   -14.555 1.00 50.91 ? 2484 ASP A N   1 
ATOM   11  C  CA  . ASP A 1 44  ? -3.554  8.764   -15.261 1.00 48.99 ? 2484 ASP A CA  1 
ATOM   12  C  C   . ASP A 1 44  ? -2.816  7.783   -14.321 1.00 46.94 ? 2484 ASP A C   1 
ATOM   13  O  O   . ASP A 1 44  ? -1.740  8.086   -13.808 1.00 45.28 ? 2484 ASP A O   1 
ATOM   14  C  CB  . ASP A 1 44  ? -2.576  9.351   -16.281 1.00 48.94 ? 2484 ASP A CB  1 
ATOM   15  C  CG  . ASP A 1 44  ? -1.906  8.286   -17.136 1.00 50.28 ? 2484 ASP A CG  1 
ATOM   16  O  OD1 . ASP A 1 44  ? -2.118  7.091   -16.853 1.00 49.52 ? 2484 ASP A OD1 1 
ATOM   17  O  OD2 . ASP A 1 44  ? -1.156  8.646   -18.086 1.00 48.85 ? 2484 ASP A OD2 1 
ATOM   18  N  N   . PRO A 1 45  ? -3.386  6.580   -14.116 1.00 45.28 ? 2485 PRO A N   1 
ATOM   19  C  CA  . PRO A 1 45  ? -2.764  5.599   -13.226 1.00 44.42 ? 2485 PRO A CA  1 
ATOM   20  C  C   . PRO A 1 45  ? -1.373  5.154   -13.696 1.00 42.95 ? 2485 PRO A C   1 
ATOM   21  O  O   . PRO A 1 45  ? -0.560  4.706   -12.900 1.00 42.15 ? 2485 PRO A O   1 
ATOM   22  C  CB  . PRO A 1 45  ? -3.759  4.420   -13.238 1.00 44.53 ? 2485 PRO A CB  1 
ATOM   23  C  CG  . PRO A 1 45  ? -4.576  4.594   -14.477 1.00 45.72 ? 2485 PRO A CG  1 
ATOM   24  C  CD  . PRO A 1 45  ? -4.648  6.084   -14.700 1.00 45.70 ? 2485 PRO A CD  1 
ATOM   25  N  N   . GLY A 1 46  ? -1.100  5.304   -14.990 1.00 42.08 ? 2486 GLY A N   1 
ATOM   26  C  CA  . GLY A 1 46  ? 0.180   4.930   -15.543 1.00 41.42 ? 2486 GLY A CA  1 
ATOM   27  C  C   . GLY A 1 46  ? 1.314   5.805   -15.063 1.00 40.40 ? 2486 GLY A C   1 
ATOM   28  O  O   . GLY A 1 46  ? 2.457   5.446   -15.223 1.00 40.80 ? 2486 GLY A O   1 
ATOM   29  N  N   . LEU A 1 47  ? 0.998   6.957   -14.471 1.00 40.06 ? 2487 LEU A N   1 
ATOM   30  C  CA  . LEU A 1 47  ? 2.007   7.905   -14.008 1.00 39.33 ? 2487 LEU A CA  1 
ATOM   31  C  C   . LEU A 1 47  ? 2.177   7.865   -12.490 1.00 39.46 ? 2487 LEU A C   1 
ATOM   32  O  O   . LEU A 1 47  ? 2.905   8.681   -11.927 1.00 38.37 ? 2487 LEU A O   1 
ATOM   33  C  CB  . LEU A 1 47  ? 1.640   9.329   -14.456 1.00 39.86 ? 2487 LEU A CB  1 
ATOM   34  C  CG  . LEU A 1 47  ? 2.319   9.864   -15.724 1.00 39.92 ? 2487 LEU A CG  1 
ATOM   35  C  CD1 . LEU A 1 47  ? 3.804   9.912   -15.553 1.00 41.12 ? 2487 LEU A CD1 1 
ATOM   36  C  CD2 . LEU A 1 47  ? 1.976   9.023   -16.941 1.00 42.57 ? 2487 LEU A CD2 1 
ATOM   37  N  N   . VAL A 1 48  ? 1.506   6.914   -11.835 1.00 38.66 ? 2488 VAL A N   1 
ATOM   38  C  CA  . VAL A 1 48  ? 1.609   6.755   -10.387 1.00 38.48 ? 2488 VAL A CA  1 
ATOM   39  C  C   . VAL A 1 48  ? 2.722   5.778   -10.051 1.00 38.14 ? 2488 VAL A C   1 
ATOM   40  O  O   . VAL A 1 48  ? 2.730   4.649   -10.543 1.00 38.35 ? 2488 VAL A O   1 
ATOM   41  C  CB  . VAL A 1 48  ? 0.302   6.237   -9.797  1.00 37.87 ? 2488 VAL A CB  1 
ATOM   42  C  CG1 . VAL A 1 48  ? 0.437   6.038   -8.292  1.00 37.56 ? 2488 VAL A CG1 1 
ATOM   43  C  CG2 . VAL A 1 48  ? -0.839  7.211   -10.127 1.00 37.88 ? 2488 VAL A CG2 1 
ATOM   44  N  N   . SER A 1 49  ? 3.648   6.190   -9.203  1.00 38.30 ? 2489 SER A N   1 
ATOM   45  C  CA  . SER A 1 49  ? 4.661   5.264   -8.765  1.00 39.71 ? 2489 SER A CA  1 
ATOM   46  C  C   . SER A 1 49  ? 4.531   4.967   -7.274  1.00 40.23 ? 2489 SER A C   1 
ATOM   47  O  O   . SER A 1 49  ? 4.050   5.796   -6.481  1.00 40.07 ? 2489 SER A O   1 
ATOM   48  C  CB  . SER A 1 49  ? 6.058   5.756   -9.124  1.00 40.22 ? 2489 SER A CB  1 
ATOM   49  O  OG  . SER A 1 49  ? 6.328   7.017   -8.551  1.00 43.70 ? 2489 SER A OG  1 
ATOM   50  N  N   . ALA A 1 50  ? 4.934   3.766   -6.901  1.00 39.84 ? 2490 ALA A N   1 
ATOM   51  C  CA  . ALA A 1 50  ? 4.899   3.378   -5.504  1.00 40.63 ? 2490 ALA A CA  1 
ATOM   52  C  C   . ALA A 1 50  ? 6.186   2.681   -5.146  1.00 40.89 ? 2490 ALA A C   1 
ATOM   53  O  O   . ALA A 1 50  ? 6.723   1.927   -5.960  1.00 41.44 ? 2490 ALA A O   1 
ATOM   54  C  CB  . ALA A 1 50  ? 3.697   2.461   -5.246  1.00 40.08 ? 2490 ALA A CB  1 
ATOM   55  N  N   . TYR A 1 51  ? 6.698   2.937   -3.949  1.00 41.00 ? 2491 TYR A N   1 
ATOM   56  C  CA  . TYR A 1 51  ? 7.904   2.249   -3.490  1.00 41.43 ? 2491 TYR A CA  1 
ATOM   57  C  C   . TYR A 1 51  ? 8.014   2.210   -1.972  1.00 40.95 ? 2491 TYR A C   1 
ATOM   58  O  O   . TYR A 1 51  ? 7.461   3.057   -1.272  1.00 39.61 ? 2491 TYR A O   1 
ATOM   59  C  CB  . TYR A 1 51  ? 9.142   2.940   -4.066  1.00 42.66 ? 2491 TYR A CB  1 
ATOM   60  C  CG  . TYR A 1 51  ? 9.301   4.361   -3.596  1.00 43.19 ? 2491 TYR A CG  1 
ATOM   61  C  CD1 . TYR A 1 51  ? 8.701   5.407   -4.280  1.00 44.96 ? 2491 TYR A CD1 1 
ATOM   62  C  CD2 . TYR A 1 51  ? 10.031  4.658   -2.451  1.00 45.85 ? 2491 TYR A CD2 1 
ATOM   63  C  CE1 . TYR A 1 51  ? 8.830   6.713   -3.835  1.00 45.26 ? 2491 TYR A CE1 1 
ATOM   64  C  CE2 . TYR A 1 51  ? 10.168  5.970   -2.002  1.00 45.42 ? 2491 TYR A CE2 1 
ATOM   65  C  CZ  . TYR A 1 51  ? 9.566   6.984   -2.705  1.00 44.34 ? 2491 TYR A CZ  1 
ATOM   66  O  OH  . TYR A 1 51  ? 9.705   8.288   -2.276  1.00 46.67 ? 2491 TYR A OH  1 
ATOM   67  N  N   . GLY A 1 52  ? 8.756   1.219   -1.487  1.00 41.14 ? 2492 GLY A N   1 
ATOM   68  C  CA  . GLY A 1 52  ? 9.155   1.152   -0.087  1.00 41.64 ? 2492 GLY A CA  1 
ATOM   69  C  C   . GLY A 1 52  ? 9.028   -0.231  0.507   1.00 41.45 ? 2492 GLY A C   1 
ATOM   70  O  O   . GLY A 1 52  ? 8.376   -1.111  -0.073  1.00 40.84 ? 2492 GLY A O   1 
ATOM   71  N  N   . PRO A 1 53  ? 9.607   -0.413  1.709   1.00 41.96 ? 2493 PRO A N   1 
ATOM   72  C  CA  . PRO A 1 53  ? 9.724   -1.730  2.317   1.00 41.33 ? 2493 PRO A CA  1 
ATOM   73  C  C   . PRO A 1 53  ? 8.371   -2.395  2.503   1.00 40.64 ? 2493 PRO A C   1 
ATOM   74  O  O   . PRO A 1 53  ? 8.255   -3.625  2.337   1.00 39.21 ? 2493 PRO A O   1 
ATOM   75  C  CB  . PRO A 1 53  ? 10.352  -1.459  3.691   1.00 42.33 ? 2493 PRO A CB  1 
ATOM   76  C  CG  . PRO A 1 53  ? 10.854  -0.066  3.662   1.00 43.89 ? 2493 PRO A CG  1 
ATOM   77  C  CD  . PRO A 1 53  ? 10.121  0.665   2.579   1.00 42.65 ? 2493 PRO A CD  1 
ATOM   78  N  N   . GLY A 1 54  ? 7.349   -1.581  2.813   1.00 39.18 ? 2494 GLY A N   1 
ATOM   79  C  CA  . GLY A 1 54  ? 6.032   -2.096  3.110   1.00 38.99 ? 2494 GLY A CA  1 
ATOM   80  C  C   . GLY A 1 54  ? 5.344   -2.758  1.939   1.00 38.49 ? 2494 GLY A C   1 
ATOM   81  O  O   . GLY A 1 54  ? 4.373   -3.470  2.124   1.00 38.33 ? 2494 GLY A O   1 
ATOM   82  N  N   . LEU A 1 55  ? 5.820   -2.508  0.722   1.00 38.47 ? 2495 LEU A N   1 
ATOM   83  C  CA  . LEU A 1 55  ? 5.269   -3.158  -0.458  1.00 40.19 ? 2495 LEU A CA  1 
ATOM   84  C  C   . LEU A 1 55  ? 5.733   -4.629  -0.599  1.00 40.67 ? 2495 LEU A C   1 
ATOM   85  O  O   . LEU A 1 55  ? 5.117   -5.420  -1.322  1.00 39.63 ? 2495 LEU A O   1 
ATOM   86  C  CB  . LEU A 1 55  ? 5.668   -2.374  -1.717  1.00 40.46 ? 2495 LEU A CB  1 
ATOM   87  C  CG  . LEU A 1 55  ? 5.059   -1.001  -1.987  1.00 41.19 ? 2495 LEU A CG  1 
ATOM   88  C  CD1 . LEU A 1 55  ? 5.762   -0.386  -3.174  1.00 43.44 ? 2495 LEU A CD1 1 
ATOM   89  C  CD2 . LEU A 1 55  ? 3.585   -1.143  -2.270  1.00 41.87 ? 2495 LEU A CD2 1 
ATOM   90  N  N   . GLU A 1 56  ? 6.810   -4.983  0.088   1.00 42.07 ? 2496 GLU A N   1 
ATOM   91  C  CA  . GLU A 1 56  ? 7.425   -6.302  -0.059  1.00 44.17 ? 2496 GLU A CA  1 
ATOM   92  C  C   . GLU A 1 56  ? 7.273   -7.188  1.170   1.00 44.00 ? 2496 GLU A C   1 
ATOM   93  O  O   . GLU A 1 56  ? 7.332   -8.407  1.075   1.00 44.42 ? 2496 GLU A O   1 
ATOM   94  C  CB  . GLU A 1 56  ? 8.914   -6.123  -0.329  1.00 44.86 ? 2496 GLU A CB  1 
ATOM   95  C  CG  . GLU A 1 56  ? 9.241   -5.493  -1.667  1.00 46.91 ? 2496 GLU A CG  1 
ATOM   96  C  CD  . GLU A 1 56  ? 10.663  -4.970  -1.693  1.00 49.26 ? 2496 GLU A CD  1 
ATOM   97  O  OE1 . GLU A 1 56  ? 11.568  -5.684  -1.191  1.00 55.44 ? 2496 GLU A OE1 1 
ATOM   98  O  OE2 . GLU A 1 56  ? 10.864  -3.831  -2.175  1.00 58.29 ? 2496 GLU A OE2 1 
ATOM   99  N  N   . GLY A 1 57  ? 7.135   -6.588  2.339   1.00 44.10 ? 2497 GLY A N   1 
ATOM   100 C  CA  . GLY A 1 57  ? 7.140   -7.394  3.551   1.00 43.72 ? 2497 GLY A CA  1 
ATOM   101 C  C   . GLY A 1 57  ? 6.956   -6.623  4.830   1.00 43.02 ? 2497 GLY A C   1 
ATOM   102 O  O   . GLY A 1 57  ? 6.712   -5.428  4.809   1.00 42.83 ? 2497 GLY A O   1 
ATOM   103 N  N   . GLY A 1 58  ? 7.128   -7.333  5.942   1.00 41.71 ? 2498 GLY A N   1 
ATOM   104 C  CA  . GLY A 1 58  ? 7.031   -6.741  7.266   1.00 40.79 ? 2498 GLY A CA  1 
ATOM   105 C  C   . GLY A 1 58  ? 7.000   -7.846  8.293   1.00 39.09 ? 2498 GLY A C   1 
ATOM   106 O  O   . GLY A 1 58  ? 7.115   -9.008  7.946   1.00 38.41 ? 2498 GLY A O   1 
ATOM   107 N  N   . THR A 1 59  ? 6.825   -7.473  9.554   1.00 37.75 ? 2499 THR A N   1 
ATOM   108 C  CA  . THR A 1 59  ? 6.749   -8.437  10.643  1.00 37.39 ? 2499 THR A CA  1 
ATOM   109 C  C   . THR A 1 59  ? 5.585   -8.071  11.521  1.00 35.90 ? 2499 THR A C   1 
ATOM   110 O  O   . THR A 1 59  ? 5.227   -6.893  11.616  1.00 34.14 ? 2499 THR A O   1 
ATOM   111 C  CB  . THR A 1 59  ? 8.087   -8.537  11.466  1.00 37.42 ? 2499 THR A CB  1 
ATOM   112 O  OG1 . THR A 1 59  ? 8.252   -7.407  12.301  1.00 41.28 ? 2499 THR A OG1 1 
ATOM   113 C  CG2 . THR A 1 59  ? 9.296   -8.579  10.559  1.00 39.29 ? 2499 THR A CG2 1 
ATOM   114 N  N   . THR A 1 60  ? 4.994   -9.076  12.184  1.00 34.99 ? 2500 THR A N   1 
ATOM   115 C  CA  . THR A 1 60  ? 3.723   -8.871  12.875  1.00 35.19 ? 2500 THR A CA  1 
ATOM   116 C  C   . THR A 1 60  ? 3.898   -7.920  14.055  1.00 34.83 ? 2500 THR A C   1 
ATOM   117 O  O   . THR A 1 60  ? 4.897   -7.974  14.762  1.00 34.70 ? 2500 THR A O   1 
ATOM   118 C  CB  . THR A 1 60  ? 3.078   -10.189 13.354  1.00 34.30 ? 2500 THR A CB  1 
ATOM   119 O  OG1 . THR A 1 60  ? 3.961   -10.868 14.257  1.00 33.97 ? 2500 THR A OG1 1 
ATOM   120 C  CG2 . THR A 1 60  ? 2.803   -11.079 12.170  1.00 34.78 ? 2500 THR A CG2 1 
ATOM   121 N  N   . GLY A 1 61  ? 2.940   -7.027  14.219  1.00 33.98 ? 2501 GLY A N   1 
ATOM   122 C  CA  . GLY A 1 61  ? 2.977   -6.051  15.290  1.00 34.20 ? 2501 GLY A CA  1 
ATOM   123 C  C   . GLY A 1 61  ? 3.928   -4.886  15.063  1.00 34.12 ? 2501 GLY A C   1 
ATOM   124 O  O   . GLY A 1 61  ? 4.048   -4.026  15.912  1.00 34.84 ? 2501 GLY A O   1 
ATOM   125 N  N   . VAL A 1 62  ? 4.621   -4.847  13.933  1.00 34.34 ? 2502 VAL A N   1 
ATOM   126 C  CA  . VAL A 1 62  ? 5.537   -3.736  13.620  1.00 34.11 ? 2502 VAL A CA  1 
ATOM   127 C  C   . VAL A 1 62  ? 4.969   -3.017  12.403  1.00 33.21 ? 2502 VAL A C   1 
ATOM   128 O  O   . VAL A 1 62  ? 4.502   -3.671  11.473  1.00 33.20 ? 2502 VAL A O   1 
ATOM   129 C  CB  . VAL A 1 62  ? 6.934   -4.253  13.301  1.00 34.72 ? 2502 VAL A CB  1 
ATOM   130 C  CG1 . VAL A 1 62  ? 7.890   -3.076  12.949  1.00 36.17 ? 2502 VAL A CG1 1 
ATOM   131 C  CG2 . VAL A 1 62  ? 7.488   -5.077  14.496  1.00 37.33 ? 2502 VAL A CG2 1 
ATOM   132 N  N   . SER A 1 63  ? 5.004   -1.696  12.383  1.00 32.25 ? 2503 SER A N   1 
ATOM   133 C  CA  . SER A 1 63  ? 4.475   -0.971  11.226  1.00 33.49 ? 2503 SER A CA  1 
ATOM   134 C  C   . SER A 1 63  ? 5.403   -1.040  10.007  1.00 33.74 ? 2503 SER A C   1 
ATOM   135 O  O   . SER A 1 63  ? 6.639   -1.070  10.133  1.00 32.37 ? 2503 SER A O   1 
ATOM   136 C  CB  . SER A 1 63  ? 4.202   0.487   11.554  1.00 33.09 ? 2503 SER A CB  1 
ATOM   137 O  OG  . SER A 1 63  ? 5.414   1.199   11.729  1.00 35.10 ? 2503 SER A OG  1 
ATOM   138 N  N   . SER A 1 64  ? 4.775   -1.066  8.845   1.00 33.87 ? 2504 SER A N   1 
ATOM   139 C  CA  . SER A 1 64  ? 5.433   -1.024  7.559   1.00 35.43 ? 2504 SER A CA  1 
ATOM   140 C  C   . SER A 1 64  ? 4.964   0.214   6.824   1.00 35.53 ? 2504 SER A C   1 
ATOM   141 O  O   . SER A 1 64  ? 3.827   0.662   7.026   1.00 34.78 ? 2504 SER A O   1 
ATOM   142 C  CB  . SER A 1 64  ? 4.993   -2.236  6.733   1.00 36.10 ? 2504 SER A CB  1 
ATOM   143 O  OG  . SER A 1 64  ? 5.431   -3.466  7.297   1.00 40.75 ? 2504 SER A OG  1 
ATOM   144 N  N   . GLU A 1 65  ? 5.799   0.733   5.931   1.00 35.42 ? 2505 GLU A N   1 
ATOM   145 C  CA  . GLU A 1 65  ? 5.503   1.971   5.241   1.00 35.85 ? 2505 GLU A CA  1 
ATOM   146 C  C   . GLU A 1 65  ? 5.873   1.865   3.768   1.00 35.62 ? 2505 GLU A C   1 
ATOM   147 O  O   . GLU A 1 65  ? 6.799   1.145   3.386   1.00 34.50 ? 2505 GLU A O   1 
ATOM   148 C  CB  . GLU A 1 65  ? 6.264   3.129   5.920   1.00 36.30 ? 2505 GLU A CB  1 
ATOM   149 C  CG  . GLU A 1 65  ? 6.135   4.466   5.237   1.00 36.93 ? 2505 GLU A CG  1 
ATOM   150 C  CD  . GLU A 1 65  ? 7.082   5.507   5.800   1.00 40.47 ? 2505 GLU A CD  1 
ATOM   151 O  OE1 . GLU A 1 65  ? 6.891   5.953   6.959   1.00 43.72 ? 2505 GLU A OE1 1 
ATOM   152 O  OE2 . GLU A 1 65  ? 8.019   5.883   5.060   1.00 47.10 ? 2505 GLU A OE2 1 
ATOM   153 N  N   . PHE A 1 66  ? 5.127   2.577   2.937   1.00 34.98 ? 2506 PHE A N   1 
ATOM   154 C  CA  . PHE A 1 66  ? 5.508   2.783   1.552   1.00 34.61 ? 2506 PHE A CA  1 
ATOM   155 C  C   . PHE A 1 66  ? 4.947   4.123   1.087   1.00 35.21 ? 2506 PHE A C   1 
ATOM   156 O  O   . PHE A 1 66  ? 4.091   4.747   1.773   1.00 32.76 ? 2506 PHE A O   1 
ATOM   157 C  CB  . PHE A 1 66  ? 5.058   1.606   0.659   1.00 34.48 ? 2506 PHE A CB  1 
ATOM   158 C  CG  . PHE A 1 66  ? 3.570   1.366   0.627   1.00 33.99 ? 2506 PHE A CG  1 
ATOM   159 C  CD1 . PHE A 1 66  ? 2.978   0.438   1.491   1.00 34.21 ? 2506 PHE A CD1 1 
ATOM   160 C  CD2 . PHE A 1 66  ? 2.777   2.006   -0.301  1.00 33.24 ? 2506 PHE A CD2 1 
ATOM   161 C  CE1 . PHE A 1 66  ? 1.626   0.179   1.437   1.00 35.40 ? 2506 PHE A CE1 1 
ATOM   162 C  CE2 . PHE A 1 66  ? 1.410   1.792   -0.335  1.00 35.44 ? 2506 PHE A CE2 1 
ATOM   163 C  CZ  . PHE A 1 66  ? 0.825   0.862   0.535   1.00 34.90 ? 2506 PHE A CZ  1 
ATOM   164 N  N   . ILE A 1 67  ? 5.423   4.560   -0.071  1.00 35.83 ? 2507 ILE A N   1 
ATOM   165 C  CA  . ILE A 1 67  ? 5.082   5.878   -0.599  1.00 36.56 ? 2507 ILE A CA  1 
ATOM   166 C  C   . ILE A 1 67  ? 4.453   5.700   -1.955  1.00 36.49 ? 2507 ILE A C   1 
ATOM   167 O  O   . ILE A 1 67  ? 4.945   4.925   -2.770  1.00 36.85 ? 2507 ILE A O   1 
ATOM   168 C  CB  . ILE A 1 67  ? 6.331   6.782   -0.650  1.00 36.95 ? 2507 ILE A CB  1 
ATOM   169 C  CG1 . ILE A 1 67  ? 6.829   6.974   0.780   1.00 39.03 ? 2507 ILE A CG1 1 
ATOM   170 C  CG2 . ILE A 1 67  ? 5.995   8.099   -1.279  1.00 37.79 ? 2507 ILE A CG2 1 
ATOM   171 C  CD1 . ILE A 1 67  ? 8.017   7.860   0.968   1.00 40.49 ? 2507 ILE A CD1 1 
ATOM   172 N  N   . VAL A 1 68  ? 3.335   6.384   -2.181  1.00 35.90 ? 2508 VAL A N   1 
ATOM   173 C  CA  . VAL A 1 68  ? 2.669   6.404   -3.463  1.00 35.85 ? 2508 VAL A CA  1 
ATOM   174 C  C   . VAL A 1 68  ? 2.747   7.845   -3.964  1.00 35.81 ? 2508 VAL A C   1 
ATOM   175 O  O   . VAL A 1 68  ? 2.192   8.758   -3.338  1.00 35.51 ? 2508 VAL A O   1 
ATOM   176 C  CB  . VAL A 1 68  ? 1.182   6.003   -3.359  1.00 36.03 ? 2508 VAL A CB  1 
ATOM   177 C  CG1 . VAL A 1 68  ? 0.548   5.929   -4.728  1.00 36.32 ? 2508 VAL A CG1 1 
ATOM   178 C  CG2 . VAL A 1 68  ? 1.037   4.666   -2.632  1.00 35.54 ? 2508 VAL A CG2 1 
ATOM   179 N  N   . ASN A 1 69  ? 3.425   8.038   -5.080  1.00 35.55 ? 2509 ASN A N   1 
ATOM   180 C  CA  . ASN A 1 69  ? 3.599   9.358   -5.681  1.00 36.26 ? 2509 ASN A CA  1 
ATOM   181 C  C   . ASN A 1 69  ? 2.638   9.569   -6.859  1.00 35.48 ? 2509 ASN A C   1 
ATOM   182 O  O   . ASN A 1 69  ? 2.678   8.836   -7.834  1.00 34.93 ? 2509 ASN A O   1 
ATOM   183 C  CB  . ASN A 1 69  ? 5.051   9.520   -6.150  1.00 36.31 ? 2509 ASN A CB  1 
ATOM   184 C  CG  . ASN A 1 69  ? 5.328   10.908  -6.742  1.00 38.72 ? 2509 ASN A CG  1 
ATOM   185 O  OD1 . ASN A 1 69  ? 4.571   11.413  -7.575  1.00 43.88 ? 2509 ASN A OD1 1 
ATOM   186 N  ND2 . ASN A 1 69  ? 6.419   11.525  -6.304  1.00 44.48 ? 2509 ASN A ND2 1 
ATOM   187 N  N   . THR A 1 70  ? 1.768   10.557  -6.741  1.00 36.64 ? 2510 THR A N   1 
ATOM   188 C  CA  . THR A 1 70  ? 0.739   10.846  -7.738  1.00 37.70 ? 2510 THR A CA  1 
ATOM   189 C  C   . THR A 1 70  ? 0.933   12.216  -8.410  1.00 38.14 ? 2510 THR A C   1 
ATOM   190 O  O   . THR A 1 70  ? 0.046   12.701  -9.125  1.00 37.10 ? 2510 THR A O   1 
ATOM   191 C  CB  . THR A 1 70  ? -0.691  10.808  -7.106  1.00 38.42 ? 2510 THR A CB  1 
ATOM   192 O  OG1 . THR A 1 70  ? -0.836  11.858  -6.155  1.00 39.35 ? 2510 THR A OG1 1 
ATOM   193 C  CG2 . THR A 1 70  ? -0.992  9.459   -6.405  1.00 38.54 ? 2510 THR A CG2 1 
ATOM   194 N  N   . LEU A 1 71  ? 2.091   12.836  -8.180  1.00 39.41 ? 2511 LEU A N   1 
ATOM   195 C  CA  . LEU A 1 71  ? 2.287   14.263  -8.508  1.00 40.17 ? 2511 LEU A CA  1 
ATOM   196 C  C   . LEU A 1 71  ? 2.199   14.580  -10.001 1.00 40.18 ? 2511 LEU A C   1 
ATOM   197 O  O   . LEU A 1 71  ? 1.766   15.680  -10.353 1.00 39.76 ? 2511 LEU A O   1 
ATOM   198 C  CB  . LEU A 1 71  ? 3.615   14.785  -7.939  1.00 42.07 ? 2511 LEU A CB  1 
ATOM   199 C  CG  . LEU A 1 71  ? 3.811   14.705  -6.415  1.00 45.05 ? 2511 LEU A CG  1 
ATOM   200 C  CD1 . LEU A 1 71  ? 5.255   15.077  -6.080  1.00 48.02 ? 2511 LEU A CD1 1 
ATOM   201 C  CD2 . LEU A 1 71  ? 2.838   15.590  -5.640  1.00 48.27 ? 2511 LEU A CD2 1 
ATOM   202 N  N   . ASN A 1 72  ? 2.582   13.630  -10.865 1.00 38.86 ? 2512 ASN A N   1 
ATOM   203 C  CA  . ASN A 1 72  ? 2.482   13.804  -12.318 1.00 39.19 ? 2512 ASN A CA  1 
ATOM   204 C  C   . ASN A 1 72  ? 1.321   13.050  -12.936 1.00 38.82 ? 2512 ASN A C   1 
ATOM   205 O  O   . ASN A 1 72  ? 1.252   12.911  -14.152 1.00 39.10 ? 2512 ASN A O   1 
ATOM   206 C  CB  . ASN A 1 72  ? 3.771   13.319  -13.004 1.00 39.71 ? 2512 ASN A CB  1 
ATOM   207 C  CG  . ASN A 1 72  ? 4.692   14.427  -13.385 1.00 40.63 ? 2512 ASN A CG  1 
ATOM   208 O  OD1 . ASN A 1 72  ? 4.266   15.567  -13.613 1.00 39.32 ? 2512 ASN A OD1 1 
ATOM   209 N  ND2 . ASN A 1 72  ? 5.977   14.100  -13.493 1.00 39.70 ? 2512 ASN A ND2 1 
ATOM   210 N  N   . ALA A 1 73  ? 0.414   12.543  -12.106 1.00 38.98 ? 2513 ALA A N   1 
ATOM   211 C  CA  . ALA A 1 73  ? -0.656  11.682  -12.574 1.00 40.04 ? 2513 ALA A CA  1 
ATOM   212 C  C   . ALA A 1 73  ? -1.985  12.421  -12.722 1.00 40.63 ? 2513 ALA A C   1 
ATOM   213 O  O   . ALA A 1 73  ? -3.007  11.800  -12.946 1.00 39.95 ? 2513 ALA A O   1 
ATOM   214 C  CB  . ALA A 1 73  ? -0.802  10.487  -11.639 1.00 40.05 ? 2513 ALA A CB  1 
ATOM   215 N  N   . GLY A 1 74  ? -1.975  13.746  -12.608 1.00 41.57 ? 2514 GLY A N   1 
ATOM   216 C  CA  . GLY A 1 74  ? -3.205  14.497  -12.685 1.00 42.65 ? 2514 GLY A CA  1 
ATOM   217 C  C   . GLY A 1 74  ? -4.007  14.404  -11.402 1.00 43.66 ? 2514 GLY A C   1 
ATOM   218 O  O   . GLY A 1 74  ? -3.469  14.081  -10.341 1.00 44.38 ? 2514 GLY A O   1 
ATOM   219 N  N   . SER A 1 75  ? -5.293  14.726  -11.488 1.00 45.06 ? 2515 SER A N   1 
ATOM   220 C  CA  . SER A 1 75  ? -6.173  14.777  -10.313 1.00 45.37 ? 2515 SER A CA  1 
ATOM   221 C  C   . SER A 1 75  ? -7.125  13.610  -10.439 1.00 45.81 ? 2515 SER A C   1 
ATOM   222 O  O   . SER A 1 75  ? -7.817  13.484  -11.428 1.00 48.48 ? 2515 SER A O   1 
ATOM   223 C  CB  . SER A 1 75  ? -6.951  16.111  -10.258 1.00 46.35 ? 2515 SER A CB  1 
ATOM   224 O  OG  . SER A 1 75  ? -6.065  17.241  -10.226 1.00 47.13 ? 2515 SER A OG  1 
ATOM   225 N  N   . GLY A 1 76  ? -7.135  12.742  -9.450  1.00 44.75 ? 2516 GLY A N   1 
ATOM   226 C  CA  . GLY A 1 76  ? -7.949  11.538  -9.455  1.00 43.25 ? 2516 GLY A CA  1 
ATOM   227 C  C   . GLY A 1 76  ? -7.927  10.989  -8.039  1.00 42.06 ? 2516 GLY A C   1 
ATOM   228 O  O   . GLY A 1 76  ? -7.142  11.459  -7.227  1.00 40.82 ? 2516 GLY A O   1 
ATOM   229 N  N   . ALA A 1 77  ? -8.805  10.035  -7.737  1.00 40.76 ? 2517 ALA A N   1 
ATOM   230 C  CA  . ALA A 1 77  ? -8.853  9.422   -6.402  1.00 40.97 ? 2517 ALA A CA  1 
ATOM   231 C  C   . ALA A 1 77  ? -7.878  8.263   -6.331  1.00 40.39 ? 2517 ALA A C   1 
ATOM   232 O  O   . ALA A 1 77  ? -7.804  7.452   -7.262  1.00 39.51 ? 2517 ALA A O   1 
ATOM   233 C  CB  . ALA A 1 77  ? -10.235 8.917   -6.094  1.00 41.38 ? 2517 ALA A CB  1 
ATOM   234 N  N   . LEU A 1 78  ? -7.109  8.219   -5.245  1.00 39.37 ? 2518 LEU A N   1 
ATOM   235 C  CA  . LEU A 1 78  ? -6.222  7.103   -4.976  1.00 39.07 ? 2518 LEU A CA  1 
ATOM   236 C  C   . LEU A 1 78  ? -6.986  6.110   -4.096  1.00 38.78 ? 2518 LEU A C   1 
ATOM   237 O  O   . LEU A 1 78  ? -7.655  6.501   -3.134  1.00 39.23 ? 2518 LEU A O   1 
ATOM   238 C  CB  . LEU A 1 78  ? -4.962  7.589   -4.261  1.00 38.92 ? 2518 LEU A CB  1 
ATOM   239 C  CG  . LEU A 1 78  ? -3.892  6.542   -3.954  1.00 38.19 ? 2518 LEU A CG  1 
ATOM   240 C  CD1 . LEU A 1 78  ? -3.370  5.899   -5.182  1.00 37.75 ? 2518 LEU A CD1 1 
ATOM   241 C  CD2 . LEU A 1 78  ? -2.747  7.196   -3.200  1.00 39.28 ? 2518 LEU A CD2 1 
ATOM   242 N  N   . SER A 1 79  ? -6.905  4.838   -4.445  1.00 37.84 ? 2519 SER A N   1 
ATOM   243 C  CA  . SER A 1 79  ? -7.448  3.776   -3.620  1.00 38.01 ? 2519 SER A CA  1 
ATOM   244 C  C   . SER A 1 79  ? -6.331  2.837   -3.192  1.00 37.28 ? 2519 SER A C   1 
ATOM   245 O  O   . SER A 1 79  ? -5.581  2.347   -4.036  1.00 35.89 ? 2519 SER A O   1 
ATOM   246 C  CB  . SER A 1 79  ? -8.481  3.004   -4.439  1.00 38.63 ? 2519 SER A CB  1 
ATOM   247 O  OG  . SER A 1 79  ? -8.840  1.821   -3.776  1.00 40.66 ? 2519 SER A OG  1 
ATOM   248 N  N   . VAL A 1 80  ? -6.224  2.576   -1.886  1.00 36.89 ? 2520 VAL A N   1 
ATOM   249 C  CA  . VAL A 1 80  ? -5.286  1.577   -1.373  1.00 37.03 ? 2520 VAL A CA  1 
ATOM   250 C  C   . VAL A 1 80  ? -6.061  0.583   -0.505  1.00 37.51 ? 2520 VAL A C   1 
ATOM   251 O  O   . VAL A 1 80  ? -6.691  1.001   0.452   1.00 35.72 ? 2520 VAL A O   1 
ATOM   252 C  CB  . VAL A 1 80  ? -4.212  2.228   -0.509  1.00 36.59 ? 2520 VAL A CB  1 
ATOM   253 C  CG1 . VAL A 1 80  ? -3.287  1.177   0.037   1.00 36.72 ? 2520 VAL A CG1 1 
ATOM   254 C  CG2 . VAL A 1 80  ? -3.424  3.270   -1.317  1.00 38.34 ? 2520 VAL A CG2 1 
ATOM   255 N  N   . THR A 1 81  ? -6.031  -0.708  -0.848  1.00 38.28 ? 2521 THR A N   1 
ATOM   256 C  CA  . THR A 1 81  ? -6.620  -1.750  0.002   1.00 39.09 ? 2521 THR A CA  1 
ATOM   257 C  C   . THR A 1 81  ? -5.564  -2.779  0.331   1.00 38.69 ? 2521 THR A C   1 
ATOM   258 O  O   . THR A 1 81  ? -4.652  -3.013  -0.463  1.00 37.66 ? 2521 THR A O   1 
ATOM   259 C  CB  . THR A 1 81  ? -7.818  -2.489  -0.666  1.00 40.34 ? 2521 THR A CB  1 
ATOM   260 O  OG1 . THR A 1 81  ? -7.381  -3.157  -1.850  1.00 43.60 ? 2521 THR A OG1 1 
ATOM   261 C  CG2 . THR A 1 81  ? -8.909  -1.524  -1.004  1.00 41.60 ? 2521 THR A CG2 1 
ATOM   262 N  N   . ILE A 1 82  ? -5.658  -3.376  1.520   1.00 38.37 ? 2522 ILE A N   1 
ATOM   263 C  CA  . ILE A 1 82  ? -4.711  -4.406  1.907   1.00 38.81 ? 2522 ILE A CA  1 
ATOM   264 C  C   . ILE A 1 82  ? -5.479  -5.600  2.432   1.00 39.65 ? 2522 ILE A C   1 
ATOM   265 O  O   . ILE A 1 82  ? -6.264  -5.480  3.380   1.00 39.22 ? 2522 ILE A O   1 
ATOM   266 C  CB  . ILE A 1 82  ? -3.713  -3.910  2.956   1.00 38.70 ? 2522 ILE A CB  1 
ATOM   267 C  CG1 . ILE A 1 82  ? -2.968  -2.671  2.440   1.00 37.70 ? 2522 ILE A CG1 1 
ATOM   268 C  CG2 . ILE A 1 82  ? -2.751  -5.028  3.311   1.00 38.47 ? 2522 ILE A CG2 1 
ATOM   269 C  CD1 . ILE A 1 82  ? -1.732  -2.312  3.246   1.00 37.39 ? 2522 ILE A CD1 1 
ATOM   270 N  N   . ASP A 1 83  ? -5.290  -6.741  1.780   1.00 40.70 ? 2523 ASP A N   1 
ATOM   271 C  CA  . ASP A 1 83  ? -6.020  -7.952  2.136   1.00 41.30 ? 2523 ASP A CA  1 
ATOM   272 C  C   . ASP A 1 83  ? -5.066  -9.077  2.430   1.00 40.92 ? 2523 ASP A C   1 
ATOM   273 O  O   . ASP A 1 83  ? -4.077  -9.269  1.732   1.00 40.24 ? 2523 ASP A O   1 
ATOM   274 C  CB  . ASP A 1 83  ? -6.968  -8.355  1.019   1.00 42.66 ? 2523 ASP A CB  1 
ATOM   275 C  CG  . ASP A 1 83  ? -8.011  -7.297  0.742   1.00 46.73 ? 2523 ASP A CG  1 
ATOM   276 O  OD1 . ASP A 1 83  ? -8.608  -6.766  1.708   1.00 52.46 ? 2523 ASP A OD1 1 
ATOM   277 O  OD2 . ASP A 1 83  ? -8.233  -6.990  -0.451  1.00 52.84 ? 2523 ASP A OD2 1 
ATOM   278 N  N   . GLY A 1 84  ? -5.369  -9.809  3.496   1.00 40.90 ? 2524 GLY A N   1 
ATOM   279 C  CA  . GLY A 1 84  ? -4.506  -10.885 3.955   1.00 41.01 ? 2524 GLY A CA  1 
ATOM   280 C  C   . GLY A 1 84  ? -5.058  -11.540 5.219   1.00 40.54 ? 2524 GLY A C   1 
ATOM   281 O  O   . GLY A 1 84  ? -6.214  -11.338 5.553   1.00 39.12 ? 2524 GLY A O   1 
ATOM   282 N  N   . PRO A 1 85  ? -4.213  -12.301 5.938   1.00 40.44 ? 2525 PRO A N   1 
ATOM   283 C  CA  . PRO A 1 85  ? -4.604  -13.066 7.140   1.00 40.77 ? 2525 PRO A CA  1 
ATOM   284 C  C   . PRO A 1 85  ? -5.055  -12.256 8.355   1.00 40.33 ? 2525 PRO A C   1 
ATOM   285 O  O   . PRO A 1 85  ? -5.526  -12.829 9.330   1.00 39.97 ? 2525 PRO A O   1 
ATOM   286 C  CB  . PRO A 1 85  ? -3.331  -13.848 7.496   1.00 40.90 ? 2525 PRO A CB  1 
ATOM   287 C  CG  . PRO A 1 85  ? -2.475  -13.764 6.349   1.00 41.78 ? 2525 PRO A CG  1 
ATOM   288 C  CD  . PRO A 1 85  ? -2.813  -12.530 5.584   1.00 40.31 ? 2525 PRO A CD  1 
ATOM   289 N  N   . SER A 1 86  ? -4.878  -10.943 8.333   1.00 40.25 ? 2526 SER A N   1 
ATOM   290 C  CA  . SER A 1 86  ? -5.421  -10.092 9.399   1.00 40.91 ? 2526 SER A CA  1 
ATOM   291 C  C   . SER A 1 86  ? -5.937  -8.816  8.753   1.00 41.07 ? 2526 SER A C   1 
ATOM   292 O  O   . SER A 1 86  ? -5.491  -8.464  7.670   1.00 40.02 ? 2526 SER A O   1 
ATOM   293 C  CB  . SER A 1 86  ? -4.356  -9.762  10.458  1.00 40.81 ? 2526 SER A CB  1 
ATOM   294 O  OG  . SER A 1 86  ? -3.313  -8.937  9.929   1.00 38.75 ? 2526 SER A OG  1 
ATOM   295 N  N   . LYS A 1 87  ? -6.889  -8.159  9.413   1.00 42.15 ? 2527 LYS A N   1 
ATOM   296 C  CA  . LYS A 1 87  ? -7.368  -6.853  8.991   1.00 43.79 ? 2527 LYS A CA  1 
ATOM   297 C  C   . LYS A 1 87  ? -6.362  -5.826  9.461   1.00 43.23 ? 2527 LYS A C   1 
ATOM   298 O  O   . LYS A 1 87  ? -6.145  -5.691  10.644  1.00 44.73 ? 2527 LYS A O   1 
ATOM   299 C  CB  . LYS A 1 87  ? -8.721  -6.555  9.626   1.00 45.22 ? 2527 LYS A CB  1 
ATOM   300 C  CG  . LYS A 1 87  ? -9.865  -7.412  9.074   1.00 47.62 ? 2527 LYS A CG  1 
ATOM   301 C  CD  . LYS A 1 87  ? -11.205 -6.910  9.615   1.00 48.07 ? 2527 LYS A CD  1 
ATOM   302 C  CE  . LYS A 1 87  ? -12.304 -7.955  9.485   1.00 50.84 ? 2527 LYS A CE  1 
ATOM   303 N  NZ  . LYS A 1 87  ? -13.621 -7.462  10.048  1.00 53.59 ? 2527 LYS A NZ  1 
ATOM   304 N  N   . VAL A 1 88  ? -5.702  -5.134  8.560   1.00 42.81 ? 2528 VAL A N   1 
ATOM   305 C  CA  . VAL A 1 88  ? -4.690  -4.165  8.990   1.00 43.15 ? 2528 VAL A CA  1 
ATOM   306 C  C   . VAL A 1 88  ? -5.282  -2.787  9.185   1.00 42.86 ? 2528 VAL A C   1 
ATOM   307 O  O   . VAL A 1 88  ? -6.236  -2.428  8.541   1.00 42.95 ? 2528 VAL A O   1 
ATOM   308 C  CB  . VAL A 1 88  ? -3.520  -4.077  8.017   1.00 42.68 ? 2528 VAL A CB  1 
ATOM   309 C  CG1 . VAL A 1 88  ? -2.856  -5.428  7.887   1.00 44.63 ? 2528 VAL A CG1 1 
ATOM   310 C  CG2 . VAL A 1 88  ? -3.958  -3.585  6.652   1.00 43.73 ? 2528 VAL A CG2 1 
ATOM   311 N  N   . GLN A 1 89  ? -4.683  -2.018  10.083  1.00 43.53 ? 2529 GLN A N   1 
ATOM   312 C  CA  . GLN A 1 89  ? -5.003  -0.605  10.234  1.00 43.08 ? 2529 GLN A CA  1 
ATOM   313 C  C   . GLN A 1 89  ? -4.154  0.145   9.230   1.00 41.97 ? 2529 GLN A C   1 
ATOM   314 O  O   . GLN A 1 89  ? -2.967  -0.125  9.129   1.00 42.76 ? 2529 GLN A O   1 
ATOM   315 C  CB  . GLN A 1 89  ? -4.658  -0.116  11.647  1.00 44.19 ? 2529 GLN A CB  1 
ATOM   316 C  CG  . GLN A 1 89  ? -5.162  1.376   11.722  0.00 48.23 ? 2529 GLN A CG  1 
ATOM   317 C  CD  . GLN A 1 89  ? -5.375  1.752   13.168  0.00 53.80 ? 2529 GLN A CD  1 
ATOM   318 O  OE1 . GLN A 1 89  ? -6.162  1.125   13.870  0.00 55.47 ? 2529 GLN A OE1 1 
ATOM   319 N  NE2 . GLN A 1 89  ? -4.669  2.778   13.621  0.00 55.38 ? 2529 GLN A NE2 1 
ATOM   320 N  N   . LEU A 1 90  ? -4.774  1.055   8.483   1.00 41.12 ? 2530 LEU A N   1 
ATOM   321 C  CA  . LEU A 1 90  ? -4.115  1.817   7.438   1.00 40.90 ? 2530 LEU A CA  1 
ATOM   322 C  C   . LEU A 1 90  ? -4.168  3.315   7.720   1.00 39.43 ? 2530 LEU A C   1 
ATOM   323 O  O   . LEU A 1 90  ? -5.249  3.869   7.998   1.00 37.03 ? 2530 LEU A O   1 
ATOM   324 C  CB  . LEU A 1 90  ? -4.829  1.602   6.129   1.00 41.66 ? 2530 LEU A CB  1 
ATOM   325 C  CG  . LEU A 1 90  ? -4.408  0.571   5.115   1.00 43.26 ? 2530 LEU A CG  1 
ATOM   326 C  CD1 . LEU A 1 90  ? -5.525  0.453   4.078   1.00 43.60 ? 2530 LEU A CD1 1 
ATOM   327 C  CD2 . LEU A 1 90  ? -3.134  0.986   4.467   1.00 44.95 ? 2530 LEU A CD2 1 
ATOM   328 N  N   . ASP A 1 91  ? -3.011  3.970   7.622   1.00 37.78 ? 2531 ASP A N   1 
ATOM   329 C  CA  . ASP A 1 91  ? -2.942  5.438   7.690   1.00 38.08 ? 2531 ASP A CA  1 
ATOM   330 C  C   . ASP A 1 91  ? -2.265  5.955   6.432   1.00 37.98 ? 2531 ASP A C   1 
ATOM   331 O  O   . ASP A 1 91  ? -1.311  5.346   5.930   1.00 36.57 ? 2531 ASP A O   1 
ATOM   332 C  CB  . ASP A 1 91  ? -2.133  5.908   8.898   1.00 37.90 ? 2531 ASP A CB  1 
ATOM   333 C  CG  . ASP A 1 91  ? -2.894  5.817   10.189  1.00 40.26 ? 2531 ASP A CG  1 
ATOM   334 O  OD1 . ASP A 1 91  ? -2.955  4.720   10.796  1.00 38.49 ? 2531 ASP A OD1 1 
ATOM   335 O  OD2 . ASP A 1 91  ? -3.423  6.862   10.635  1.00 45.81 ? 2531 ASP A OD2 1 
ATOM   336 N  N   . CYS A 1 92  ? -2.753  7.074   5.920   1.00 38.45 ? 2532 CYS A N   1 
ATOM   337 C  CA  . CYS A 1 92  ? -2.063  7.793   4.864   1.00 39.20 ? 2532 CYS A CA  1 
ATOM   338 C  C   . CYS A 1 92  ? -1.888  9.273   5.239   1.00 40.36 ? 2532 CYS A C   1 
ATOM   339 O  O   . CYS A 1 92  ? -2.848  9.959   5.581   1.00 40.11 ? 2532 CYS A O   1 
ATOM   340 C  CB  . CYS A 1 92  ? -2.805  7.673   3.537   1.00 38.84 ? 2532 CYS A CB  1 
ATOM   341 S  SG  . CYS A 1 92  ? -1.802  8.358   2.192   1.00 36.93 ? 2532 CYS A SG  1 
ATOM   342 N  N   . ARG A 1 93  ? -0.645  9.738   5.201   1.00 41.26 ? 2533 ARG A N   1 
ATOM   343 C  CA  . ARG A 1 93  ? -0.312  11.126  5.356   1.00 43.07 ? 2533 ARG A CA  1 
ATOM   344 C  C   . ARG A 1 93  ? 0.309   11.636  4.041   1.00 44.73 ? 2533 ARG A C   1 
ATOM   345 O  O   . ARG A 1 93  ? 1.301   11.104  3.525   1.00 43.05 ? 2533 ARG A O   1 
ATOM   346 C  CB  . ARG A 1 93  ? 0.645   11.304  6.550   1.00 43.62 ? 2533 ARG A CB  1 
ATOM   347 C  CG  . ARG A 1 93  ? 1.370   12.644  6.607   1.00 43.19 ? 2533 ARG A CG  1 
ATOM   348 C  CD  . ARG A 1 93  ? 1.719   12.963  8.108   0.00 55.98 ? 2533 ARG A CD  1 
ATOM   349 N  NE  . ARG A 1 93  ? 2.331   14.296  8.216   0.00 60.36 ? 2533 ARG A NE  1 
ATOM   350 C  CZ  . ARG A 1 93  ? 3.280   14.604  9.094   0.00 62.10 ? 2533 ARG A CZ  1 
ATOM   351 N  NH1 . ARG A 1 93  ? 3.732   13.672  9.945   0.00 61.53 ? 2533 ARG A NH1 1 
ATOM   352 N  NH2 . ARG A 1 93  ? 3.788   15.828  9.122   0.00 61.66 ? 2533 ARG A NH2 1 
ATOM   353 N  N   . GLU A 1 94  ? -0.305  12.673  3.503   1.00 46.81 ? 2534 GLU A N   1 
ATOM   354 C  CA  . GLU A 1 94  ? 0.126   13.297  2.263   1.00 49.19 ? 2534 GLU A CA  1 
ATOM   355 C  C   . GLU A 1 94  ? 1.292   14.237  2.568   1.00 50.09 ? 2534 GLU A C   1 
ATOM   356 O  O   . GLU A 1 94  ? 1.132   15.211  3.293   1.00 51.19 ? 2534 GLU A O   1 
ATOM   357 C  CB  . GLU A 1 94  ? -1.057  14.062  1.685   1.00 49.73 ? 2534 GLU A CB  1 
ATOM   358 C  CG  . GLU A 1 94  ? -1.143  14.103  0.196   1.00 52.11 ? 2534 GLU A CG  1 
ATOM   359 C  CD  . GLU A 1 94  ? -2.406  14.793  -0.256  1.00 52.62 ? 2534 GLU A CD  1 
ATOM   360 O  OE1 . GLU A 1 94  ? -3.057  15.474  0.582   1.00 57.65 ? 2534 GLU A OE1 1 
ATOM   361 O  OE2 . GLU A 1 94  ? -2.746  14.658  -1.446  1.00 59.39 ? 2534 GLU A OE2 1 
ATOM   362 N  N   . CYS A 1 95  ? 2.474   13.889  2.077   1.00 51.53 ? 2535 CYS A N   1 
ATOM   363 C  CA  . CYS A 1 95  ? 3.703   14.673  2.254   1.00 52.45 ? 2535 CYS A CA  1 
ATOM   364 C  C   . CYS A 1 95  ? 4.150   15.208  0.873   1.00 52.72 ? 2535 CYS A C   1 
ATOM   365 O  O   . CYS A 1 95  ? 3.470   14.946  -0.137  1.00 52.33 ? 2535 CYS A O   1 
ATOM   366 C  CB  . CYS A 1 95  ? 4.783   13.791  2.903   1.00 53.09 ? 2535 CYS A CB  1 
ATOM   367 S  SG  . CYS A 1 95  ? 4.627   13.628  4.746   1.00 59.41 ? 2535 CYS A SG  1 
ATOM   368 N  N   . PRO A 1 96  ? 5.244   16.005  0.825   1.00 52.93 ? 2536 PRO A N   1 
ATOM   369 C  CA  . PRO A 1 96  ? 5.739   16.461  -0.489  1.00 52.61 ? 2536 PRO A CA  1 
ATOM   370 C  C   . PRO A 1 96  ? 6.186   15.334  -1.413  1.00 52.13 ? 2536 PRO A C   1 
ATOM   371 O  O   . PRO A 1 96  ? 5.867   15.363  -2.590  1.00 52.86 ? 2536 PRO A O   1 
ATOM   372 C  CB  . PRO A 1 96  ? 6.914   17.398  -0.143  1.00 53.09 ? 2536 PRO A CB  1 
ATOM   373 C  CG  . PRO A 1 96  ? 7.254   17.139  1.290   1.00 54.00 ? 2536 PRO A CG  1 
ATOM   374 C  CD  . PRO A 1 96  ? 5.991   16.625  1.941   1.00 53.28 ? 2536 PRO A CD  1 
ATOM   375 N  N   . GLU A 1 97  ? 6.890   14.342  -0.869  1.00 51.26 ? 2537 GLU A N   1 
ATOM   376 C  CA  . GLU A 1 97  ? 7.274   13.149  -1.617  1.00 49.92 ? 2537 GLU A CA  1 
ATOM   377 C  C   . GLU A 1 97  ? 6.087   12.293  -2.082  1.00 48.52 ? 2537 GLU A C   1 
ATOM   378 O  O   . GLU A 1 97  ? 6.264   11.409  -2.927  1.00 49.69 ? 2537 GLU A O   1 
ATOM   379 C  CB  . GLU A 1 97  ? 8.223   12.276  -0.773  1.00 50.24 ? 2537 GLU A CB  1 
ATOM   380 C  CG  . GLU A 1 97  ? 7.389   11.997  0.657   0.00 55.10 ? 2537 GLU A CG  1 
ATOM   381 C  CD  . GLU A 1 97  ? 8.428   12.084  1.757   0.00 59.39 ? 2537 GLU A CD  1 
ATOM   382 O  OE1 . GLU A 1 97  ? 9.289   12.987  1.694   0.00 61.08 ? 2537 GLU A OE1 1 
ATOM   383 O  OE2 . GLU A 1 97  ? 8.384   11.250  2.686   0.00 61.73 ? 2537 GLU A OE2 1 
ATOM   384 N  N   . GLY A 1 98  ? 4.908   12.510  -1.495  1.00 46.61 ? 2538 GLY A N   1 
ATOM   385 C  CA  . GLY A 1 98  ? 3.688   11.779  -1.868  1.00 44.54 ? 2538 GLY A CA  1 
ATOM   386 C  C   . GLY A 1 98  ? 2.854   11.245  -0.698  1.00 42.58 ? 2538 GLY A C   1 
ATOM   387 O  O   . GLY A 1 98  ? 3.016   11.680  0.459   1.00 42.56 ? 2538 GLY A O   1 
ATOM   388 N  N   . HIS A 1 99  ? 1.945   10.324  -1.018  1.00 39.29 ? 2539 HIS A N   1 
ATOM   389 C  CA  . HIS A 1 99  ? 1.103   9.652   -0.016  1.00 38.14 ? 2539 HIS A CA  1 
ATOM   390 C  C   . HIS A 1 99  ? 1.961   8.640   0.734   1.00 36.54 ? 2539 HIS A C   1 
ATOM   391 O  O   . HIS A 1 99  ? 2.418   7.645   0.159   1.00 36.58 ? 2539 HIS A O   1 
ATOM   392 C  CB  . HIS A 1 99  ? -0.054  8.917   -0.689  1.00 36.97 ? 2539 HIS A CB  1 
ATOM   393 C  CG  . HIS A 1 99  ? -0.960  9.794   -1.481  1.00 37.20 ? 2539 HIS A CG  1 
ATOM   394 N  ND1 . HIS A 1 99  ? -2.180  10.223  -1.007  1.00 39.07 ? 2539 HIS A ND1 1 
ATOM   395 C  CD2 . HIS A 1 99  ? -0.836  10.321  -2.727  1.00 38.21 ? 2539 HIS A CD2 1 
ATOM   396 C  CE1 . HIS A 1 99  ? -2.765  10.980  -1.920  1.00 36.84 ? 2539 HIS A CE1 1 
ATOM   397 N  NE2 . HIS A 1 99  ? -1.969  11.053  -2.972  1.00 35.94 ? 2539 HIS A NE2 1 
ATOM   398 N  N   . VAL A 1 100 ? 2.194   8.900   2.005   1.00 35.47 ? 2540 VAL A N   1 
ATOM   399 C  CA  . VAL A 1 100 ? 2.974   7.993   2.850   1.00 34.62 ? 2540 VAL A CA  1 
ATOM   400 C  C   . VAL A 1 100 ? 1.989   7.093   3.600   1.00 33.88 ? 2540 VAL A C   1 
ATOM   401 O  O   . VAL A 1 100 ? 1.239   7.558   4.483   1.00 32.20 ? 2540 VAL A O   1 
ATOM   402 C  CB  . VAL A 1 100 ? 3.832   8.767   3.865   1.00 34.54 ? 2540 VAL A CB  1 
ATOM   403 C  CG1 . VAL A 1 100 ? 4.680   7.801   4.701   1.00 34.59 ? 2540 VAL A CG1 1 
ATOM   404 C  CG2 . VAL A 1 100 ? 4.704   9.760   3.172   1.00 35.91 ? 2540 VAL A CG2 1 
ATOM   405 N  N   . VAL A 1 101 ? 1.993   5.815   3.231   1.00 32.51 ? 2541 VAL A N   1 
ATOM   406 C  CA  . VAL A 1 101 ? 1.041   4.833   3.754   1.00 32.40 ? 2541 VAL A CA  1 
ATOM   407 C  C   . VAL A 1 101 ? 1.725   3.969   4.787   1.00 32.46 ? 2541 VAL A C   1 
ATOM   408 O  O   . VAL A 1 101 ? 2.815   3.451   4.544   1.00 32.61 ? 2541 VAL A O   1 
ATOM   409 C  CB  . VAL A 1 101 ? 0.476   3.939   2.634   1.00 31.24 ? 2541 VAL A CB  1 
ATOM   410 C  CG1 . VAL A 1 101 ? -0.488  2.923   3.192   1.00 31.21 ? 2541 VAL A CG1 1 
ATOM   411 C  CG2 . VAL A 1 101 ? -0.274  4.788   1.567   1.00 33.07 ? 2541 VAL A CG2 1 
ATOM   412 N  N   . THR A 1 102 ? 1.077   3.807   5.932   1.00 32.60 ? 2542 THR A N   1 
ATOM   413 C  CA  . THR A 1 102 ? 1.566   2.987   7.034   1.00 32.10 ? 2542 THR A CA  1 
ATOM   414 C  C   . THR A 1 102 ? 0.500   1.950   7.378   1.00 32.49 ? 2542 THR A C   1 
ATOM   415 O  O   . THR A 1 102 ? -0.691  2.260   7.394   1.00 31.90 ? 2542 THR A O   1 
ATOM   416 C  CB  . THR A 1 102 ? 1.809   3.845   8.266   1.00 32.64 ? 2542 THR A CB  1 
ATOM   417 O  OG1 . THR A 1 102 ? 2.750   4.862   7.952   1.00 32.98 ? 2542 THR A OG1 1 
ATOM   418 C  CG2 . THR A 1 102 ? 2.351   3.030   9.426   1.00 33.04 ? 2542 THR A CG2 1 
ATOM   419 N  N   . TYR A 1 103 ? 0.928   0.713   7.611   1.00 32.54 ? 2543 TYR A N   1 
ATOM   420 C  CA  . TYR A 1 103 ? 0.037   -0.332  8.121   1.00 31.94 ? 2543 TYR A CA  1 
ATOM   421 C  C   . TYR A 1 103 ? 0.758   -1.254  9.047   1.00 31.90 ? 2543 TYR A C   1 
ATOM   422 O  O   . TYR A 1 103 ? 1.990   -1.400  8.946   1.00 30.93 ? 2543 TYR A O   1 
ATOM   423 C  CB  . TYR A 1 103 ? -0.585  -1.127  6.968   1.00 32.54 ? 2543 TYR A CB  1 
ATOM   424 C  CG  . TYR A 1 103 ? 0.376   -2.018  6.213   1.00 33.15 ? 2543 TYR A CG  1 
ATOM   425 C  CD1 . TYR A 1 103 ? 1.202   -1.504  5.212   1.00 33.43 ? 2543 TYR A CD1 1 
ATOM   426 C  CD2 . TYR A 1 103 ? 0.433   -3.396  6.467   1.00 35.07 ? 2543 TYR A CD2 1 
ATOM   427 C  CE1 . TYR A 1 103 ? 2.085   -2.308  4.510   1.00 33.57 ? 2543 TYR A CE1 1 
ATOM   428 C  CE2 . TYR A 1 103 ? 1.316   -4.210  5.775   1.00 33.93 ? 2543 TYR A CE2 1 
ATOM   429 C  CZ  . TYR A 1 103 ? 2.117   -3.668  4.777   1.00 35.59 ? 2543 TYR A CZ  1 
ATOM   430 O  OH  . TYR A 1 103 ? 2.989   -4.484  4.085   1.00 34.86 ? 2543 TYR A OH  1 
ATOM   431 N  N   . THR A 1 104 ? 0.002   -1.894  9.945   1.00 31.36 ? 2544 THR A N   1 
ATOM   432 C  CA  . THR A 1 104 ? 0.569   -2.846  10.883  1.00 32.32 ? 2544 THR A CA  1 
ATOM   433 C  C   . THR A 1 104 ? -0.112  -4.233  10.769  1.00 33.08 ? 2544 THR A C   1 
ATOM   434 O  O   . THR A 1 104 ? -1.258  -4.408  11.193  1.00 33.26 ? 2544 THR A O   1 
ATOM   435 C  CB  . THR A 1 104 ? 0.526   -2.313  12.325  1.00 32.88 ? 2544 THR A CB  1 
ATOM   436 O  OG1 . THR A 1 104 ? 1.235   -1.057  12.413  1.00 31.39 ? 2544 THR A OG1 1 
ATOM   437 C  CG2 . THR A 1 104 ? 1.172   -3.277  13.244  1.00 32.93 ? 2544 THR A CG2 1 
ATOM   438 N  N   . PRO A 1 105 ? 0.593   -5.213  10.188  1.00 32.37 ? 2545 PRO A N   1 
ATOM   439 C  CA  . PRO A 1 105 ? 0.051   -6.568  10.048  1.00 33.28 ? 2545 PRO A CA  1 
ATOM   440 C  C   . PRO A 1 105 ? 0.124   -7.293  11.368  1.00 33.97 ? 2545 PRO A C   1 
ATOM   441 O  O   . PRO A 1 105 ? 1.099   -7.117  12.114  1.00 33.89 ? 2545 PRO A O   1 
ATOM   442 C  CB  . PRO A 1 105 ? 0.977   -7.241  9.039   1.00 32.87 ? 2545 PRO A CB  1 
ATOM   443 C  CG  . PRO A 1 105 ? 2.240   -6.513  9.105   1.00 32.71 ? 2545 PRO A CG  1 
ATOM   444 C  CD  . PRO A 1 105 ? 1.952   -5.105  9.636   1.00 33.25 ? 2545 PRO A CD  1 
ATOM   445 N  N   . MET A 1 106 ? -0.920  -8.063  11.671  1.00 34.16 ? 2546 MET A N   1 
ATOM   446 C  CA  . MET A 1 106 ? -1.005  -8.750  12.940  1.00 34.37 ? 2546 MET A CA  1 
ATOM   447 C  C   . MET A 1 106 ? -0.902  -10.275 12.815  1.00 34.00 ? 2546 MET A C   1 
ATOM   448 O  O   . MET A 1 106 ? -0.877  -10.982 13.829  1.00 34.34 ? 2546 MET A O   1 
ATOM   449 C  CB  . MET A 1 106 ? -2.293  -8.341  13.648  1.00 35.42 ? 2546 MET A CB  1 
ATOM   450 C  CG  . MET A 1 106 ? -2.346  -6.878  14.051  1.00 37.12 ? 2546 MET A CG  1 
ATOM   451 S  SD  . MET A 1 106 ? -0.981  -6.310  15.089  1.00 41.96 ? 2546 MET A SD  1 
ATOM   452 C  CE  . MET A 1 106 ? -1.479  -6.897  16.708  1.00 42.40 ? 2546 MET A CE  1 
ATOM   453 N  N   . ALA A 1 107 ? -0.848  -10.774 11.586  1.00 33.82 ? 2547 ALA A N   1 
ATOM   454 C  CA  . ALA A 1 107 ? -0.648  -12.183 11.320  1.00 34.24 ? 2547 ALA A CA  1 
ATOM   455 C  C   . ALA A 1 107 ? 0.327   -12.410 10.188  1.00 34.38 ? 2547 ALA A C   1 
ATOM   456 O  O   . ALA A 1 107 ? 0.374   -11.626 9.223   1.00 33.38 ? 2547 ALA A O   1 
ATOM   457 C  CB  . ALA A 1 107 ? -1.993  -12.862 11.003  1.00 34.58 ? 2547 ALA A CB  1 
ATOM   458 N  N   . PRO A 1 108 ? 1.078   -13.517 10.258  1.00 34.43 ? 2548 PRO A N   1 
ATOM   459 C  CA  . PRO A 1 108 ? 2.021   -13.851 9.188   1.00 35.35 ? 2548 PRO A CA  1 
ATOM   460 C  C   . PRO A 1 108 ? 1.318   -14.355 7.925   1.00 35.68 ? 2548 PRO A C   1 
ATOM   461 O  O   . PRO A 1 108 ? 0.173   -14.802 7.990   1.00 35.72 ? 2548 PRO A O   1 
ATOM   462 C  CB  . PRO A 1 108 ? 2.850   -14.983 9.793   1.00 35.11 ? 2548 PRO A CB  1 
ATOM   463 C  CG  . PRO A 1 108 ? 1.928   -15.650 10.701  1.00 34.35 ? 2548 PRO A CG  1 
ATOM   464 C  CD  . PRO A 1 108 ? 1.082   -14.546 11.312  1.00 35.17 ? 2548 PRO A CD  1 
ATOM   465 N  N   . GLY A 1 109 ? 2.008   -14.302 6.800   1.00 36.12 ? 2549 GLY A N   1 
ATOM   466 C  CA  . GLY A 1 109 ? 1.437   -14.736 5.536   1.00 37.58 ? 2549 GLY A CA  1 
ATOM   467 C  C   . GLY A 1 109 ? 1.527   -13.679 4.451   1.00 38.60 ? 2549 GLY A C   1 
ATOM   468 O  O   . GLY A 1 109 ? 2.292   -12.716 4.574   1.00 38.67 ? 2549 GLY A O   1 
ATOM   469 N  N   . ASN A 1 110 ? 0.740   -13.864 3.391   1.00 39.33 ? 2550 ASN A N   1 
ATOM   470 C  CA  . ASN A 1 110 ? 0.793   -12.990 2.218   1.00 40.39 ? 2550 ASN A CA  1 
ATOM   471 C  C   . ASN A 1 110 ? -0.325  -11.982 2.222   1.00 40.18 ? 2550 ASN A C   1 
ATOM   472 O  O   . ASN A 1 110 ? -1.472  -12.344 2.370   1.00 40.72 ? 2550 ASN A O   1 
ATOM   473 C  CB  . ASN A 1 110 ? 0.692   -13.813 0.939   1.00 41.34 ? 2550 ASN A CB  1 
ATOM   474 C  CG  . ASN A 1 110 ? 1.771   -14.844 0.845   1.00 44.03 ? 2550 ASN A CG  1 
ATOM   475 O  OD1 . ASN A 1 110 ? 2.943   -14.544 1.042   1.00 47.36 ? 2550 ASN A OD1 1 
ATOM   476 N  ND2 . ASN A 1 110 ? 1.384   -16.083 0.552   1.00 49.18 ? 2550 ASN A ND2 1 
ATOM   477 N  N   . TYR A 1 111 ? 0.037   -10.716 2.074   1.00 40.30 ? 2551 TYR A N   1 
ATOM   478 C  CA  . TYR A 1 111 ? -0.898  -9.631  2.000   1.00 40.02 ? 2551 TYR A CA  1 
ATOM   479 C  C   . TYR A 1 111 ? -0.863  -9.084  0.589   1.00 40.57 ? 2551 TYR A C   1 
ATOM   480 O  O   . TYR A 1 111 ? 0.209   -8.968  0.001   1.00 41.73 ? 2551 TYR A O   1 
ATOM   481 C  CB  . TYR A 1 111 ? -0.532  -8.547  2.997   1.00 39.03 ? 2551 TYR A CB  1 
ATOM   482 C  CG  . TYR A 1 111 ? -0.765  -8.954  4.434   1.00 38.84 ? 2551 TYR A CG  1 
ATOM   483 C  CD1 . TYR A 1 111 ? -1.866  -8.490  5.136   1.00 37.93 ? 2551 TYR A CD1 1 
ATOM   484 C  CD2 . TYR A 1 111 ? 0.114   -9.829  5.086   1.00 37.99 ? 2551 TYR A CD2 1 
ATOM   485 C  CE1 . TYR A 1 111 ? -2.090  -8.854  6.458   1.00 38.17 ? 2551 TYR A CE1 1 
ATOM   486 C  CE2 . TYR A 1 111 ? -0.099  -10.204 6.406   1.00 35.60 ? 2551 TYR A CE2 1 
ATOM   487 C  CZ  . TYR A 1 111 ? -1.213  -9.723  7.080   1.00 37.80 ? 2551 TYR A CZ  1 
ATOM   488 O  OH  . TYR A 1 111 ? -1.451  -10.056 8.386   1.00 36.96 ? 2551 TYR A OH  1 
ATOM   489 N  N   . LEU A 1 112 ? -2.035  -8.805  0.030   1.00 40.80 ? 2552 LEU A N   1 
ATOM   490 C  CA  . LEU A 1 112 ? -2.129  -8.193  -1.291  1.00 40.91 ? 2552 LEU A CA  1 
ATOM   491 C  C   . LEU A 1 112 ? -2.511  -6.745  -1.117  1.00 39.89 ? 2552 LEU A C   1 
ATOM   492 O  O   . LEU A 1 112 ? -3.531  -6.448  -0.504  1.00 40.27 ? 2552 LEU A O   1 
ATOM   493 C  CB  . LEU A 1 112 ? -3.180  -8.891  -2.161  1.00 42.28 ? 2552 LEU A CB  1 
ATOM   494 C  CG  . LEU A 1 112 ? -2.716  -10.161 -2.867  1.00 45.23 ? 2552 LEU A CG  1 
ATOM   495 C  CD1 . LEU A 1 112 ? -3.890  -10.772 -3.646  1.00 48.06 ? 2552 LEU A CD1 1 
ATOM   496 C  CD2 . LEU A 1 112 ? -1.554  -9.903  -3.805  1.00 45.93 ? 2552 LEU A CD2 1 
ATOM   497 N  N   . ILE A 1 113 ? -1.664  -5.872  -1.645  1.00 39.03 ? 2553 ILE A N   1 
ATOM   498 C  CA  . ILE A 1 113 ? -1.824  -4.426  -1.570  1.00 38.68 ? 2553 ILE A CA  1 
ATOM   499 C  C   . ILE A 1 113 ? -2.230  -3.917  -2.960  1.00 37.44 ? 2553 ILE A C   1 
ATOM   500 O  O   . ILE A 1 113 ? -1.410  -3.849  -3.880  1.00 36.75 ? 2553 ILE A O   1 
ATOM   501 C  CB  . ILE A 1 113 ? -0.516  -3.762  -1.117  1.00 38.22 ? 2553 ILE A CB  1 
ATOM   502 C  CG1 . ILE A 1 113 ? -0.046  -4.381  0.201   1.00 39.54 ? 2553 ILE A CG1 1 
ATOM   503 C  CG2 . ILE A 1 113 ? -0.681  -2.245  -1.040  1.00 39.29 ? 2553 ILE A CG2 1 
ATOM   504 C  CD1 . ILE A 1 113 ? 1.358   -4.065  0.536   1.00 39.53 ? 2553 ILE A CD1 1 
ATOM   505 N  N   . ALA A 1 114 ? -3.498  -3.570  -3.106  1.00 36.67 ? 2554 ALA A N   1 
ATOM   506 C  CA  . ALA A 1 114 ? -4.004  -3.108  -4.388  1.00 36.86 ? 2554 ALA A CA  1 
ATOM   507 C  C   . ALA A 1 114 ? -4.063  -1.575  -4.368  1.00 36.70 ? 2554 ALA A C   1 
ATOM   508 O  O   . ALA A 1 114 ? -4.677  -0.944  -3.470  1.00 36.50 ? 2554 ALA A O   1 
ATOM   509 C  CB  . ALA A 1 114 ? -5.373  -3.724  -4.686  1.00 36.84 ? 2554 ALA A CB  1 
ATOM   510 N  N   . ILE A 1 115 ? -3.399  -0.991  -5.346  1.00 36.05 ? 2555 ILE A N   1 
ATOM   511 C  CA  . ILE A 1 115 ? -3.342  0.446   -5.504  1.00 36.34 ? 2555 ILE A CA  1 
ATOM   512 C  C   . ILE A 1 115 ? -3.908  0.800   -6.879  1.00 36.91 ? 2555 ILE A C   1 
ATOM   513 O  O   . ILE A 1 115 ? -3.357  0.396   -7.910  1.00 36.48 ? 2555 ILE A O   1 
ATOM   514 C  CB  . ILE A 1 115 ? -1.907  0.967   -5.336  1.00 35.53 ? 2555 ILE A CB  1 
ATOM   515 C  CG1 . ILE A 1 115 ? -1.307  0.440   -4.014  1.00 34.43 ? 2555 ILE A CG1 1 
ATOM   516 C  CG2 . ILE A 1 115 ? -1.888  2.478   -5.377  1.00 36.13 ? 2555 ILE A CG2 1 
ATOM   517 C  CD1 . ILE A 1 115 ? 0.130   0.819   -3.777  1.00 35.35 ? 2555 ILE A CD1 1 
ATOM   518 N  N   . LYS A 1 116 ? -5.008  1.540   -6.864  1.00 37.63 ? 2556 LYS A N   1 
ATOM   519 C  CA  . LYS A 1 116 ? -5.725  1.949   -8.069  1.00 39.22 ? 2556 LYS A CA  1 
ATOM   520 C  C   . LYS A 1 116 ? -5.797  3.467   -8.067  1.00 39.74 ? 2556 LYS A C   1 
ATOM   521 O  O   . LYS A 1 116 ? -5.763  4.092   -6.981  1.00 38.84 ? 2556 LYS A O   1 
ATOM   522 C  CB  . LYS A 1 116 ? -7.132  1.359   -8.061  1.00 39.22 ? 2556 LYS A CB  1 
ATOM   523 C  CG  . LYS A 1 116 ? -7.152  -0.173  -8.027  1.00 41.10 ? 2556 LYS A CG  1 
ATOM   524 C  CD  . LYS A 1 116 ? -8.524  -0.703  -7.716  1.00 41.53 ? 2556 LYS A CD  1 
ATOM   525 C  CE  . LYS A 1 116 ? -8.586  -2.230  -7.826  1.00 43.92 ? 2556 LYS A CE  1 
ATOM   526 N  NZ  . LYS A 1 116 ? -10.025 -2.690  -7.784  1.00 46.15 ? 2556 LYS A NZ  1 
ATOM   527 N  N   . TYR A 1 117 ? -5.862  4.064   -9.257  1.00 40.83 ? 2557 TYR A N   1 
ATOM   528 C  CA  . TYR A 1 117 ? -5.884  5.537   -9.375  1.00 42.38 ? 2557 TYR A CA  1 
ATOM   529 C  C   . TYR A 1 117 ? -6.862  6.016   -10.434 1.00 43.74 ? 2557 TYR A C   1 
ATOM   530 O  O   . TYR A 1 117 ? -6.834  5.533   -11.568 1.00 43.33 ? 2557 TYR A O   1 
ATOM   531 C  CB  . TYR A 1 117 ? -4.495  6.108   -9.691  1.00 42.31 ? 2557 TYR A CB  1 
ATOM   532 C  CG  . TYR A 1 117 ? -4.400  7.627   -9.515  1.00 42.39 ? 2557 TYR A CG  1 
ATOM   533 C  CD1 . TYR A 1 117 ? -4.395  8.192   -8.247  1.00 41.65 ? 2557 TYR A CD1 1 
ATOM   534 C  CD2 . TYR A 1 117 ? -4.301  8.492   -10.613 1.00 43.95 ? 2557 TYR A CD2 1 
ATOM   535 C  CE1 . TYR A 1 117 ? -4.304  9.550   -8.062  1.00 42.52 ? 2557 TYR A CE1 1 
ATOM   536 C  CE2 . TYR A 1 117 ? -4.198  9.881   -10.421 1.00 42.54 ? 2557 TYR A CE2 1 
ATOM   537 C  CZ  . TYR A 1 117 ? -4.218  10.387  -9.143  1.00 41.83 ? 2557 TYR A CZ  1 
ATOM   538 O  OH  . TYR A 1 117 ? -4.126  11.738  -8.887  1.00 45.77 ? 2557 TYR A OH  1 
ATOM   539 N  N   . GLY A 1 118 ? -7.712  6.958   -10.030 1.00 45.17 ? 2558 GLY A N   1 
ATOM   540 C  CA  . GLY A 1 118 ? -8.606  7.677   -10.918 1.00 46.69 ? 2558 GLY A CA  1 
ATOM   541 C  C   . GLY A 1 118 ? -9.639  6.814   -11.594 1.00 47.91 ? 2558 GLY A C   1 
ATOM   542 O  O   . GLY A 1 118 ? -10.026 7.099   -12.721 1.00 49.04 ? 2558 GLY A O   1 
ATOM   543 N  N   . GLY A 1 119 ? -10.076 5.771   -10.901 1.00 48.85 ? 2559 GLY A N   1 
ATOM   544 C  CA  . GLY A 1 119 ? -10.951 4.747   -11.459 1.00 49.26 ? 2559 GLY A CA  1 
ATOM   545 C  C   . GLY A 1 119 ? -10.544 3.350   -11.007 1.00 49.90 ? 2559 GLY A C   1 
ATOM   546 O  O   . GLY A 1 119 ? -9.838  3.200   -10.015 1.00 50.43 ? 2559 GLY A O   1 
ATOM   547 N  N   . PRO A 1 120 ? -10.971 2.316   -11.748 1.00 50.34 ? 2560 PRO A N   1 
ATOM   548 C  CA  . PRO A 1 120 ? -10.768 0.926   -11.353 1.00 49.84 ? 2560 PRO A CA  1 
ATOM   549 C  C   . PRO A 1 120 ? -9.394  0.359   -11.717 1.00 49.38 ? 2560 PRO A C   1 
ATOM   550 O  O   . PRO A 1 120 ? -9.103  -0.760  -11.370 1.00 49.74 ? 2560 PRO A O   1 
ATOM   551 C  CB  . PRO A 1 120 ? -11.855 0.193   -12.150 1.00 50.47 ? 2560 PRO A CB  1 
ATOM   552 C  CG  . PRO A 1 120 ? -11.961 0.955   -13.394 1.00 50.99 ? 2560 PRO A CG  1 
ATOM   553 C  CD  . PRO A 1 120 ? -11.674 2.405   -13.047 1.00 50.81 ? 2560 PRO A CD  1 
ATOM   554 N  N   . GLN A 1 121 ? -8.543  1.124   -12.386 1.00 48.41 ? 2561 GLN A N   1 
ATOM   555 C  CA  . GLN A 1 121 ? -7.311  0.555   -12.916 1.00 47.96 ? 2561 GLN A CA  1 
ATOM   556 C  C   . GLN A 1 121 ? -6.146  0.541   -11.918 1.00 46.28 ? 2561 GLN A C   1 
ATOM   557 O  O   . GLN A 1 121 ? -5.851  1.547   -11.263 1.00 45.03 ? 2561 GLN A O   1 
ATOM   558 C  CB  . GLN A 1 121 ? -6.909  1.277   -14.195 1.00 47.84 ? 2561 GLN A CB  1 
ATOM   559 C  CG  . GLN A 1 121 ? -5.728  0.641   -14.899 1.00 50.24 ? 2561 GLN A CG  1 
ATOM   560 C  CD  . GLN A 1 121 ? -5.743  0.853   -16.401 1.00 52.29 ? 2561 GLN A CD  1 
ATOM   561 O  OE1 . GLN A 1 121 ? -6.617  0.329   -17.106 1.00 59.51 ? 2561 GLN A OE1 1 
ATOM   562 N  NE2 . GLN A 1 121 ? -4.763  1.614   -16.904 1.00 54.90 ? 2561 GLN A NE2 1 
ATOM   563 N  N   . HIS A 1 122 ? -5.490  -0.614  -11.849 1.00 44.93 ? 2562 HIS A N   1 
ATOM   564 C  CA  . HIS A 1 122 ? -4.287  -0.821  -11.065 1.00 44.69 ? 2562 HIS A CA  1 
ATOM   565 C  C   . HIS A 1 122 ? -3.128  0.021   -11.589 1.00 44.45 ? 2562 HIS A C   1 
ATOM   566 O  O   . HIS A 1 122 ? -2.920  0.119   -12.795 1.00 44.15 ? 2562 HIS A O   1 
ATOM   567 C  CB  . HIS A 1 122 ? -3.865  -2.298  -11.126 1.00 44.70 ? 2562 HIS A CB  1 
ATOM   568 C  CG  . HIS A 1 122 ? -4.682  -3.206  -10.252 1.00 45.41 ? 2562 HIS A CG  1 
ATOM   569 N  ND1 . HIS A 1 122 ? -4.384  -3.430  -8.924  1.00 43.84 ? 2562 HIS A ND1 1 
ATOM   570 C  CD2 . HIS A 1 122 ? -5.775  -3.959  -10.521 1.00 47.97 ? 2562 HIS A CD2 1 
ATOM   571 C  CE1 . HIS A 1 122 ? -5.255  -4.281  -8.413  1.00 44.31 ? 2562 HIS A CE1 1 
ATOM   572 N  NE2 . HIS A 1 122 ? -6.115  -4.610  -9.358  1.00 46.62 ? 2562 HIS A NE2 1 
ATOM   573 N  N   . ILE A 1 123 ? -2.357  0.603   -10.676 1.00 42.91 ? 2563 ILE A N   1 
ATOM   574 C  CA  . ILE A 1 123 ? -1.123  1.274   -11.046 1.00 42.26 ? 2563 ILE A CA  1 
ATOM   575 C  C   . ILE A 1 123 ? -0.114  0.206   -11.423 1.00 42.27 ? 2563 ILE A C   1 
ATOM   576 O  O   . ILE A 1 123 ? -0.364  -0.972  -11.222 1.00 40.65 ? 2563 ILE A O   1 
ATOM   577 C  CB  . ILE A 1 123 ? -0.575  2.173   -9.923  1.00 41.69 ? 2563 ILE A CB  1 
ATOM   578 C  CG1 . ILE A 1 123 ? -0.002  1.359   -8.743  1.00 41.74 ? 2563 ILE A CG1 1 
ATOM   579 C  CG2 . ILE A 1 123 ? -1.674  3.137   -9.442  1.00 40.32 ? 2563 ILE A CG2 1 
ATOM   580 C  CD1 . ILE A 1 123 ? 0.988   2.167   -7.873  1.00 41.47 ? 2563 ILE A CD1 1 
ATOM   581 N  N   . VAL A 1 124 ? 1.027   0.622   -11.971 1.00 42.34 ? 2564 VAL A N   1 
ATOM   582 C  CA  . VAL A 1 124 ? 2.038   -0.337  -12.412 1.00 42.59 ? 2564 VAL A CA  1 
ATOM   583 C  C   . VAL A 1 124 ? 2.627   -1.042  -11.202 1.00 42.25 ? 2564 VAL A C   1 
ATOM   584 O  O   . VAL A 1 124 ? 3.107   -0.384  -10.269 1.00 42.78 ? 2564 VAL A O   1 
ATOM   585 C  CB  . VAL A 1 124 ? 3.127   0.349   -13.277 1.00 43.40 ? 2564 VAL A CB  1 
ATOM   586 C  CG1 . VAL A 1 124 ? 4.281   -0.599  -13.582 1.00 44.69 ? 2564 VAL A CG1 1 
ATOM   587 C  CG2 . VAL A 1 124 ? 2.492   0.856   -14.594 1.00 45.21 ? 2564 VAL A CG2 1 
ATOM   588 N  N   . GLY A 1 125 ? 2.572   -2.374  -11.209 1.00 41.30 ? 2565 GLY A N   1 
ATOM   589 C  CA  . GLY A 1 125 ? 3.060   -3.188  -10.105 1.00 40.95 ? 2565 GLY A CA  1 
ATOM   590 C  C   . GLY A 1 125 ? 1.986   -3.637  -9.115  1.00 40.35 ? 2565 GLY A C   1 
ATOM   591 O  O   . GLY A 1 125 ? 2.248   -4.472  -8.253  1.00 41.01 ? 2565 GLY A O   1 
ATOM   592 N  N   . SER A 1 126 ? 0.783   -3.096  -9.218  1.00 39.40 ? 2566 SER A N   1 
ATOM   593 C  CA  . SER A 1 126 ? -0.304  -3.501  -8.337  1.00 39.45 ? 2566 SER A CA  1 
ATOM   594 C  C   . SER A 1 126 ? -1.109  -4.632  -8.964  1.00 40.29 ? 2566 SER A C   1 
ATOM   595 O  O   . SER A 1 126 ? -1.398  -4.563  -10.148 1.00 40.44 ? 2566 SER A O   1 
ATOM   596 C  CB  . SER A 1 126 ? -1.233  -2.346  -8.081  1.00 38.44 ? 2566 SER A CB  1 
ATOM   597 O  OG  . SER A 1 126 ? -2.379  -2.763  -7.352  1.00 36.30 ? 2566 SER A OG  1 
ATOM   598 N  N   . PRO A 1 127 ? -1.568  -5.609  -8.157  1.00 40.88 ? 2567 PRO A N   1 
ATOM   599 C  CA  . PRO A 1 127 ? -1.435  -5.716  -6.692  1.00 41.30 ? 2567 PRO A CA  1 
ATOM   600 C  C   . PRO A 1 127 ? -0.049  -6.163  -6.239  1.00 41.34 ? 2567 PRO A C   1 
ATOM   601 O  O   . PRO A 1 127 ? 0.516   -7.079  -6.831  1.00 41.04 ? 2567 PRO A O   1 
ATOM   602 C  CB  . PRO A 1 127 ? -2.495  -6.771  -6.321  1.00 41.69 ? 2567 PRO A CB  1 
ATOM   603 C  CG  . PRO A 1 127 ? -2.661  -7.612  -7.566  1.00 41.77 ? 2567 PRO A CG  1 
ATOM   604 C  CD  . PRO A 1 127 ? -2.354  -6.724  -8.730  1.00 40.90 ? 2567 PRO A CD  1 
ATOM   605 N  N   . PHE A 1 128 ? 0.509   -5.490  -5.223  1.00 40.75 ? 2568 PHE A N   1 
ATOM   606 C  CA  . PHE A 1 128 ? 1.795   -5.869  -4.653  1.00 41.53 ? 2568 PHE A CA  1 
ATOM   607 C  C   . PHE A 1 128 ? 1.581   -7.001  -3.631  1.00 42.11 ? 2568 PHE A C   1 
ATOM   608 O  O   . PHE A 1 128 ? 0.599   -6.985  -2.866  1.00 42.91 ? 2568 PHE A O   1 
ATOM   609 C  CB  . PHE A 1 128 ? 2.478   -4.662  -3.973  1.00 41.50 ? 2568 PHE A CB  1 
ATOM   610 C  CG  . PHE A 1 128 ? 2.742   -3.515  -4.912  1.00 41.38 ? 2568 PHE A CG  1 
ATOM   611 C  CD1 . PHE A 1 128 ? 3.955   -3.406  -5.585  1.00 41.04 ? 2568 PHE A CD1 1 
ATOM   612 C  CD2 . PHE A 1 128 ? 1.753   -2.576  -5.181  1.00 40.67 ? 2568 PHE A CD2 1 
ATOM   613 C  CE1 . PHE A 1 128 ? 4.176   -2.351  -6.487  1.00 39.84 ? 2568 PHE A CE1 1 
ATOM   614 C  CE2 . PHE A 1 128 ? 1.989   -1.532  -6.081  1.00 41.51 ? 2568 PHE A CE2 1 
ATOM   615 C  CZ  . PHE A 1 128 ? 3.194   -1.431  -6.724  1.00 40.41 ? 2568 PHE A CZ  1 
ATOM   616 N  N   . LYS A 1 129 ? 2.472   -7.983  -3.613  1.00 43.12 ? 2569 LYS A N   1 
ATOM   617 C  CA  . LYS A 1 129 ? 2.388   -9.038  -2.602  1.00 43.38 ? 2569 LYS A CA  1 
ATOM   618 C  C   . LYS A 1 129 ? 3.433   -8.808  -1.537  1.00 42.80 ? 2569 LYS A C   1 
ATOM   619 O  O   . LYS A 1 129 ? 4.608   -8.746  -1.831  1.00 42.99 ? 2569 LYS A O   1 
ATOM   620 C  CB  . LYS A 1 129 ? 2.535   -10.430 -3.193  1.00 44.43 ? 2569 LYS A CB  1 
ATOM   621 C  CG  . LYS A 1 129 ? 2.099   -11.554 -2.184  1.00 45.88 ? 2569 LYS A CG  1 
ATOM   622 C  CD  . LYS A 1 129 ? 2.325   -12.965 -2.748  1.00 47.82 ? 2569 LYS A CD  1 
ATOM   623 C  CE  . LYS A 1 129 ? 1.016   -13.590 -3.253  1.00 51.53 ? 2569 LYS A CE  1 
ATOM   624 N  NZ  . LYS A 1 129 ? 1.103   -15.098 -3.345  1.00 53.28 ? 2569 LYS A NZ  1 
ATOM   625 N  N   . ALA A 1 130 ? 2.991   -8.618  -0.299  1.00 42.01 ? 2570 ALA A N   1 
ATOM   626 C  CA  . ALA A 1 130 ? 3.918   -8.432  0.816   1.00 41.71 ? 2570 ALA A CA  1 
ATOM   627 C  C   . ALA A 1 130 ? 3.888   -9.681  1.677   1.00 41.16 ? 2570 ALA A C   1 
ATOM   628 O  O   . ALA A 1 130 ? 2.817   -10.211 1.991   1.00 40.55 ? 2570 ALA A O   1 
ATOM   629 C  CB  . ALA A 1 130 ? 3.561   -7.224  1.625   1.00 41.15 ? 2570 ALA A CB  1 
ATOM   630 N  N   . LYS A 1 131 ? 5.071   -10.141 2.048   1.00 42.23 ? 2571 LYS A N   1 
ATOM   631 C  CA  . LYS A 1 131 ? 5.225   -11.321 2.896   1.00 41.96 ? 2571 LYS A CA  1 
ATOM   632 C  C   . LYS A 1 131 ? 5.572   -10.892 4.300   1.00 41.03 ? 2571 LYS A C   1 
ATOM   633 O  O   . LYS A 1 131 ? 6.544   -10.166 4.527   1.00 40.84 ? 2571 LYS A O   1 
ATOM   634 C  CB  . LYS A 1 131 ? 6.321   -12.238 2.302   1.00 43.69 ? 2571 LYS A CB  1 
ATOM   635 C  CG  . LYS A 1 131 ? 6.513   -13.578 3.025   1.00 45.70 ? 2571 LYS A CG  1 
ATOM   636 C  CD  . LYS A 1 131 ? 5.193   -14.237 3.382   1.00 49.71 ? 2571 LYS A CD  1 
ATOM   637 C  CE  . LYS A 1 131 ? 5.179   -15.728 3.129   1.00 50.55 ? 2571 LYS A CE  1 
ATOM   638 N  NZ  . LYS A 1 131 ? 3.750   -16.155 2.981   1.00 51.83 ? 2571 LYS A NZ  1 
ATOM   639 N  N   . VAL A 1 132 ? 4.742   -11.292 5.249   1.00 40.46 ? 2572 VAL A N   1 
ATOM   640 C  CA  . VAL A 1 132 ? 4.904   -10.894 6.637   1.00 40.09 ? 2572 VAL A CA  1 
ATOM   641 C  C   . VAL A 1 132 ? 5.250   -12.146 7.451   1.00 40.25 ? 2572 VAL A C   1 
ATOM   642 O  O   . VAL A 1 132 ? 4.653   -13.222 7.265   1.00 39.51 ? 2572 VAL A O   1 
ATOM   643 C  CB  . VAL A 1 132 ? 3.624   -10.242 7.210   1.00 39.89 ? 2572 VAL A CB  1 
ATOM   644 C  CG1 . VAL A 1 132 ? 3.790   -9.945  8.693   1.00 39.59 ? 2572 VAL A CG1 1 
ATOM   645 C  CG2 . VAL A 1 132 ? 3.276   -8.932  6.448   1.00 38.94 ? 2572 VAL A CG2 1 
ATOM   646 N  N   . THR A 1 133 ? 6.218   -11.980 8.341   1.00 39.98 ? 2573 THR A N   1 
ATOM   647 C  CA  . THR A 1 133 ? 6.645   -13.032 9.241   1.00 40.39 ? 2573 THR A CA  1 
ATOM   648 C  C   . THR A 1 133 ? 6.337   -12.637 10.669  1.00 39.74 ? 2573 THR A C   1 
ATOM   649 O  O   . THR A 1 133 ? 6.014   -11.479 10.944  1.00 39.78 ? 2573 THR A O   1 
ATOM   650 C  CB  . THR A 1 133 ? 8.161   -13.264 9.118   1.00 40.77 ? 2573 THR A CB  1 
ATOM   651 O  OG1 . THR A 1 133 ? 8.858   -12.055 9.435   1.00 41.47 ? 2573 THR A OG1 1 
ATOM   652 C  CG2 . THR A 1 133 ? 8.532   -13.695 7.698   1.00 43.30 ? 2573 THR A CG2 1 
ATOM   653 N  N   . GLY A 1 134 ? 6.447   -13.606 11.574  1.00 39.62 ? 2574 GLY A N   1 
ATOM   654 C  CA  . GLY A 1 134 ? 6.369   -13.379 13.019  1.00 39.25 ? 2574 GLY A CA  1 
ATOM   655 C  C   . GLY A 1 134 ? 5.156   -14.105 13.544  1.00 39.22 ? 2574 GLY A C   1 
ATOM   656 O  O   . GLY A 1 134 ? 4.429   -14.704 12.764  1.00 39.19 ? 2574 GLY A O   1 
ATOM   657 N  N   . PRO A 1 135 ? 4.925   -14.058 14.865  1.00 39.18 ? 2575 PRO A N   1 
ATOM   658 C  CA  . PRO A 1 135 ? 3.730   -14.680 15.441  1.00 38.53 ? 2575 PRO A CA  1 
ATOM   659 C  C   . PRO A 1 135 ? 2.404   -14.055 14.996  1.00 38.14 ? 2575 PRO A C   1 
ATOM   660 O  O   . PRO A 1 135 ? 2.323   -12.838 14.798  1.00 36.11 ? 2575 PRO A O   1 
ATOM   661 C  CB  . PRO A 1 135 ? 3.907   -14.462 16.958  1.00 39.22 ? 2575 PRO A CB  1 
ATOM   662 C  CG  . PRO A 1 135 ? 5.382   -14.189 17.157  1.00 39.76 ? 2575 PRO A CG  1 
ATOM   663 C  CD  . PRO A 1 135 ? 5.791   -13.457 15.901  1.00 39.82 ? 2575 PRO A CD  1 
ATOM   664 N  N   . ARG A 1 136 ? 1.374   -14.888 14.863  1.00 38.16 ? 2576 ARG A N   1 
ATOM   665 C  CA  . ARG A 1 136 ? 0.009   -14.386 14.826  1.00 39.02 ? 2576 ARG A CA  1 
ATOM   666 C  C   . ARG A 1 136 ? -0.359  -13.798 16.184  1.00 38.92 ? 2576 ARG A C   1 
ATOM   667 O  O   . ARG A 1 136 ? -0.311  -14.501 17.217  1.00 38.34 ? 2576 ARG A O   1 
ATOM   668 C  CB  . ARG A 1 136 ? -1.003  -15.471 14.435  1.00 38.57 ? 2576 ARG A CB  1 
ATOM   669 C  CG  . ARG A 1 136 ? -2.441  -14.974 14.591  1.00 39.72 ? 2576 ARG A CG  1 
ATOM   670 C  CD  . ARG A 1 136 ? -3.451  -16.006 14.170  1.00 42.35 ? 2576 ARG A CD  1 
ATOM   671 N  NE  . ARG A 1 136 ? -3.665  -15.992 12.729  1.00 45.59 ? 2576 ARG A NE  1 
ATOM   672 C  CZ  . ARG A 1 136 ? -4.489  -15.152 12.088  1.00 45.76 ? 2576 ARG A CZ  1 
ATOM   673 N  NH1 . ARG A 1 136 ? -5.182  -14.223 12.753  1.00 46.96 ? 2576 ARG A NH1 1 
ATOM   674 N  NH2 . ARG A 1 136 ? -4.606  -15.232 10.772  1.00 43.49 ? 2576 ARG A NH2 1 
ATOM   675 N  N   . LEU A 1 137 ? -0.728  -12.518 16.186  1.00 39.14 ? 2577 LEU A N   1 
ATOM   676 C  CA  . LEU A 1 137 ? -0.992  -11.779 17.417  1.00 40.66 ? 2577 LEU A CA  1 
ATOM   677 C  C   . LEU A 1 137 ? -2.472  -11.662 17.668  1.00 41.88 ? 2577 LEU A C   1 
ATOM   678 O  O   . LEU A 1 137 ? -3.216  -11.247 16.794  1.00 42.12 ? 2577 LEU A O   1 
ATOM   679 C  CB  . LEU A 1 137 ? -0.355  -10.380 17.373  1.00 39.88 ? 2577 LEU A CB  1 
ATOM   680 C  CG  . LEU A 1 137 ? 1.146   -10.393 17.052  1.00 39.85 ? 2577 LEU A CG  1 
ATOM   681 C  CD1 . LEU A 1 137 ? 1.734   -8.992  16.917  1.00 39.53 ? 2577 LEU A CD1 1 
ATOM   682 C  CD2 . LEU A 1 137 ? 1.884   -11.139 18.106  1.00 39.27 ? 2577 LEU A CD2 1 
ATOM   683 N  N   . SER A 1 138 ? -2.891  -12.049 18.869  1.00 43.34 ? 2578 SER A N   1 
ATOM   684 C  CA  . SER A 1 138 ? -4.276  -11.914 19.293  1.00 44.72 ? 2578 SER A CA  1 
ATOM   685 C  C   . SER A 1 138 ? -4.313  -11.629 20.785  1.00 45.97 ? 2578 SER A C   1 
ATOM   686 O  O   . SER A 1 138 ? -3.314  -11.341 21.449  1.00 46.29 ? 2578 SER A O   1 
ATOM   687 C  CB  . SER A 1 138 ? -5.062  -13.189 18.965  1.00 45.52 ? 2578 SER A CB  1 
ATOM   688 O  OG  . SER A 1 138 ? -4.511  -14.324 19.622  1.00 48.26 ? 2578 SER A OG  1 
ATOM   689 O  OXT . SER A 1 138 ? -5.367  -11.678 21.398  1.00 48.49 ? 2578 SER A OXT 1 
HETATM 690 NI NI  . NI  B 2 .   ? -3.161  9.479   0.778   1.00 36.15 ? 101  NI  A NI  1 
HETATM 691 N  N1  . IMD C 3 .   ? -4.506  8.234   0.190   1.00 34.99 ? 201  IMD A N1  1 
HETATM 692 C  C2  . IMD C 3 .   ? -5.633  8.834   -0.244  1.00 37.88 ? 201  IMD A C2  1 
HETATM 693 N  N3  . IMD C 3 .   ? -6.531  7.878   -0.481  1.00 40.23 ? 201  IMD A N3  1 
HETATM 694 C  C4  . IMD C 3 .   ? -5.989  6.681   -0.201  1.00 38.41 ? 201  IMD A C4  1 
HETATM 695 C  C5  . IMD C 3 .   ? -4.701  6.913   0.216   1.00 37.86 ? 201  IMD A C5  1 
HETATM 696 N  N1  . IMD D 3 .   ? -4.478  12.662  3.059   1.00 39.23 ? 301  IMD A N1  1 
HETATM 697 C  C2  . IMD D 3 .   ? -3.602  11.677  2.862   1.00 40.04 ? 301  IMD A C2  1 
HETATM 698 N  N3  . IMD D 3 .   ? -3.854  11.155  1.649   1.00 40.37 ? 301  IMD A N3  1 
HETATM 699 C  C4  . IMD D 3 .   ? -4.863  11.817  1.055   1.00 39.09 ? 301  IMD A C4  1 
HETATM 700 C  C5  . IMD D 3 .   ? -5.264  12.768  1.960   1.00 40.17 ? 301  IMD A C5  1 
HETATM 701 C  C1  . GOL E 4 .   ? -8.004  0.315   7.837   1.00 69.47 ? 401  GOL A C1  1 
HETATM 702 O  O1  . GOL E 4 .   ? -8.109  1.725   7.831   1.00 67.70 ? 401  GOL A O1  1 
HETATM 703 C  C2  . GOL E 4 .   ? -8.888  -0.316  6.771   1.00 69.68 ? 401  GOL A C2  1 
HETATM 704 O  O2  . GOL E 4 .   ? -8.252  -1.454  6.209   1.00 70.43 ? 401  GOL A O2  1 
HETATM 705 C  C3  . GOL E 4 .   ? -10.240 -0.701  7.373   1.00 69.04 ? 401  GOL A C3  1 
HETATM 706 O  O3  . GOL E 4 .   ? -11.241 0.114   6.817   1.00 67.86 ? 401  GOL A O3  1 
HETATM 707 C  C1  . GOL F 4 .   ? -9.013  -12.383 12.128  1.00 70.98 ? 501  GOL A C1  1 
HETATM 708 O  O1  . GOL F 4 .   ? -8.064  -13.414 12.258  1.00 71.51 ? 501  GOL A O1  1 
HETATM 709 C  C2  . GOL F 4 .   ? -8.433  -11.284 11.246  1.00 70.03 ? 501  GOL A C2  1 
HETATM 710 O  O2  . GOL F 4 .   ? -8.975  -11.387 9.951   1.00 69.43 ? 501  GOL A O2  1 
HETATM 711 C  C3  . GOL F 4 .   ? -8.727  -9.894  11.817  1.00 69.31 ? 501  GOL A C3  1 
HETATM 712 O  O3  . GOL F 4 .   ? -7.543  -9.164  12.048  1.00 67.44 ? 501  GOL A O3  1 
HETATM 713 O  O   . HOH G 5 .   ? 1.844   -4.158  -13.578 1.00 59.57 ? 1    HOH A O   1 
HETATM 714 O  O   . HOH G 5 .   ? 6.084   -4.792  9.559   1.00 33.12 ? 2    HOH A O   1 
HETATM 715 O  O   . HOH G 5 .   ? 4.277   -6.056  -7.890  1.00 49.64 ? 3    HOH A O   1 
HETATM 716 O  O   . HOH G 5 .   ? 9.249   4.407   3.155   1.00 63.45 ? 4    HOH A O   1 
HETATM 717 O  O   . HOH G 5 .   ? -7.714  -2.364  3.238   1.00 38.49 ? 5    HOH A O   1 
HETATM 718 O  O   . HOH G 5 .   ? -0.803  12.666  -16.022 1.00 40.63 ? 6    HOH A O   1 
HETATM 719 O  O   . HOH G 5 .   ? 1.535   7.207   7.225   1.00 31.55 ? 7    HOH A O   1 
HETATM 720 O  O   . HOH G 5 .   ? -1.491  -16.343 9.332   1.00 59.54 ? 8    HOH A O   1 
HETATM 721 O  O   . HOH G 5 .   ? 3.257   10.918  -10.419 1.00 41.74 ? 9    HOH A O   1 
HETATM 722 O  O   . HOH G 5 .   ? 1.561   3.311   -12.526 1.00 46.26 ? 10   HOH A O   1 
HETATM 723 O  O   . HOH G 5 .   ? 9.836   -12.888 12.301  1.00 57.57 ? 11   HOH A O   1 
HETATM 724 O  O   . HOH G 5 .   ? -10.532 -5.880  -1.270  1.00 69.35 ? 12   HOH A O   1 
HETATM 725 O  O   . HOH G 5 .   ? 1.803   17.895  1.968   1.00 58.02 ? 13   HOH A O   1 
HETATM 726 O  O   . HOH G 5 .   ? -6.198  -5.656  -1.540  1.00 42.78 ? 14   HOH A O   1 
HETATM 727 O  O   . HOH G 5 .   ? -7.116  -0.351  -4.256  1.00 40.34 ? 15   HOH A O   1 
HETATM 728 O  O   . HOH G 5 .   ? 0.881   -17.554 -2.588  1.00 69.81 ? 16   HOH A O   1 
HETATM 729 O  O   . HOH G 5 .   ? 1.062   -7.871  -9.719  1.00 55.93 ? 17   HOH A O   1 
HETATM 730 O  O   . HOH G 5 .   ? 5.625   -7.513  17.495  1.00 41.70 ? 18   HOH A O   1 
HETATM 731 O  O   . HOH G 5 .   ? 6.087   -6.257  -3.954  1.00 48.43 ? 19   HOH A O   1 
HETATM 732 O  O   . HOH G 5 .   ? -9.807  5.079   -7.450  1.00 54.59 ? 20   HOH A O   1 
HETATM 733 O  O   . HOH G 5 .   ? -9.761  -4.402  2.311   1.00 63.53 ? 21   HOH A O   1 
HETATM 734 O  O   . HOH G 5 .   ? -0.397  16.005  -12.562 1.00 36.15 ? 22   HOH A O   1 
HETATM 735 O  O   . HOH G 5 .   ? 6.243   -0.345  14.689  1.00 42.04 ? 23   HOH A O   1 
HETATM 736 O  O   . HOH G 5 .   ? 8.355   0.263   11.889  1.00 44.86 ? 24   HOH A O   1 
HETATM 737 O  O   . HOH G 5 .   ? -7.657  -8.487  5.481   1.00 46.29 ? 25   HOH A O   1 
HETATM 738 O  O   . HOH G 5 .   ? 10.874  -0.023  -3.313  1.00 70.62 ? 26   HOH A O   1 
HETATM 739 O  O   . HOH G 5 .   ? 1.477   -3.580  17.455  1.00 59.13 ? 27   HOH A O   1 
HETATM 740 O  O   . HOH G 5 .   ? 4.643   -7.448  -5.648  1.00 50.70 ? 28   HOH A O   1 
HETATM 741 O  O   . HOH G 5 .   ? 8.175   10.383  -4.060  1.00 55.65 ? 29   HOH A O   1 
HETATM 742 O  O   . HOH G 5 .   ? -6.198  -2.670  -13.929 1.00 52.76 ? 30   HOH A O   1 
HETATM 743 O  O   . HOH G 5 .   ? -8.899  -2.379  -4.265  1.00 54.91 ? 31   HOH A O   1 
HETATM 744 O  O   . HOH G 5 .   ? -10.388 6.426   -2.798  1.00 53.50 ? 32   HOH A O   1 
HETATM 745 O  O   . HOH G 5 .   ? -9.367  -5.518  -8.928  1.00 67.96 ? 33   HOH A O   1 
HETATM 746 O  O   . HOH G 5 .   ? -4.886  -12.010 14.756  1.00 60.73 ? 34   HOH A O   1 
HETATM 747 O  O   . HOH G 5 .   ? -4.624  18.124  -12.338 1.00 52.46 ? 35   HOH A O   1 
HETATM 748 O  O   . HOH G 5 .   ? 5.933   9.126   -10.307 1.00 63.96 ? 36   HOH A O   1 
HETATM 749 O  O   . HOH G 5 .   ? -3.157  9.369   8.544   1.00 50.97 ? 37   HOH A O   1 
HETATM 750 O  O   . HOH G 5 .   ? -0.816  -16.172 3.499   1.00 47.41 ? 38   HOH A O   1 
HETATM 751 O  O   . HOH G 5 .   ? 8.672   -3.608  6.198   1.00 53.58 ? 39   HOH A O   1 
HETATM 752 O  O   . HOH G 5 .   ? 6.486   -10.128 15.624  1.00 59.36 ? 40   HOH A O   1 
HETATM 753 O  O   . HOH G 5 .   ? 5.316   5.074   8.833   1.00 41.92 ? 41   HOH A O   1 
HETATM 754 O  O   . HOH G 5 .   ? 6.865   1.758   -9.082  1.00 67.67 ? 42   HOH A O   1 
HETATM 755 O  O   . HOH G 5 .   ? 4.675   3.976   -13.686 1.00 62.73 ? 43   HOH A O   1 
HETATM 756 O  O   . HOH G 5 .   ? -8.270  3.701   -0.368  1.00 43.16 ? 44   HOH A O   1 
HETATM 757 O  O   . HOH G 5 .   ? 1.759   12.602  -4.323  1.00 62.49 ? 45   HOH A O   1 
HETATM 758 O  O   . HOH G 5 .   ? 8.798   10.026  5.004   1.00 63.31 ? 46   HOH A O   1 
HETATM 759 O  O   . HOH G 5 .   ? -0.342  11.263  -18.342 1.00 43.89 ? 47   HOH A O   1 
HETATM 760 O  O   . HOH G 5 .   ? -2.703  -5.876  -12.220 1.00 59.69 ? 48   HOH A O   1 
HETATM 761 O  O   . HOH G 5 .   ? 8.575   -0.555  6.399   1.00 54.97 ? 49   HOH A O   1 
HETATM 762 O  O   . HOH G 5 .   ? -2.181  2.283   -16.970 1.00 70.31 ? 50   HOH A O   1 
HETATM 763 O  O   . HOH G 5 .   ? -6.693  -7.485  -3.573  1.00 64.39 ? 51   HOH A O   1 
HETATM 764 O  O   . HOH G 5 .   ? 9.012   -2.600  9.084   1.00 56.64 ? 52   HOH A O   1 
HETATM 765 O  O   . HOH G 5 .   ? -6.717  14.988  -14.280 1.00 57.83 ? 53   HOH A O   1 
HETATM 766 O  O   . HOH G 5 .   ? 7.860   -3.978  -4.990  1.00 60.23 ? 54   HOH A O   1 
HETATM 767 O  O   . HOH G 5 .   ? -5.538  17.302  -14.713 1.00 44.09 ? 55   HOH A O   1 
HETATM 768 O  O   . HOH G 5 .   ? -0.677  4.946   -18.923 1.00 60.10 ? 56   HOH A O   1 
# 
